data_2LBF
#
_entry.id   2LBF
#
loop_
_entity.id
_entity.type
_entity.pdbx_description
1 polymer '60S acidic ribosomal protein P1'
2 polymer '60S acidic ribosomal protein P2'
#
loop_
_entity_poly.entity_id
_entity_poly.type
_entity_poly.pdbx_seq_one_letter_code
_entity_poly.pdbx_strand_id
1 'polypeptide(L)' MASVSELACIYSALILHDDEVTVTEDKINALIKAAGVNVEPFWPGLFAKALANVNIGSLICNVGAGGPA A
2 'polypeptide(L)' AMRYVASYLLAALGGNSSPSAKDIKKILDSVGIEADDDRLNKVISELNGKNIEDVIAQGIGKLASVPAGG B
#
# COMPACT_ATOMS: atom_id res chain seq x y z
N MET A 1 4.33 15.41 -2.56
CA MET A 1 3.36 14.29 -2.71
C MET A 1 3.71 13.50 -3.96
N ALA A 2 2.98 12.43 -4.19
CA ALA A 2 3.16 11.65 -5.40
C ALA A 2 1.90 11.72 -6.24
N SER A 3 1.81 10.87 -7.24
CA SER A 3 0.55 10.63 -7.89
C SER A 3 -0.13 9.50 -7.15
N VAL A 4 -1.35 9.76 -6.71
CA VAL A 4 -2.14 8.79 -5.97
C VAL A 4 -2.24 7.45 -6.72
N SER A 5 -2.05 7.48 -8.03
CA SER A 5 -2.01 6.25 -8.82
C SER A 5 -0.76 5.47 -8.46
N GLU A 6 0.38 6.14 -8.57
CA GLU A 6 1.66 5.55 -8.24
C GLU A 6 1.64 5.05 -6.80
N LEU A 7 1.25 5.93 -5.90
CA LEU A 7 1.13 5.64 -4.49
C LEU A 7 0.15 4.48 -4.23
N ALA A 8 -0.91 4.40 -5.02
CA ALA A 8 -1.88 3.31 -4.88
C ALA A 8 -1.27 1.98 -5.25
N CYS A 9 -0.46 1.98 -6.29
CA CYS A 9 0.20 0.78 -6.74
C CYS A 9 1.17 0.35 -5.66
N ILE A 10 1.83 1.37 -5.11
CA ILE A 10 2.69 1.20 -3.96
C ILE A 10 1.98 0.39 -2.89
N TYR A 11 0.82 0.88 -2.46
CA TYR A 11 0.11 0.28 -1.34
C TYR A 11 -0.37 -1.12 -1.67
N SER A 12 -0.88 -1.32 -2.89
CA SER A 12 -1.29 -2.64 -3.32
C SER A 12 -0.14 -3.63 -3.12
N ALA A 13 1.06 -3.18 -3.50
CA ALA A 13 2.26 -3.97 -3.31
C ALA A 13 2.57 -4.13 -1.83
N LEU A 14 2.22 -3.10 -1.07
CA LEU A 14 2.43 -3.10 0.35
C LEU A 14 1.63 -4.22 1.01
N ILE A 15 0.31 -4.22 0.81
CA ILE A 15 -0.55 -5.28 1.36
C ILE A 15 -0.03 -6.64 0.90
N LEU A 16 0.36 -6.73 -0.37
CA LEU A 16 0.94 -7.94 -0.90
C LEU A 16 2.16 -8.37 -0.10
N HIS A 17 2.96 -7.40 0.34
CA HIS A 17 4.16 -7.68 1.15
C HIS A 17 3.83 -7.99 2.60
N ASP A 18 2.59 -7.79 3.01
CA ASP A 18 2.25 -8.03 4.40
C ASP A 18 2.08 -9.51 4.65
N ASP A 19 1.66 -10.22 3.61
CA ASP A 19 1.59 -11.67 3.66
C ASP A 19 2.72 -12.25 2.81
N GLU A 20 3.38 -11.34 2.10
CA GLU A 20 4.43 -11.67 1.15
C GLU A 20 3.94 -12.71 0.17
N VAL A 21 2.78 -12.44 -0.39
CA VAL A 21 2.12 -13.36 -1.26
C VAL A 21 2.39 -12.95 -2.70
N THR A 22 2.04 -13.83 -3.62
CA THR A 22 2.43 -13.71 -5.02
C THR A 22 2.09 -12.36 -5.62
N VAL A 23 3.01 -11.89 -6.43
CA VAL A 23 2.91 -10.56 -7.00
C VAL A 23 2.64 -10.65 -8.49
N THR A 24 1.42 -10.34 -8.87
CA THR A 24 1.02 -10.36 -10.26
C THR A 24 0.30 -9.07 -10.60
N GLU A 25 0.31 -8.71 -11.87
CA GLU A 25 -0.37 -7.51 -12.33
C GLU A 25 -1.83 -7.55 -11.88
N ASP A 26 -2.45 -8.72 -12.06
CA ASP A 26 -3.84 -8.92 -11.69
C ASP A 26 -4.04 -8.87 -10.18
N LYS A 27 -2.99 -9.18 -9.42
CA LYS A 27 -3.05 -9.15 -7.97
C LYS A 27 -3.14 -7.68 -7.53
N ILE A 28 -2.20 -6.90 -8.05
CA ILE A 28 -2.15 -5.47 -7.78
C ILE A 28 -3.43 -4.80 -8.27
N ASN A 29 -3.88 -5.22 -9.45
CA ASN A 29 -5.12 -4.72 -10.03
C ASN A 29 -6.29 -5.03 -9.11
N ALA A 30 -6.27 -6.20 -8.51
CA ALA A 30 -7.30 -6.59 -7.56
C ALA A 30 -7.34 -5.64 -6.36
N LEU A 31 -6.16 -5.30 -5.82
CA LEU A 31 -6.08 -4.29 -4.75
C LEU A 31 -6.64 -2.95 -5.26
N ILE A 32 -6.16 -2.54 -6.42
CA ILE A 32 -6.59 -1.31 -7.09
C ILE A 32 -8.11 -1.20 -7.11
N LYS A 33 -8.75 -2.24 -7.60
CA LYS A 33 -10.20 -2.26 -7.73
C LYS A 33 -10.90 -2.37 -6.39
N ALA A 34 -10.27 -3.09 -5.45
CA ALA A 34 -10.84 -3.29 -4.13
C ALA A 34 -10.98 -1.96 -3.40
N ALA A 35 -9.95 -1.14 -3.46
CA ALA A 35 -9.98 0.16 -2.82
C ALA A 35 -10.70 1.18 -3.70
N GLY A 36 -10.62 0.99 -5.00
CA GLY A 36 -11.25 1.89 -5.94
C GLY A 36 -10.27 2.95 -6.43
N VAL A 37 -8.98 2.69 -6.23
CA VAL A 37 -7.97 3.66 -6.55
C VAL A 37 -7.05 3.14 -7.65
N ASN A 38 -7.05 3.87 -8.77
CA ASN A 38 -6.47 3.40 -10.01
C ASN A 38 -5.06 3.92 -10.18
N VAL A 39 -4.31 3.23 -11.02
CA VAL A 39 -2.90 3.48 -11.18
C VAL A 39 -2.56 3.67 -12.65
N GLU A 40 -1.39 4.23 -12.91
CA GLU A 40 -0.81 4.24 -14.23
C GLU A 40 -0.37 2.81 -14.55
N PRO A 41 -1.12 2.12 -15.43
CA PRO A 41 -1.03 0.65 -15.59
C PRO A 41 0.38 0.08 -15.80
N PHE A 42 1.28 0.88 -16.36
CA PHE A 42 2.66 0.44 -16.54
C PHE A 42 3.28 0.15 -15.18
N TRP A 43 2.79 0.83 -14.16
CA TRP A 43 3.23 0.59 -12.79
C TRP A 43 2.84 -0.81 -12.34
N PRO A 44 1.55 -1.20 -12.31
CA PRO A 44 1.16 -2.57 -11.99
C PRO A 44 2.02 -3.59 -12.75
N GLY A 45 2.26 -3.33 -14.03
CA GLY A 45 3.13 -4.19 -14.81
C GLY A 45 4.54 -4.25 -14.23
N LEU A 46 5.20 -3.10 -14.18
CA LEU A 46 6.59 -2.99 -13.73
C LEU A 46 6.73 -3.39 -12.24
N PHE A 47 5.70 -3.14 -11.46
CA PHE A 47 5.65 -3.53 -10.07
C PHE A 47 5.67 -5.04 -9.95
N ALA A 48 4.82 -5.71 -10.74
CA ALA A 48 4.74 -7.16 -10.70
C ALA A 48 6.06 -7.75 -11.19
N LYS A 49 6.69 -7.01 -12.11
CA LYS A 49 8.01 -7.33 -12.59
C LYS A 49 9.05 -7.34 -11.46
N ALA A 50 9.12 -6.24 -10.72
CA ALA A 50 10.20 -6.02 -9.78
C ALA A 50 9.95 -6.62 -8.39
N LEU A 51 8.74 -6.46 -7.87
CA LEU A 51 8.44 -6.77 -6.47
C LEU A 51 8.56 -8.26 -6.12
N ALA A 52 8.76 -9.09 -7.14
CA ALA A 52 8.96 -10.52 -6.92
C ALA A 52 10.42 -10.79 -6.51
N ASN A 53 11.22 -9.73 -6.48
CA ASN A 53 12.63 -9.84 -6.12
C ASN A 53 13.09 -8.64 -5.30
N VAL A 54 12.66 -7.44 -5.70
CA VAL A 54 13.06 -6.23 -5.01
C VAL A 54 12.20 -5.99 -3.78
N ASN A 55 12.48 -4.91 -3.09
CA ASN A 55 11.71 -4.53 -1.93
C ASN A 55 10.91 -3.26 -2.18
N ILE A 56 9.83 -3.12 -1.43
CA ILE A 56 8.94 -1.97 -1.50
C ILE A 56 9.69 -0.67 -1.20
N GLY A 57 10.82 -0.79 -0.52
CA GLY A 57 11.62 0.37 -0.23
C GLY A 57 12.28 0.92 -1.48
N SER A 58 12.28 0.12 -2.54
CA SER A 58 12.85 0.55 -3.80
C SER A 58 11.90 1.52 -4.50
N LEU A 59 10.62 1.42 -4.13
CA LEU A 59 9.58 2.25 -4.71
C LEU A 59 9.79 3.71 -4.38
N ILE A 60 10.47 3.94 -3.27
CA ILE A 60 10.80 5.27 -2.81
C ILE A 60 11.80 5.93 -3.75
N CYS A 61 12.48 5.10 -4.51
CA CYS A 61 13.45 5.56 -5.49
C CYS A 61 12.84 5.60 -6.87
N ASN A 62 12.00 4.62 -7.15
CA ASN A 62 11.36 4.44 -8.45
C ASN A 62 12.27 4.84 -9.62
N VAL A 63 13.39 4.15 -9.68
CA VAL A 63 14.44 4.32 -10.70
C VAL A 63 14.60 5.78 -11.16
N GLY A 64 14.58 6.70 -10.21
CA GLY A 64 14.76 8.10 -10.52
C GLY A 64 15.16 8.91 -9.30
N ALA A 65 14.34 8.81 -8.25
CA ALA A 65 14.57 9.51 -7.00
C ALA A 65 14.80 11.01 -7.22
N GLY A 66 13.89 11.63 -7.95
CA GLY A 66 14.00 13.04 -8.23
C GLY A 66 13.16 13.87 -7.29
N GLY A 67 13.57 15.11 -7.06
CA GLY A 67 12.82 16.00 -6.22
C GLY A 67 12.27 17.18 -7.01
N PRO A 68 13.11 18.19 -7.26
CA PRO A 68 12.75 19.32 -8.12
C PRO A 68 12.92 18.96 -9.59
N ALA A 69 12.83 19.97 -10.45
CA ALA A 69 13.02 19.74 -11.87
C ALA A 69 14.26 20.49 -12.36
N ALA B 1 4.59 -6.85 6.39
CA ALA B 1 5.54 -6.75 7.51
C ALA B 1 5.36 -5.44 8.28
N MET B 2 4.34 -4.67 7.90
CA MET B 2 4.07 -3.38 8.52
C MET B 2 2.60 -3.28 8.89
N ARG B 3 1.86 -4.33 8.52
CA ARG B 3 0.45 -4.49 8.87
C ARG B 3 -0.46 -3.65 7.98
N TYR B 4 -1.69 -3.47 8.46
CA TYR B 4 -2.80 -3.01 7.65
C TYR B 4 -2.73 -1.52 7.30
N VAL B 5 -1.61 -0.89 7.66
CA VAL B 5 -1.38 0.52 7.34
C VAL B 5 -1.63 0.76 5.86
N ALA B 6 -1.02 -0.08 5.05
CA ALA B 6 -1.04 0.08 3.62
C ALA B 6 -2.45 -0.05 3.05
N SER B 7 -3.21 -0.99 3.59
CA SER B 7 -4.58 -1.19 3.18
C SER B 7 -5.38 0.07 3.45
N TYR B 8 -5.06 0.68 4.60
CA TYR B 8 -5.68 1.90 5.04
C TYR B 8 -5.40 3.00 4.03
N LEU B 9 -4.13 3.11 3.67
CA LEU B 9 -3.70 4.11 2.71
C LEU B 9 -4.43 3.95 1.38
N LEU B 10 -4.52 2.70 0.89
CA LEU B 10 -5.21 2.40 -0.36
C LEU B 10 -6.64 2.93 -0.32
N ALA B 11 -7.37 2.50 0.70
CA ALA B 11 -8.76 2.88 0.85
C ALA B 11 -8.90 4.40 0.88
N ALA B 12 -7.99 5.04 1.58
CA ALA B 12 -8.02 6.49 1.72
C ALA B 12 -7.57 7.19 0.47
N LEU B 13 -6.82 6.49 -0.36
CA LEU B 13 -6.29 7.07 -1.57
C LEU B 13 -7.36 7.14 -2.64
N GLY B 14 -8.19 6.10 -2.72
CA GLY B 14 -9.16 6.07 -3.80
C GLY B 14 -10.54 5.57 -3.43
N GLY B 15 -10.98 5.81 -2.20
CA GLY B 15 -12.32 5.40 -1.84
C GLY B 15 -12.86 6.15 -0.65
N ASN B 16 -12.04 6.26 0.39
CA ASN B 16 -12.48 6.81 1.65
C ASN B 16 -11.27 7.30 2.43
N SER B 17 -11.17 8.61 2.59
CA SER B 17 -9.96 9.24 3.12
C SER B 17 -9.91 9.15 4.64
N SER B 18 -10.53 8.12 5.13
CA SER B 18 -10.58 7.78 6.54
C SER B 18 -11.14 6.37 6.67
N PRO B 19 -10.31 5.42 6.23
CA PRO B 19 -10.65 3.99 6.10
C PRO B 19 -10.90 3.34 7.44
N SER B 20 -11.66 2.27 7.45
CA SER B 20 -11.90 1.55 8.68
C SER B 20 -11.57 0.08 8.54
N ALA B 21 -11.83 -0.67 9.58
CA ALA B 21 -11.37 -2.05 9.68
C ALA B 21 -11.99 -2.88 8.58
N LYS B 22 -13.23 -2.54 8.31
CA LYS B 22 -14.02 -3.16 7.28
C LYS B 22 -13.48 -2.83 5.90
N ASP B 23 -12.93 -1.63 5.75
CA ASP B 23 -12.35 -1.22 4.48
C ASP B 23 -11.06 -1.99 4.26
N ILE B 24 -10.33 -2.21 5.36
CA ILE B 24 -9.11 -2.99 5.32
C ILE B 24 -9.42 -4.42 4.91
N LYS B 25 -10.44 -5.01 5.55
CA LYS B 25 -10.83 -6.38 5.27
C LYS B 25 -11.17 -6.49 3.80
N LYS B 26 -11.94 -5.53 3.31
CA LYS B 26 -12.23 -5.40 1.94
C LYS B 26 -11.00 -5.52 1.05
N ILE B 27 -10.09 -4.58 1.21
CA ILE B 27 -8.91 -4.51 0.37
C ILE B 27 -8.11 -5.81 0.40
N LEU B 28 -7.88 -6.36 1.59
CA LEU B 28 -7.08 -7.57 1.70
C LEU B 28 -7.88 -8.81 1.33
N ASP B 29 -9.20 -8.74 1.46
CA ASP B 29 -10.07 -9.88 1.13
C ASP B 29 -10.03 -10.13 -0.35
N SER B 30 -9.94 -9.05 -1.13
CA SER B 30 -9.91 -9.16 -2.58
C SER B 30 -8.73 -10.02 -3.09
N VAL B 31 -7.62 -10.02 -2.35
CA VAL B 31 -6.46 -10.85 -2.71
C VAL B 31 -6.29 -12.03 -1.77
N GLY B 32 -7.25 -12.21 -0.87
CA GLY B 32 -7.25 -13.36 0.01
C GLY B 32 -6.22 -13.28 1.13
N ILE B 33 -5.91 -12.06 1.57
CA ILE B 33 -4.99 -11.86 2.68
C ILE B 33 -5.75 -11.84 4.00
N GLU B 34 -5.30 -12.64 4.96
CA GLU B 34 -6.03 -12.78 6.22
C GLU B 34 -5.74 -11.62 7.15
N ALA B 35 -6.75 -11.25 7.93
CA ALA B 35 -6.64 -10.10 8.80
C ALA B 35 -7.41 -10.31 10.10
N ASP B 36 -6.87 -9.80 11.19
CA ASP B 36 -7.58 -9.82 12.45
C ASP B 36 -8.35 -8.51 12.64
N ASP B 37 -9.61 -8.64 13.02
CA ASP B 37 -10.56 -7.54 12.98
C ASP B 37 -10.26 -6.51 14.05
N ASP B 38 -9.38 -6.85 14.97
CA ASP B 38 -8.95 -5.89 15.94
C ASP B 38 -7.64 -5.27 15.53
N ARG B 39 -6.82 -6.04 14.82
CA ARG B 39 -5.48 -5.58 14.46
C ARG B 39 -5.59 -4.42 13.51
N LEU B 40 -6.48 -4.55 12.55
CA LEU B 40 -6.67 -3.49 11.58
C LEU B 40 -7.46 -2.34 12.17
N ASN B 41 -8.43 -2.63 13.01
CA ASN B 41 -9.19 -1.57 13.67
C ASN B 41 -8.25 -0.76 14.55
N LYS B 42 -7.18 -1.42 14.97
CA LYS B 42 -6.14 -0.81 15.78
C LYS B 42 -5.23 0.07 14.93
N VAL B 43 -4.76 -0.46 13.80
CA VAL B 43 -3.89 0.31 12.91
C VAL B 43 -4.62 1.57 12.47
N ILE B 44 -5.87 1.41 12.08
CA ILE B 44 -6.76 2.50 11.76
C ILE B 44 -6.95 3.45 12.90
N SER B 45 -7.17 2.89 14.07
CA SER B 45 -7.29 3.67 15.29
C SER B 45 -6.10 4.62 15.44
N GLU B 46 -4.91 4.14 15.09
CA GLU B 46 -3.69 4.96 15.09
C GLU B 46 -3.70 5.93 13.92
N LEU B 47 -3.94 5.37 12.74
CA LEU B 47 -3.92 6.08 11.46
C LEU B 47 -4.95 7.22 11.39
N ASN B 48 -6.07 7.01 12.06
CA ASN B 48 -7.21 7.92 11.96
C ASN B 48 -6.83 9.35 12.30
N GLY B 49 -6.97 10.23 11.31
CA GLY B 49 -6.62 11.63 11.50
C GLY B 49 -5.25 11.96 10.95
N LYS B 50 -4.88 11.33 9.84
CA LYS B 50 -3.61 11.61 9.19
C LYS B 50 -3.82 11.87 7.70
N ASN B 51 -2.82 12.44 7.07
CA ASN B 51 -2.89 12.77 5.66
C ASN B 51 -2.12 11.74 4.87
N ILE B 52 -2.84 10.69 4.48
CA ILE B 52 -2.28 9.51 3.83
C ILE B 52 -1.08 9.82 2.93
N GLU B 53 -1.32 10.51 1.81
CA GLU B 53 -0.26 10.84 0.88
C GLU B 53 0.97 11.39 1.58
N ASP B 54 0.82 12.45 2.34
CA ASP B 54 1.97 13.06 3.02
C ASP B 54 2.68 12.05 3.92
N VAL B 55 1.92 11.16 4.55
CA VAL B 55 2.49 10.12 5.39
C VAL B 55 3.46 9.28 4.59
N ILE B 56 2.98 8.76 3.47
CA ILE B 56 3.75 7.81 2.67
C ILE B 56 4.64 8.52 1.66
N ALA B 57 4.32 9.76 1.36
CA ALA B 57 5.11 10.55 0.41
C ALA B 57 6.57 10.64 0.84
N GLN B 58 6.81 10.32 2.11
CA GLN B 58 8.16 10.15 2.64
C GLN B 58 8.25 8.85 3.42
N GLY B 59 7.41 7.89 3.05
CA GLY B 59 7.28 6.67 3.83
C GLY B 59 6.66 5.50 3.05
N ILE B 60 7.13 5.27 1.82
CA ILE B 60 6.75 4.08 1.03
C ILE B 60 7.18 2.80 1.77
N GLY B 61 8.01 2.97 2.79
CA GLY B 61 8.52 1.86 3.55
C GLY B 61 8.42 2.16 5.03
N LYS B 62 8.50 1.13 5.85
CA LYS B 62 8.30 1.25 7.29
C LYS B 62 6.99 1.95 7.64
N LEU B 63 5.99 1.81 6.77
CA LEU B 63 4.64 2.34 7.01
C LEU B 63 4.19 2.21 8.46
N ALA B 64 3.97 3.35 9.09
CA ALA B 64 3.52 3.47 10.49
C ALA B 64 4.30 2.58 11.47
N SER B 65 3.97 1.31 11.50
CA SER B 65 4.60 0.36 12.40
C SER B 65 5.83 -0.26 11.76
N VAL B 66 7.00 0.12 12.26
CA VAL B 66 8.25 -0.41 11.74
C VAL B 66 8.50 -1.80 12.33
N PRO B 67 8.71 -2.78 11.43
CA PRO B 67 8.98 -4.17 11.70
C PRO B 67 9.43 -4.49 13.12
N ALA B 68 8.62 -5.25 13.82
CA ALA B 68 8.88 -5.57 15.21
C ALA B 68 9.83 -6.74 15.33
N GLY B 69 11.00 -6.50 15.88
CA GLY B 69 12.01 -7.54 16.01
C GLY B 69 12.19 -7.97 17.45
N GLY B 70 11.65 -9.12 17.79
CA GLY B 70 11.79 -9.64 19.13
C GLY B 70 10.52 -9.55 19.93
N MET A 1 5.38 15.04 -3.50
CA MET A 1 4.39 13.97 -3.24
C MET A 1 4.12 13.16 -4.51
N ALA A 2 3.94 11.86 -4.33
CA ALA A 2 3.68 10.96 -5.44
C ALA A 2 2.24 11.08 -5.91
N SER A 3 1.99 10.67 -7.14
CA SER A 3 0.63 10.57 -7.64
C SER A 3 -0.05 9.40 -6.95
N VAL A 4 -1.27 9.64 -6.52
CA VAL A 4 -2.05 8.66 -5.79
C VAL A 4 -2.17 7.33 -6.54
N SER A 5 -2.02 7.36 -7.86
CA SER A 5 -2.03 6.12 -8.63
C SER A 5 -0.74 5.35 -8.37
N GLU A 6 0.37 6.08 -8.47
CA GLU A 6 1.67 5.49 -8.23
C GLU A 6 1.74 4.98 -6.80
N LEU A 7 1.35 5.85 -5.87
CA LEU A 7 1.30 5.53 -4.47
C LEU A 7 0.33 4.37 -4.19
N ALA A 8 -0.76 4.28 -4.95
CA ALA A 8 -1.73 3.18 -4.77
C ALA A 8 -1.12 1.86 -5.19
N CYS A 9 -0.32 1.89 -6.23
CA CYS A 9 0.34 0.68 -6.71
C CYS A 9 1.35 0.25 -5.66
N ILE A 10 2.01 1.26 -5.10
CA ILE A 10 2.86 1.08 -3.94
C ILE A 10 2.11 0.27 -2.88
N TYR A 11 0.94 0.77 -2.50
CA TYR A 11 0.18 0.18 -1.41
C TYR A 11 -0.32 -1.20 -1.76
N SER A 12 -0.77 -1.41 -3.00
CA SER A 12 -1.21 -2.73 -3.42
C SER A 12 -0.08 -3.73 -3.21
N ALA A 13 1.14 -3.29 -3.53
CA ALA A 13 2.34 -4.07 -3.27
C ALA A 13 2.56 -4.22 -1.77
N LEU A 14 2.18 -3.20 -1.03
CA LEU A 14 2.33 -3.19 0.42
C LEU A 14 1.44 -4.26 1.07
N ILE A 15 0.14 -4.28 0.71
CA ILE A 15 -0.76 -5.31 1.25
C ILE A 15 -0.32 -6.69 0.79
N LEU A 16 0.06 -6.79 -0.47
CA LEU A 16 0.63 -8.02 -1.01
C LEU A 16 1.85 -8.44 -0.18
N HIS A 17 2.62 -7.44 0.22
CA HIS A 17 3.81 -7.64 1.04
C HIS A 17 3.45 -7.87 2.52
N ASP A 18 2.18 -7.71 2.87
CA ASP A 18 1.73 -8.00 4.23
C ASP A 18 1.83 -9.50 4.49
N ASP A 19 1.24 -10.28 3.60
CA ASP A 19 1.29 -11.73 3.71
C ASP A 19 2.47 -12.25 2.90
N GLU A 20 3.03 -11.32 2.12
CA GLU A 20 4.10 -11.62 1.18
C GLU A 20 3.66 -12.72 0.24
N VAL A 21 2.51 -12.48 -0.37
CA VAL A 21 1.90 -13.42 -1.25
C VAL A 21 2.20 -13.01 -2.68
N THR A 22 2.08 -13.97 -3.58
CA THR A 22 2.48 -13.83 -4.97
C THR A 22 2.12 -12.51 -5.59
N VAL A 23 3.10 -11.91 -6.23
CA VAL A 23 2.95 -10.61 -6.82
C VAL A 23 2.65 -10.72 -8.31
N THR A 24 1.43 -10.40 -8.67
CA THR A 24 1.01 -10.46 -10.06
C THR A 24 0.28 -9.18 -10.43
N GLU A 25 0.26 -8.89 -11.72
CA GLU A 25 -0.45 -7.74 -12.23
C GLU A 25 -1.90 -7.75 -11.75
N ASP A 26 -2.53 -8.91 -11.84
CA ASP A 26 -3.92 -9.07 -11.42
C ASP A 26 -4.04 -8.94 -9.89
N LYS A 27 -2.97 -9.22 -9.15
CA LYS A 27 -2.98 -8.99 -7.70
C LYS A 27 -3.18 -7.51 -7.47
N ILE A 28 -2.28 -6.74 -8.07
CA ILE A 28 -2.28 -5.29 -7.96
C ILE A 28 -3.62 -4.71 -8.39
N ASN A 29 -4.15 -5.23 -9.49
CA ASN A 29 -5.44 -4.76 -10.02
C ASN A 29 -6.57 -5.09 -9.05
N ALA A 30 -6.45 -6.22 -8.34
CA ALA A 30 -7.42 -6.59 -7.33
C ALA A 30 -7.44 -5.56 -6.21
N LEU A 31 -6.25 -5.23 -5.69
CA LEU A 31 -6.15 -4.18 -4.67
C LEU A 31 -6.70 -2.86 -5.19
N ILE A 32 -6.28 -2.50 -6.39
CA ILE A 32 -6.72 -1.28 -7.08
C ILE A 32 -8.24 -1.16 -7.04
N LYS A 33 -8.91 -2.24 -7.42
CA LYS A 33 -10.34 -2.27 -7.52
C LYS A 33 -10.99 -2.28 -6.15
N ALA A 34 -10.45 -3.05 -5.22
CA ALA A 34 -11.02 -3.16 -3.89
C ALA A 34 -11.04 -1.82 -3.17
N ALA A 35 -9.97 -1.05 -3.34
CA ALA A 35 -9.89 0.27 -2.73
C ALA A 35 -10.67 1.29 -3.54
N GLY A 36 -10.65 1.12 -4.85
CA GLY A 36 -11.35 2.04 -5.73
C GLY A 36 -10.41 3.07 -6.31
N VAL A 37 -9.12 2.80 -6.26
CA VAL A 37 -8.11 3.74 -6.71
C VAL A 37 -7.28 3.13 -7.83
N ASN A 38 -7.35 3.79 -8.97
CA ASN A 38 -6.79 3.25 -10.20
C ASN A 38 -5.42 3.83 -10.46
N VAL A 39 -4.60 3.05 -11.13
CA VAL A 39 -3.20 3.34 -11.27
C VAL A 39 -2.82 3.47 -12.74
N GLU A 40 -1.67 4.07 -13.00
CA GLU A 40 -1.09 4.07 -14.32
C GLU A 40 -0.60 2.65 -14.61
N PRO A 41 -1.31 1.92 -15.47
CA PRO A 41 -1.17 0.46 -15.60
C PRO A 41 0.26 -0.06 -15.80
N PHE A 42 1.14 0.77 -16.35
CA PHE A 42 2.53 0.36 -16.52
C PHE A 42 3.15 0.09 -15.16
N TRP A 43 2.64 0.76 -14.14
CA TRP A 43 3.08 0.52 -12.77
C TRP A 43 2.75 -0.89 -12.33
N PRO A 44 1.47 -1.33 -12.31
CA PRO A 44 1.13 -2.73 -12.02
C PRO A 44 2.03 -3.70 -12.78
N GLY A 45 2.26 -3.41 -14.07
CA GLY A 45 3.16 -4.24 -14.86
C GLY A 45 4.58 -4.26 -14.29
N LEU A 46 5.18 -3.09 -14.20
CA LEU A 46 6.57 -2.95 -13.74
C LEU A 46 6.73 -3.32 -12.26
N PHE A 47 5.67 -3.17 -11.49
CA PHE A 47 5.67 -3.56 -10.09
C PHE A 47 5.73 -5.08 -9.97
N ALA A 48 4.91 -5.76 -10.74
CA ALA A 48 4.93 -7.22 -10.72
C ALA A 48 6.26 -7.71 -11.27
N LYS A 49 6.81 -6.95 -12.19
CA LYS A 49 8.16 -7.14 -12.70
C LYS A 49 9.21 -7.02 -11.57
N ALA A 50 9.18 -5.90 -10.89
CA ALA A 50 10.22 -5.54 -9.94
C ALA A 50 10.12 -6.30 -8.62
N LEU A 51 8.90 -6.48 -8.10
CA LEU A 51 8.69 -7.06 -6.77
C LEU A 51 8.94 -8.58 -6.78
N ALA A 52 10.02 -8.97 -7.41
CA ALA A 52 10.51 -10.34 -7.39
C ALA A 52 12.00 -10.33 -7.14
N ASN A 53 12.65 -9.22 -7.49
CA ASN A 53 14.08 -9.06 -7.29
C ASN A 53 14.37 -7.84 -6.40
N VAL A 54 13.46 -6.88 -6.39
CA VAL A 54 13.59 -5.74 -5.48
C VAL A 54 12.72 -5.93 -4.25
N ASN A 55 12.59 -4.89 -3.45
CA ASN A 55 11.70 -4.94 -2.30
C ASN A 55 10.78 -3.72 -2.28
N ILE A 56 9.94 -3.62 -1.27
CA ILE A 56 9.01 -2.50 -1.15
C ILE A 56 9.77 -1.19 -0.88
N GLY A 57 10.92 -1.28 -0.23
CA GLY A 57 11.73 -0.11 0.02
C GLY A 57 12.38 0.38 -1.25
N SER A 58 12.29 -0.44 -2.28
CA SER A 58 12.86 -0.15 -3.58
C SER A 58 11.90 0.74 -4.36
N LEU A 59 10.65 0.72 -3.92
CA LEU A 59 9.60 1.53 -4.53
C LEU A 59 9.91 3.01 -4.33
N ILE A 60 10.55 3.30 -3.21
CA ILE A 60 10.97 4.65 -2.87
C ILE A 60 11.99 5.17 -3.90
N CYS A 61 12.55 4.24 -4.66
CA CYS A 61 13.55 4.54 -5.66
C CYS A 61 12.90 4.67 -7.04
N ASN A 62 11.58 4.84 -7.08
CA ASN A 62 10.86 4.91 -8.34
C ASN A 62 11.39 6.03 -9.22
N VAL A 63 12.02 7.03 -8.61
CA VAL A 63 12.60 8.16 -9.32
C VAL A 63 13.97 7.80 -9.91
N GLY A 64 14.11 6.55 -10.29
CA GLY A 64 15.36 6.08 -10.84
C GLY A 64 15.29 4.61 -11.20
N ALA A 65 15.19 3.76 -10.18
CA ALA A 65 15.13 2.30 -10.35
C ALA A 65 16.31 1.78 -11.17
N GLY A 66 17.43 2.48 -11.07
CA GLY A 66 18.60 2.15 -11.85
C GLY A 66 19.26 3.40 -12.39
N GLY A 67 18.94 3.76 -13.61
CA GLY A 67 19.50 4.96 -14.21
C GLY A 67 19.17 5.07 -15.68
N PRO A 68 18.41 6.09 -16.08
CA PRO A 68 18.03 6.30 -17.49
C PRO A 68 19.26 6.52 -18.37
N ALA A 69 19.57 5.53 -19.19
CA ALA A 69 20.71 5.60 -20.09
C ALA A 69 20.49 4.68 -21.28
N ALA B 1 6.72 -0.86 12.27
CA ALA B 1 5.75 -1.95 11.99
C ALA B 1 4.83 -1.55 10.84
N MET B 2 4.78 -2.38 9.81
CA MET B 2 3.90 -2.16 8.67
C MET B 2 3.06 -3.39 8.39
N ARG B 3 1.74 -3.17 8.30
CA ARG B 3 0.81 -4.22 7.89
C ARG B 3 -0.42 -3.60 7.24
N TYR B 4 -1.44 -3.35 8.05
CA TYR B 4 -2.72 -2.87 7.54
C TYR B 4 -2.67 -1.37 7.25
N VAL B 5 -1.57 -0.74 7.69
CA VAL B 5 -1.29 0.66 7.36
C VAL B 5 -1.57 0.89 5.88
N ALA B 6 -1.02 -0.01 5.08
CA ALA B 6 -1.06 0.09 3.64
C ALA B 6 -2.48 0.02 3.10
N SER B 7 -3.27 -0.90 3.65
CA SER B 7 -4.64 -1.10 3.22
C SER B 7 -5.44 0.17 3.50
N TYR B 8 -5.13 0.79 4.62
CA TYR B 8 -5.75 2.03 5.05
C TYR B 8 -5.42 3.11 4.04
N LEU B 9 -4.14 3.17 3.71
CA LEU B 9 -3.67 4.10 2.71
C LEU B 9 -4.38 3.89 1.38
N LEU B 10 -4.48 2.63 0.97
CA LEU B 10 -5.14 2.28 -0.27
C LEU B 10 -6.55 2.82 -0.29
N ALA B 11 -7.28 2.62 0.79
CA ALA B 11 -8.67 3.04 0.84
C ALA B 11 -8.79 4.56 0.82
N ALA B 12 -7.86 5.23 1.49
CA ALA B 12 -7.82 6.68 1.54
C ALA B 12 -7.42 7.26 0.20
N LEU B 13 -6.79 6.42 -0.60
CA LEU B 13 -6.48 6.74 -1.98
C LEU B 13 -7.67 6.42 -2.86
N GLY B 14 -8.31 5.31 -2.55
CA GLY B 14 -9.45 4.84 -3.32
C GLY B 14 -10.58 5.82 -3.30
N GLY B 15 -11.01 6.20 -2.10
CA GLY B 15 -12.10 7.14 -2.00
C GLY B 15 -12.52 7.43 -0.57
N ASN B 16 -11.81 6.89 0.42
CA ASN B 16 -12.17 7.14 1.81
C ASN B 16 -10.95 7.64 2.52
N SER B 17 -10.84 8.95 2.69
CA SER B 17 -9.65 9.52 3.28
C SER B 17 -9.67 9.31 4.80
N SER B 18 -10.37 8.25 5.18
CA SER B 18 -10.53 7.83 6.55
C SER B 18 -11.16 6.45 6.57
N PRO B 19 -10.34 5.49 6.15
CA PRO B 19 -10.71 4.08 5.99
C PRO B 19 -10.99 3.42 7.33
N SER B 20 -11.73 2.33 7.33
CA SER B 20 -11.97 1.60 8.54
C SER B 20 -11.50 0.15 8.42
N ALA B 21 -11.68 -0.63 9.47
CA ALA B 21 -11.15 -1.97 9.54
C ALA B 21 -11.83 -2.83 8.50
N LYS B 22 -13.10 -2.54 8.34
CA LYS B 22 -13.93 -3.18 7.36
C LYS B 22 -13.43 -2.86 5.96
N ASP B 23 -12.91 -1.65 5.78
CA ASP B 23 -12.32 -1.25 4.50
C ASP B 23 -11.01 -2.00 4.31
N ILE B 24 -10.28 -2.17 5.40
CA ILE B 24 -9.03 -2.91 5.36
C ILE B 24 -9.29 -4.35 4.95
N LYS B 25 -10.26 -4.97 5.62
CA LYS B 25 -10.60 -6.35 5.37
C LYS B 25 -11.01 -6.49 3.92
N LYS B 26 -11.80 -5.55 3.45
CA LYS B 26 -12.18 -5.48 2.08
C LYS B 26 -10.97 -5.54 1.15
N ILE B 27 -10.07 -4.57 1.32
CA ILE B 27 -8.90 -4.45 0.45
C ILE B 27 -8.07 -5.73 0.44
N LEU B 28 -7.79 -6.29 1.61
CA LEU B 28 -6.94 -7.48 1.69
C LEU B 28 -7.73 -8.75 1.38
N ASP B 29 -9.05 -8.71 1.49
CA ASP B 29 -9.88 -9.87 1.21
C ASP B 29 -9.95 -10.10 -0.29
N SER B 30 -9.87 -9.01 -1.06
CA SER B 30 -9.86 -9.12 -2.52
C SER B 30 -8.76 -10.08 -3.01
N VAL B 31 -7.62 -10.07 -2.33
CA VAL B 31 -6.50 -10.95 -2.67
C VAL B 31 -6.39 -12.11 -1.69
N GLY B 32 -7.35 -12.21 -0.78
CA GLY B 32 -7.38 -13.30 0.17
C GLY B 32 -6.24 -13.26 1.17
N ILE B 33 -6.03 -12.10 1.78
CA ILE B 33 -4.99 -11.96 2.79
C ILE B 33 -5.59 -11.99 4.19
N GLU B 34 -5.02 -12.83 5.03
CA GLU B 34 -5.51 -13.03 6.40
C GLU B 34 -5.27 -11.78 7.23
N ALA B 35 -6.27 -11.42 8.01
CA ALA B 35 -6.21 -10.22 8.82
C ALA B 35 -7.08 -10.33 10.06
N ASP B 36 -6.63 -9.78 11.17
CA ASP B 36 -7.45 -9.73 12.37
C ASP B 36 -8.23 -8.43 12.43
N ASP B 37 -9.54 -8.56 12.66
CA ASP B 37 -10.47 -7.44 12.54
C ASP B 37 -10.28 -6.45 13.68
N ASP B 38 -9.43 -6.79 14.61
CA ASP B 38 -9.11 -5.88 15.67
C ASP B 38 -7.78 -5.20 15.39
N ARG B 39 -6.86 -5.93 14.79
CA ARG B 39 -5.52 -5.41 14.53
C ARG B 39 -5.62 -4.23 13.59
N LEU B 40 -6.40 -4.44 12.54
CA LEU B 40 -6.55 -3.39 11.55
C LEU B 40 -7.43 -2.26 12.06
N ASN B 41 -8.43 -2.57 12.86
CA ASN B 41 -9.29 -1.53 13.43
C ASN B 41 -8.46 -0.66 14.35
N LYS B 42 -7.43 -1.29 14.90
CA LYS B 42 -6.48 -0.60 15.74
C LYS B 42 -5.69 0.37 14.88
N VAL B 43 -5.05 -0.16 13.83
CA VAL B 43 -4.28 0.68 12.91
C VAL B 43 -5.16 1.78 12.32
N ILE B 44 -6.45 1.47 12.14
CA ILE B 44 -7.44 2.46 11.77
C ILE B 44 -7.39 3.65 12.71
N SER B 45 -7.76 3.39 13.96
CA SER B 45 -7.79 4.43 14.98
C SER B 45 -6.42 5.09 15.15
N GLU B 46 -5.35 4.37 14.81
CA GLU B 46 -4.01 4.90 14.89
C GLU B 46 -3.76 5.91 13.78
N LEU B 47 -4.14 5.56 12.56
CA LEU B 47 -3.90 6.41 11.39
C LEU B 47 -4.96 7.49 11.27
N ASN B 48 -6.08 7.29 11.95
CA ASN B 48 -7.22 8.20 11.86
C ASN B 48 -6.82 9.63 12.21
N GLY B 49 -6.86 10.49 11.21
CA GLY B 49 -6.50 11.89 11.39
C GLY B 49 -5.20 12.25 10.68
N LYS B 50 -4.68 11.35 9.88
CA LYS B 50 -3.44 11.58 9.15
C LYS B 50 -3.72 11.88 7.68
N ASN B 51 -2.70 12.35 6.98
CA ASN B 51 -2.76 12.62 5.56
C ASN B 51 -2.03 11.51 4.83
N ILE B 52 -2.77 10.49 4.47
CA ILE B 52 -2.22 9.22 3.98
C ILE B 52 -1.06 9.42 2.99
N GLU B 53 -1.33 10.04 1.86
CA GLU B 53 -0.33 10.18 0.81
C GLU B 53 0.93 10.88 1.31
N ASP B 54 0.75 11.80 2.23
CA ASP B 54 1.89 12.53 2.79
C ASP B 54 2.61 11.68 3.83
N VAL B 55 1.85 10.85 4.55
CA VAL B 55 2.43 9.87 5.46
C VAL B 55 3.43 9.00 4.68
N ILE B 56 2.98 8.56 3.51
CA ILE B 56 3.79 7.71 2.65
C ILE B 56 4.28 8.51 1.44
N ALA B 57 4.55 9.78 1.64
CA ALA B 57 5.28 10.53 0.64
C ALA B 57 6.72 10.65 1.11
N GLN B 58 6.96 10.00 2.25
CA GLN B 58 8.29 9.86 2.83
C GLN B 58 8.46 8.45 3.39
N GLY B 59 7.42 7.63 3.27
CA GLY B 59 7.38 6.37 3.99
C GLY B 59 6.83 5.20 3.21
N ILE B 60 7.27 5.04 1.96
CA ILE B 60 6.90 3.86 1.15
C ILE B 60 7.42 2.58 1.83
N GLY B 61 8.32 2.77 2.77
CA GLY B 61 8.87 1.68 3.52
C GLY B 61 8.79 1.99 5.00
N LYS B 62 8.54 0.97 5.80
CA LYS B 62 8.19 1.16 7.20
C LYS B 62 7.01 2.13 7.34
N LEU B 63 6.03 1.98 6.46
CA LEU B 63 4.75 2.70 6.54
C LEU B 63 4.34 3.07 7.96
N ALA B 64 4.13 4.35 8.17
CA ALA B 64 3.77 4.92 9.47
C ALA B 64 4.81 4.68 10.55
N SER B 65 4.98 3.44 10.95
CA SER B 65 5.85 3.10 12.05
C SER B 65 7.16 2.50 11.57
N VAL B 66 8.25 3.02 12.12
CA VAL B 66 9.58 2.55 11.81
C VAL B 66 10.19 1.92 13.06
N PRO B 67 10.79 0.71 12.90
CA PRO B 67 11.36 -0.12 13.94
C PRO B 67 11.55 0.53 15.32
N ALA B 68 10.85 -0.01 16.29
CA ALA B 68 10.89 0.48 17.66
C ALA B 68 11.10 -0.67 18.62
N GLY B 69 12.26 -1.28 18.54
CA GLY B 69 12.56 -2.45 19.35
C GLY B 69 12.86 -3.66 18.50
N GLY B 70 13.85 -3.53 17.63
CA GLY B 70 14.23 -4.61 16.75
C GLY B 70 15.71 -4.64 16.48
N MET A 1 4.44 15.96 -3.93
CA MET A 1 3.79 15.04 -2.97
C MET A 1 3.89 13.61 -3.46
N ALA A 2 2.98 13.25 -4.36
CA ALA A 2 2.93 11.91 -4.97
C ALA A 2 1.72 11.83 -5.87
N SER A 3 1.83 11.04 -6.92
CA SER A 3 0.67 10.68 -7.68
C SER A 3 0.00 9.52 -7.00
N VAL A 4 -1.24 9.74 -6.59
CA VAL A 4 -2.03 8.74 -5.91
C VAL A 4 -2.08 7.42 -6.69
N SER A 5 -1.97 7.47 -8.01
CA SER A 5 -1.92 6.25 -8.79
C SER A 5 -0.61 5.51 -8.50
N GLU A 6 0.48 6.25 -8.47
CA GLU A 6 1.78 5.66 -8.25
C GLU A 6 1.82 5.13 -6.82
N LEU A 7 1.43 5.99 -5.90
CA LEU A 7 1.31 5.66 -4.50
C LEU A 7 0.34 4.49 -4.27
N ALA A 8 -0.71 4.40 -5.07
CA ALA A 8 -1.68 3.31 -4.94
C ALA A 8 -1.07 1.99 -5.35
N CYS A 9 -0.23 2.03 -6.36
CA CYS A 9 0.44 0.84 -6.82
C CYS A 9 1.40 0.41 -5.73
N ILE A 10 2.06 1.41 -5.16
CA ILE A 10 2.89 1.23 -3.99
C ILE A 10 2.14 0.45 -2.93
N TYR A 11 0.96 0.94 -2.55
CA TYR A 11 0.20 0.36 -1.45
C TYR A 11 -0.29 -1.03 -1.79
N SER A 12 -0.75 -1.23 -3.02
CA SER A 12 -1.16 -2.56 -3.45
C SER A 12 -0.02 -3.55 -3.23
N ALA A 13 1.19 -3.09 -3.55
CA ALA A 13 2.39 -3.87 -3.32
C ALA A 13 2.66 -3.99 -1.82
N LEU A 14 2.22 -2.98 -1.07
CA LEU A 14 2.39 -2.95 0.37
C LEU A 14 1.56 -4.05 1.02
N ILE A 15 0.25 -4.05 0.75
CA ILE A 15 -0.63 -5.11 1.29
C ILE A 15 -0.10 -6.46 0.87
N LEU A 16 0.28 -6.56 -0.40
CA LEU A 16 0.86 -7.78 -0.94
C LEU A 16 2.10 -8.19 -0.14
N HIS A 17 2.93 -7.20 0.15
CA HIS A 17 4.15 -7.40 0.92
C HIS A 17 3.85 -7.55 2.43
N ASP A 18 2.63 -7.23 2.84
CA ASP A 18 2.24 -7.36 4.24
C ASP A 18 2.16 -8.84 4.62
N ASP A 19 1.59 -9.63 3.71
CA ASP A 19 1.50 -11.08 3.91
C ASP A 19 2.60 -11.76 3.10
N GLU A 20 3.28 -10.93 2.32
CA GLU A 20 4.31 -11.37 1.39
C GLU A 20 3.77 -12.48 0.50
N VAL A 21 2.69 -12.16 -0.17
CA VAL A 21 2.01 -13.06 -1.04
C VAL A 21 2.30 -12.65 -2.49
N THR A 22 2.11 -13.60 -3.38
CA THR A 22 2.54 -13.48 -4.78
C THR A 22 2.10 -12.20 -5.46
N VAL A 23 3.02 -11.66 -6.23
CA VAL A 23 2.82 -10.41 -6.91
C VAL A 23 2.53 -10.63 -8.39
N THR A 24 1.31 -10.33 -8.80
CA THR A 24 0.93 -10.40 -10.20
C THR A 24 0.13 -9.17 -10.57
N GLU A 25 0.07 -8.84 -11.85
CA GLU A 25 -0.63 -7.64 -12.29
C GLU A 25 -2.09 -7.69 -11.83
N ASP A 26 -2.69 -8.87 -11.95
CA ASP A 26 -4.08 -9.08 -11.53
C ASP A 26 -4.23 -8.92 -10.03
N LYS A 27 -3.16 -9.25 -9.30
CA LYS A 27 -3.14 -9.15 -7.85
C LYS A 27 -3.24 -7.67 -7.48
N ILE A 28 -2.34 -6.90 -8.06
CA ILE A 28 -2.30 -5.46 -7.85
C ILE A 28 -3.61 -4.82 -8.31
N ASN A 29 -4.14 -5.30 -9.43
CA ASN A 29 -5.43 -4.82 -9.92
C ASN A 29 -6.54 -5.12 -8.91
N ALA A 30 -6.43 -6.26 -8.25
CA ALA A 30 -7.40 -6.63 -7.22
C ALA A 30 -7.38 -5.63 -6.08
N LEU A 31 -6.18 -5.26 -5.62
CA LEU A 31 -6.06 -4.20 -4.61
C LEU A 31 -6.67 -2.91 -5.13
N ILE A 32 -6.25 -2.53 -6.33
CA ILE A 32 -6.74 -1.34 -7.02
C ILE A 32 -8.26 -1.26 -7.01
N LYS A 33 -8.90 -2.35 -7.41
CA LYS A 33 -10.36 -2.39 -7.52
C LYS A 33 -11.03 -2.37 -6.16
N ALA A 34 -10.45 -3.09 -5.19
CA ALA A 34 -11.05 -3.18 -3.86
C ALA A 34 -11.07 -1.82 -3.17
N ALA A 35 -9.94 -1.12 -3.25
CA ALA A 35 -9.85 0.20 -2.66
C ALA A 35 -10.59 1.21 -3.50
N GLY A 36 -10.56 1.01 -4.81
CA GLY A 36 -11.23 1.89 -5.74
C GLY A 36 -10.28 2.92 -6.33
N VAL A 37 -8.99 2.64 -6.24
CA VAL A 37 -7.98 3.61 -6.64
C VAL A 37 -7.08 3.06 -7.73
N ASN A 38 -7.05 3.77 -8.84
CA ASN A 38 -6.44 3.28 -10.07
C ASN A 38 -5.04 3.85 -10.25
N VAL A 39 -4.26 3.14 -11.03
CA VAL A 39 -2.84 3.41 -11.16
C VAL A 39 -2.46 3.61 -12.63
N GLU A 40 -1.30 4.22 -12.84
CA GLU A 40 -0.70 4.29 -14.15
C GLU A 40 -0.28 2.88 -14.56
N PRO A 41 -1.03 2.25 -15.48
CA PRO A 41 -0.98 0.79 -15.71
C PRO A 41 0.44 0.20 -15.89
N PHE A 42 1.37 0.99 -16.43
CA PHE A 42 2.74 0.54 -16.59
C PHE A 42 3.33 0.18 -15.22
N TRP A 43 2.82 0.84 -14.18
CA TRP A 43 3.23 0.55 -12.82
C TRP A 43 2.82 -0.86 -12.41
N PRO A 44 1.51 -1.22 -12.42
CA PRO A 44 1.10 -2.60 -12.14
C PRO A 44 1.95 -3.62 -12.89
N GLY A 45 2.20 -3.35 -14.17
CA GLY A 45 3.09 -4.21 -14.95
C GLY A 45 4.50 -4.27 -14.36
N LEU A 46 5.15 -3.11 -14.29
CA LEU A 46 6.52 -3.00 -13.83
C LEU A 46 6.65 -3.36 -12.33
N PHE A 47 5.56 -3.28 -11.60
CA PHE A 47 5.54 -3.66 -10.20
C PHE A 47 5.55 -5.17 -10.07
N ALA A 48 4.73 -5.84 -10.88
CA ALA A 48 4.72 -7.29 -10.88
C ALA A 48 6.06 -7.80 -11.37
N LYS A 49 6.67 -7.01 -12.22
CA LYS A 49 8.03 -7.22 -12.69
C LYS A 49 9.05 -7.05 -11.54
N ALA A 50 9.03 -5.87 -10.94
CA ALA A 50 10.08 -5.45 -10.01
C ALA A 50 9.96 -6.11 -8.64
N LEU A 51 8.75 -6.28 -8.13
CA LEU A 51 8.57 -6.77 -6.77
C LEU A 51 8.98 -8.24 -6.64
N ALA A 52 9.34 -8.85 -7.76
CA ALA A 52 9.85 -10.21 -7.74
C ALA A 52 11.39 -10.19 -7.73
N ASN A 53 11.95 -9.01 -7.53
CA ASN A 53 13.39 -8.84 -7.52
C ASN A 53 13.81 -7.80 -6.48
N VAL A 54 13.13 -6.66 -6.50
CA VAL A 54 13.40 -5.57 -5.58
C VAL A 54 12.47 -5.66 -4.37
N ASN A 55 12.45 -4.62 -3.56
CA ASN A 55 11.58 -4.58 -2.40
C ASN A 55 10.65 -3.37 -2.46
N ILE A 56 9.87 -3.19 -1.42
CA ILE A 56 8.92 -2.07 -1.34
C ILE A 56 9.67 -0.77 -1.06
N GLY A 57 10.81 -0.87 -0.37
CA GLY A 57 11.62 0.30 -0.14
C GLY A 57 12.26 0.77 -1.43
N SER A 58 12.23 -0.11 -2.42
CA SER A 58 12.80 0.18 -3.72
C SER A 58 11.84 1.06 -4.52
N LEU A 59 10.59 1.06 -4.11
CA LEU A 59 9.55 1.85 -4.77
C LEU A 59 9.85 3.33 -4.64
N ILE A 60 10.50 3.67 -3.54
CA ILE A 60 10.94 5.03 -3.28
C ILE A 60 12.02 5.43 -4.28
N CYS A 61 12.74 4.43 -4.77
CA CYS A 61 13.79 4.63 -5.74
C CYS A 61 13.19 4.74 -7.13
N ASN A 62 12.27 3.81 -7.38
CA ASN A 62 11.44 3.74 -8.60
C ASN A 62 12.18 3.74 -9.94
N VAL A 63 13.46 4.07 -9.94
CA VAL A 63 14.24 4.08 -11.18
C VAL A 63 14.76 2.68 -11.53
N GLY A 64 13.95 1.68 -11.22
CA GLY A 64 14.28 0.30 -11.51
C GLY A 64 15.58 -0.13 -10.88
N ALA A 65 15.62 -0.12 -9.55
CA ALA A 65 16.83 -0.50 -8.82
C ALA A 65 16.90 -2.01 -8.65
N GLY A 66 16.80 -2.72 -9.76
CA GLY A 66 16.83 -4.17 -9.73
C GLY A 66 17.14 -4.74 -11.10
N GLY A 67 17.92 -4.03 -11.88
CA GLY A 67 18.27 -4.48 -13.20
C GLY A 67 19.24 -3.54 -13.89
N PRO A 68 20.52 -3.55 -13.48
CA PRO A 68 21.54 -2.69 -14.07
C PRO A 68 21.74 -2.95 -15.56
N ALA A 69 21.95 -4.21 -15.92
CA ALA A 69 22.13 -4.58 -17.31
C ALA A 69 20.89 -5.30 -17.83
N ALA B 1 7.46 -0.64 11.62
CA ALA B 1 6.39 -1.66 11.74
C ALA B 1 5.29 -1.41 10.72
N MET B 2 4.87 -2.44 10.01
CA MET B 2 3.82 -2.30 9.03
C MET B 2 2.84 -3.46 9.09
N ARG B 3 1.55 -3.13 9.15
CA ARG B 3 0.47 -4.09 8.94
C ARG B 3 -0.86 -3.37 8.84
N TYR B 4 -1.57 -3.63 7.75
CA TYR B 4 -2.91 -3.08 7.47
C TYR B 4 -2.86 -1.57 7.15
N VAL B 5 -1.82 -0.89 7.64
CA VAL B 5 -1.60 0.52 7.33
C VAL B 5 -1.77 0.77 5.85
N ALA B 6 -1.21 -0.12 5.06
CA ALA B 6 -1.20 0.04 3.62
C ALA B 6 -2.61 -0.07 3.02
N SER B 7 -3.39 -0.99 3.58
CA SER B 7 -4.79 -1.16 3.18
C SER B 7 -5.54 0.14 3.46
N TYR B 8 -5.18 0.74 4.58
CA TYR B 8 -5.75 1.99 5.03
C TYR B 8 -5.40 3.07 4.01
N LEU B 9 -4.14 3.13 3.67
CA LEU B 9 -3.65 4.09 2.69
C LEU B 9 -4.38 3.95 1.36
N LEU B 10 -4.47 2.74 0.84
CA LEU B 10 -5.15 2.46 -0.42
C LEU B 10 -6.58 3.00 -0.39
N ALA B 11 -7.32 2.56 0.63
CA ALA B 11 -8.71 2.95 0.77
C ALA B 11 -8.82 4.47 0.83
N ALA B 12 -7.88 5.10 1.52
CA ALA B 12 -7.89 6.55 1.67
C ALA B 12 -7.39 7.25 0.41
N LEU B 13 -6.69 6.52 -0.41
CA LEU B 13 -6.13 7.06 -1.63
C LEU B 13 -7.21 7.20 -2.68
N GLY B 14 -8.09 6.20 -2.76
CA GLY B 14 -9.10 6.25 -3.80
C GLY B 14 -10.44 5.67 -3.39
N GLY B 15 -10.92 6.02 -2.21
CA GLY B 15 -12.24 5.56 -1.83
C GLY B 15 -12.78 6.27 -0.62
N ASN B 16 -11.97 6.36 0.42
CA ASN B 16 -12.42 6.86 1.69
C ASN B 16 -11.22 7.39 2.47
N SER B 17 -11.20 8.68 2.70
CA SER B 17 -10.01 9.38 3.20
C SER B 17 -9.88 9.20 4.71
N SER B 18 -10.44 8.11 5.17
CA SER B 18 -10.42 7.72 6.56
C SER B 18 -11.02 6.32 6.66
N PRO B 19 -10.25 5.37 6.15
CA PRO B 19 -10.63 3.95 6.00
C PRO B 19 -10.89 3.29 7.34
N SER B 20 -11.65 2.22 7.32
CA SER B 20 -11.93 1.52 8.56
C SER B 20 -11.70 0.02 8.43
N ALA B 21 -12.03 -0.71 9.48
CA ALA B 21 -11.59 -2.08 9.63
C ALA B 21 -12.17 -2.93 8.52
N LYS B 22 -13.43 -2.64 8.24
CA LYS B 22 -14.16 -3.29 7.17
C LYS B 22 -13.52 -3.00 5.82
N ASP B 23 -13.01 -1.77 5.65
CA ASP B 23 -12.41 -1.39 4.38
C ASP B 23 -11.08 -2.13 4.21
N ILE B 24 -10.34 -2.24 5.30
CA ILE B 24 -9.12 -3.00 5.31
C ILE B 24 -9.41 -4.45 4.95
N LYS B 25 -10.48 -4.99 5.53
CA LYS B 25 -10.86 -6.36 5.30
C LYS B 25 -11.10 -6.58 3.82
N LYS B 26 -11.73 -5.61 3.17
CA LYS B 26 -11.86 -5.70 1.73
C LYS B 26 -10.51 -5.83 1.09
N ILE B 27 -9.70 -4.81 1.29
CA ILE B 27 -8.51 -4.66 0.52
C ILE B 27 -7.60 -5.90 0.66
N LEU B 28 -7.56 -6.48 1.85
CA LEU B 28 -6.76 -7.68 2.05
C LEU B 28 -7.49 -8.94 1.55
N ASP B 29 -8.79 -9.02 1.77
CA ASP B 29 -9.56 -10.20 1.34
C ASP B 29 -9.68 -10.25 -0.17
N SER B 30 -9.61 -9.08 -0.79
CA SER B 30 -9.77 -8.95 -2.24
C SER B 30 -8.71 -9.75 -2.97
N VAL B 31 -7.50 -9.83 -2.38
CA VAL B 31 -6.43 -10.65 -2.95
C VAL B 31 -6.33 -12.00 -2.24
N GLY B 32 -6.61 -12.00 -0.94
CA GLY B 32 -6.54 -13.23 -0.18
C GLY B 32 -5.58 -13.13 0.99
N ILE B 33 -5.64 -12.02 1.71
CA ILE B 33 -4.79 -11.80 2.87
C ILE B 33 -5.62 -11.80 4.15
N GLU B 34 -5.13 -12.47 5.18
CA GLU B 34 -5.90 -12.62 6.40
C GLU B 34 -5.65 -11.50 7.37
N ALA B 35 -6.63 -11.26 8.21
CA ALA B 35 -6.61 -10.12 9.10
C ALA B 35 -7.42 -10.36 10.36
N ASP B 36 -6.95 -9.80 11.47
CA ASP B 36 -7.73 -9.81 12.68
C ASP B 36 -8.52 -8.51 12.77
N ASP B 37 -9.81 -8.66 13.09
CA ASP B 37 -10.77 -7.56 13.02
C ASP B 37 -10.53 -6.55 14.11
N ASP B 38 -9.60 -6.85 15.00
CA ASP B 38 -9.21 -5.88 15.97
C ASP B 38 -7.91 -5.23 15.57
N ARG B 39 -7.08 -5.98 14.88
CA ARG B 39 -5.75 -5.49 14.50
C ARG B 39 -5.89 -4.35 13.55
N LEU B 40 -6.75 -4.51 12.57
CA LEU B 40 -6.97 -3.44 11.63
C LEU B 40 -7.79 -2.32 12.24
N ASN B 41 -8.71 -2.66 13.13
CA ASN B 41 -9.58 -1.64 13.71
C ASN B 41 -8.75 -0.74 14.61
N LYS B 42 -7.68 -1.31 15.14
CA LYS B 42 -6.81 -0.60 16.06
C LYS B 42 -5.76 0.19 15.29
N VAL B 43 -5.24 -0.37 14.20
CA VAL B 43 -4.29 0.36 13.37
C VAL B 43 -5.00 1.61 12.83
N ILE B 44 -6.21 1.42 12.37
CA ILE B 44 -7.10 2.50 11.98
C ILE B 44 -7.37 3.45 13.12
N SER B 45 -7.66 2.89 14.26
CA SER B 45 -7.88 3.69 15.45
C SER B 45 -6.71 4.66 15.68
N GLU B 46 -5.50 4.22 15.35
CA GLU B 46 -4.32 5.07 15.48
C GLU B 46 -4.11 5.94 14.23
N LEU B 47 -4.35 5.35 13.07
CA LEU B 47 -4.25 6.02 11.78
C LEU B 47 -5.24 7.18 11.66
N ASN B 48 -6.46 6.95 12.14
CA ASN B 48 -7.58 7.87 11.95
C ASN B 48 -7.18 9.30 12.24
N GLY B 49 -7.42 10.17 11.25
CA GLY B 49 -7.00 11.54 11.36
C GLY B 49 -5.57 11.73 10.88
N LYS B 50 -5.32 11.37 9.63
CA LYS B 50 -3.99 11.44 9.06
C LYS B 50 -4.09 11.87 7.61
N ASN B 51 -2.98 12.37 7.07
CA ASN B 51 -2.92 12.75 5.66
C ASN B 51 -2.12 11.71 4.91
N ILE B 52 -2.84 10.69 4.45
CA ILE B 52 -2.25 9.47 3.91
C ILE B 52 -1.04 9.72 3.00
N GLU B 53 -1.25 10.43 1.89
CA GLU B 53 -0.18 10.61 0.91
C GLU B 53 1.09 11.18 1.52
N ASP B 54 0.96 12.15 2.42
CA ASP B 54 2.13 12.77 3.02
C ASP B 54 2.77 11.85 4.05
N VAL B 55 1.94 11.02 4.69
CA VAL B 55 2.47 9.96 5.55
C VAL B 55 3.41 9.08 4.74
N ILE B 56 2.94 8.68 3.57
CA ILE B 56 3.72 7.81 2.69
C ILE B 56 4.20 8.57 1.47
N ALA B 57 4.70 9.76 1.68
CA ALA B 57 5.43 10.43 0.63
C ALA B 57 6.87 10.54 1.09
N GLN B 58 7.11 9.94 2.24
CA GLN B 58 8.44 9.84 2.83
C GLN B 58 8.64 8.46 3.43
N GLY B 59 7.58 7.64 3.42
CA GLY B 59 7.63 6.37 4.11
C GLY B 59 7.01 5.23 3.32
N ILE B 60 7.32 5.13 2.03
CA ILE B 60 6.87 4.02 1.18
C ILE B 60 7.33 2.67 1.75
N GLY B 61 8.45 2.68 2.47
CA GLY B 61 8.97 1.45 3.03
C GLY B 61 8.57 1.27 4.49
N LYS B 62 8.88 2.25 5.33
CA LYS B 62 8.60 2.17 6.75
C LYS B 62 7.11 2.13 7.09
N LEU B 63 6.29 2.84 6.31
CA LEU B 63 4.88 3.05 6.61
C LEU B 63 4.61 3.42 8.08
N ALA B 64 3.35 3.27 8.47
CA ALA B 64 2.87 3.57 9.83
C ALA B 64 3.27 4.96 10.31
N SER B 65 4.41 5.03 10.97
CA SER B 65 4.92 6.29 11.48
C SER B 65 6.44 6.33 11.37
N VAL B 66 6.94 7.20 10.50
CA VAL B 66 8.37 7.37 10.33
C VAL B 66 8.78 8.71 10.96
N PRO B 67 9.75 8.65 11.90
CA PRO B 67 10.28 9.75 12.65
C PRO B 67 10.01 11.13 12.09
N ALA B 68 9.17 11.87 12.79
CA ALA B 68 8.75 13.19 12.36
C ALA B 68 9.25 14.25 13.32
N GLY B 69 9.48 13.83 14.56
CA GLY B 69 10.05 14.72 15.56
C GLY B 69 11.24 14.08 16.24
N GLY B 70 11.11 12.79 16.53
CA GLY B 70 12.20 12.04 17.11
C GLY B 70 11.72 10.72 17.65
N MET A 1 7.10 13.76 -3.12
CA MET A 1 5.75 13.17 -3.07
C MET A 1 5.51 12.31 -4.30
N ALA A 2 4.39 11.61 -4.32
CA ALA A 2 4.05 10.70 -5.41
C ALA A 2 2.64 10.94 -5.90
N SER A 3 2.38 10.56 -7.15
CA SER A 3 1.02 10.53 -7.66
C SER A 3 0.27 9.43 -6.97
N VAL A 4 -0.97 9.73 -6.64
CA VAL A 4 -1.83 8.82 -5.91
C VAL A 4 -2.01 7.48 -6.64
N SER A 5 -1.81 7.50 -7.95
CA SER A 5 -1.83 6.28 -8.74
C SER A 5 -0.59 5.45 -8.41
N GLU A 6 0.56 6.10 -8.54
CA GLU A 6 1.83 5.47 -8.22
C GLU A 6 1.82 4.96 -6.78
N LEU A 7 1.37 5.82 -5.88
CA LEU A 7 1.26 5.50 -4.46
C LEU A 7 0.29 4.33 -4.23
N ALA A 8 -0.82 4.30 -4.97
CA ALA A 8 -1.79 3.20 -4.88
C ALA A 8 -1.14 1.88 -5.26
N CYS A 9 -0.27 1.93 -6.26
CA CYS A 9 0.41 0.74 -6.72
C CYS A 9 1.40 0.29 -5.65
N ILE A 10 2.09 1.29 -5.11
CA ILE A 10 2.95 1.12 -3.95
C ILE A 10 2.23 0.30 -2.90
N TYR A 11 1.06 0.79 -2.49
CA TYR A 11 0.29 0.19 -1.42
C TYR A 11 -0.14 -1.22 -1.78
N SER A 12 -0.56 -1.43 -3.02
CA SER A 12 -0.98 -2.75 -3.46
C SER A 12 0.16 -3.74 -3.20
N ALA A 13 1.37 -3.31 -3.51
CA ALA A 13 2.55 -4.10 -3.23
C ALA A 13 2.74 -4.25 -1.73
N LEU A 14 2.37 -3.19 -1.00
CA LEU A 14 2.47 -3.18 0.45
C LEU A 14 1.58 -4.26 1.06
N ILE A 15 0.29 -4.25 0.70
CA ILE A 15 -0.64 -5.26 1.20
C ILE A 15 -0.17 -6.64 0.81
N LEU A 16 0.38 -6.75 -0.39
CA LEU A 16 0.96 -7.99 -0.85
C LEU A 16 2.08 -8.44 0.10
N HIS A 17 2.80 -7.47 0.64
CA HIS A 17 3.85 -7.75 1.65
C HIS A 17 3.26 -8.10 3.02
N ASP A 18 1.98 -7.80 3.24
CA ASP A 18 1.34 -8.14 4.53
C ASP A 18 1.41 -9.63 4.76
N ASP A 19 1.06 -10.40 3.73
CA ASP A 19 1.13 -11.84 3.81
C ASP A 19 2.39 -12.33 3.10
N GLU A 20 2.99 -11.40 2.35
CA GLU A 20 4.16 -11.68 1.52
C GLU A 20 3.80 -12.68 0.44
N VAL A 21 2.65 -12.45 -0.16
CA VAL A 21 2.03 -13.41 -1.03
C VAL A 21 2.30 -13.06 -2.50
N THR A 22 1.82 -13.88 -3.39
CA THR A 22 2.07 -13.78 -4.83
C THR A 22 1.84 -12.40 -5.39
N VAL A 23 2.75 -12.02 -6.25
CA VAL A 23 2.71 -10.73 -6.89
C VAL A 23 2.38 -10.90 -8.36
N THR A 24 1.20 -10.49 -8.75
CA THR A 24 0.77 -10.55 -10.12
C THR A 24 0.06 -9.27 -10.52
N GLU A 25 0.02 -9.00 -11.82
CA GLU A 25 -0.66 -7.83 -12.32
C GLU A 25 -2.08 -7.78 -11.79
N ASP A 26 -2.77 -8.91 -11.88
CA ASP A 26 -4.14 -9.03 -11.42
C ASP A 26 -4.25 -8.87 -9.90
N LYS A 27 -3.18 -9.20 -9.19
CA LYS A 27 -3.16 -9.11 -7.74
C LYS A 27 -3.15 -7.65 -7.34
N ILE A 28 -2.18 -6.94 -7.88
CA ILE A 28 -2.03 -5.52 -7.64
C ILE A 28 -3.27 -4.76 -8.08
N ASN A 29 -3.80 -5.13 -9.24
CA ASN A 29 -5.01 -4.51 -9.77
C ASN A 29 -6.22 -4.88 -8.93
N ALA A 30 -6.17 -6.04 -8.27
CA ALA A 30 -7.22 -6.42 -7.34
C ALA A 30 -7.27 -5.44 -6.18
N LEU A 31 -6.11 -5.13 -5.59
CA LEU A 31 -6.05 -4.10 -4.54
C LEU A 31 -6.55 -2.77 -5.09
N ILE A 32 -5.99 -2.38 -6.23
CA ILE A 32 -6.33 -1.15 -6.94
C ILE A 32 -7.85 -0.99 -7.11
N LYS A 33 -8.50 -2.06 -7.57
CA LYS A 33 -9.90 -2.06 -7.87
C LYS A 33 -10.75 -2.10 -6.60
N ALA A 34 -10.38 -2.94 -5.65
CA ALA A 34 -11.14 -3.08 -4.41
C ALA A 34 -11.17 -1.78 -3.64
N ALA A 35 -10.06 -1.05 -3.65
CA ALA A 35 -10.00 0.24 -2.99
C ALA A 35 -10.65 1.33 -3.83
N GLY A 36 -10.47 1.23 -5.15
CA GLY A 36 -11.10 2.18 -6.06
C GLY A 36 -10.14 3.22 -6.58
N VAL A 37 -8.84 2.97 -6.42
CA VAL A 37 -7.84 3.93 -6.83
C VAL A 37 -6.95 3.33 -7.91
N ASN A 38 -6.99 3.97 -9.07
CA ASN A 38 -6.38 3.41 -10.25
C ASN A 38 -4.98 3.95 -10.46
N VAL A 39 -4.21 3.22 -11.23
CA VAL A 39 -2.79 3.44 -11.36
C VAL A 39 -2.38 3.51 -12.82
N GLU A 40 -1.18 4.01 -13.10
CA GLU A 40 -0.61 3.87 -14.43
C GLU A 40 -0.35 2.42 -14.65
N PRO A 41 -1.09 1.83 -15.57
CA PRO A 41 -1.15 0.38 -15.74
C PRO A 41 0.22 -0.28 -15.94
N PHE A 42 1.16 0.47 -16.52
CA PHE A 42 2.52 -0.01 -16.67
C PHE A 42 3.12 -0.27 -15.28
N TRP A 43 2.67 0.48 -14.28
CA TRP A 43 3.11 0.28 -12.91
C TRP A 43 2.72 -1.12 -12.41
N PRO A 44 1.41 -1.49 -12.37
CA PRO A 44 1.02 -2.85 -12.01
C PRO A 44 1.82 -3.90 -12.77
N GLY A 45 2.02 -3.68 -14.07
CA GLY A 45 2.84 -4.59 -14.85
C GLY A 45 4.27 -4.69 -14.34
N LEU A 46 4.94 -3.55 -14.31
CA LEU A 46 6.35 -3.45 -13.91
C LEU A 46 6.55 -3.76 -12.42
N PHE A 47 5.51 -3.54 -11.63
CA PHE A 47 5.54 -3.88 -10.22
C PHE A 47 5.48 -5.38 -10.05
N ALA A 48 4.59 -6.03 -10.78
CA ALA A 48 4.46 -7.47 -10.73
C ALA A 48 5.76 -8.11 -11.21
N LYS A 49 6.38 -7.43 -12.16
CA LYS A 49 7.70 -7.76 -12.64
C LYS A 49 8.76 -7.65 -11.54
N ALA A 50 8.93 -6.43 -11.05
CA ALA A 50 10.06 -6.09 -10.18
C ALA A 50 9.92 -6.61 -8.75
N LEU A 51 8.71 -6.72 -8.23
CA LEU A 51 8.50 -7.09 -6.83
C LEU A 51 8.83 -8.56 -6.56
N ALA A 52 9.38 -9.24 -7.54
CA ALA A 52 9.90 -10.59 -7.33
C ALA A 52 11.42 -10.55 -7.20
N ASN A 53 11.95 -9.34 -7.20
CA ASN A 53 13.39 -9.13 -7.12
C ASN A 53 13.70 -7.95 -6.19
N VAL A 54 13.06 -6.82 -6.45
CA VAL A 54 13.27 -5.63 -5.65
C VAL A 54 12.41 -5.68 -4.40
N ASN A 55 12.59 -4.71 -3.54
CA ASN A 55 11.80 -4.59 -2.33
C ASN A 55 10.91 -3.36 -2.39
N ILE A 56 9.92 -3.28 -1.51
CA ILE A 56 9.01 -2.14 -1.46
C ILE A 56 9.77 -0.85 -1.12
N GLY A 57 10.91 -0.99 -0.46
CA GLY A 57 11.73 0.16 -0.16
C GLY A 57 12.39 0.72 -1.41
N SER A 58 12.37 -0.07 -2.48
CA SER A 58 12.96 0.33 -3.73
C SER A 58 12.01 1.29 -4.45
N LEU A 59 10.74 1.23 -4.05
CA LEU A 59 9.72 2.09 -4.61
C LEU A 59 10.00 3.55 -4.30
N ILE A 60 10.65 3.75 -3.17
CA ILE A 60 11.02 5.06 -2.69
C ILE A 60 12.06 5.69 -3.63
N CYS A 61 12.67 4.86 -4.45
CA CYS A 61 13.70 5.30 -5.37
C CYS A 61 13.12 5.59 -6.75
N ASN A 62 11.82 5.30 -6.92
CA ASN A 62 11.19 5.46 -8.22
C ASN A 62 11.14 6.92 -8.65
N VAL A 63 11.31 7.82 -7.68
CA VAL A 63 11.43 9.23 -7.96
C VAL A 63 12.88 9.55 -8.34
N GLY A 64 13.30 8.92 -9.41
CA GLY A 64 14.67 9.07 -9.89
C GLY A 64 15.10 7.86 -10.68
N ALA A 65 14.75 6.68 -10.19
CA ALA A 65 15.06 5.42 -10.86
C ALA A 65 13.86 4.97 -11.68
N GLY A 66 13.51 5.76 -12.67
CA GLY A 66 12.41 5.44 -13.54
C GLY A 66 12.10 6.55 -14.51
N GLY A 67 13.15 7.14 -15.08
CA GLY A 67 12.97 8.22 -16.02
C GLY A 67 13.46 7.87 -17.41
N PRO A 68 14.68 8.28 -17.77
CA PRO A 68 15.26 8.05 -19.11
C PRO A 68 15.64 6.58 -19.33
N ALA A 69 14.64 5.76 -19.60
CA ALA A 69 14.87 4.36 -19.92
C ALA A 69 14.37 4.07 -21.33
N ALA B 1 5.44 0.83 11.74
CA ALA B 1 4.60 -0.39 11.82
C ALA B 1 3.84 -0.57 10.52
N MET B 2 4.15 -1.62 9.77
CA MET B 2 3.51 -1.84 8.49
C MET B 2 2.75 -3.16 8.45
N ARG B 3 1.51 -3.08 8.00
CA ARG B 3 0.69 -4.26 7.72
C ARG B 3 -0.61 -3.82 7.04
N TYR B 4 -1.63 -3.56 7.84
CA TYR B 4 -2.92 -3.12 7.32
C TYR B 4 -2.89 -1.63 7.03
N VAL B 5 -1.81 -0.98 7.50
CA VAL B 5 -1.56 0.44 7.21
C VAL B 5 -1.78 0.72 5.74
N ALA B 6 -1.20 -0.14 4.92
CA ALA B 6 -1.20 0.05 3.49
C ALA B 6 -2.60 -0.06 2.91
N SER B 7 -3.38 -0.99 3.45
CA SER B 7 -4.76 -1.16 3.05
C SER B 7 -5.53 0.13 3.34
N TYR B 8 -5.19 0.72 4.48
CA TYR B 8 -5.78 1.96 4.93
C TYR B 8 -5.45 3.06 3.94
N LEU B 9 -4.18 3.13 3.59
CA LEU B 9 -3.70 4.11 2.64
C LEU B 9 -4.40 3.96 1.29
N LEU B 10 -4.44 2.72 0.79
CA LEU B 10 -5.10 2.43 -0.48
C LEU B 10 -6.53 2.90 -0.47
N ALA B 11 -7.23 2.64 0.62
CA ALA B 11 -8.62 3.02 0.69
C ALA B 11 -8.77 4.53 0.67
N ALA B 12 -7.92 5.21 1.41
CA ALA B 12 -7.94 6.67 1.48
C ALA B 12 -7.58 7.25 0.12
N LEU B 13 -6.84 6.49 -0.66
CA LEU B 13 -6.51 6.85 -2.02
C LEU B 13 -7.68 6.51 -2.95
N GLY B 14 -8.31 5.38 -2.67
CA GLY B 14 -9.40 4.87 -3.48
C GLY B 14 -10.62 5.74 -3.39
N GLY B 15 -10.68 6.57 -2.38
CA GLY B 15 -11.78 7.49 -2.24
C GLY B 15 -12.35 7.51 -0.84
N ASN B 16 -11.75 6.77 0.08
CA ASN B 16 -12.23 6.78 1.45
C ASN B 16 -11.10 7.28 2.33
N SER B 17 -11.04 8.59 2.46
CA SER B 17 -9.90 9.26 3.05
C SER B 17 -9.96 9.21 4.57
N SER B 18 -10.55 8.13 5.02
CA SER B 18 -10.72 7.81 6.42
C SER B 18 -11.25 6.38 6.53
N PRO B 19 -10.39 5.45 6.13
CA PRO B 19 -10.67 4.02 6.02
C PRO B 19 -10.95 3.40 7.37
N SER B 20 -11.48 2.19 7.38
CA SER B 20 -11.75 1.51 8.63
C SER B 20 -11.54 0.01 8.51
N ALA B 21 -11.79 -0.69 9.60
CA ALA B 21 -11.31 -2.06 9.76
C ALA B 21 -11.94 -2.95 8.71
N LYS B 22 -13.22 -2.77 8.55
CA LYS B 22 -14.01 -3.48 7.59
C LYS B 22 -13.62 -3.09 6.17
N ASP B 23 -13.17 -1.85 6.01
CA ASP B 23 -12.76 -1.37 4.69
C ASP B 23 -11.42 -2.02 4.32
N ILE B 24 -10.56 -2.14 5.33
CA ILE B 24 -9.31 -2.86 5.20
C ILE B 24 -9.58 -4.31 4.82
N LYS B 25 -10.59 -4.89 5.47
CA LYS B 25 -10.97 -6.27 5.25
C LYS B 25 -11.34 -6.46 3.80
N LYS B 26 -12.09 -5.50 3.26
CA LYS B 26 -12.31 -5.48 1.83
C LYS B 26 -11.03 -5.59 1.05
N ILE B 27 -10.21 -4.57 1.20
CA ILE B 27 -9.04 -4.43 0.36
C ILE B 27 -8.18 -5.71 0.38
N LEU B 28 -7.96 -6.27 1.57
CA LEU B 28 -7.11 -7.44 1.71
C LEU B 28 -7.86 -8.74 1.34
N ASP B 29 -9.18 -8.73 1.46
CA ASP B 29 -9.98 -9.90 1.12
C ASP B 29 -9.99 -10.09 -0.39
N SER B 30 -9.82 -8.99 -1.11
CA SER B 30 -9.76 -9.03 -2.56
C SER B 30 -8.57 -9.88 -3.05
N VAL B 31 -7.52 -9.97 -2.25
CA VAL B 31 -6.37 -10.80 -2.62
C VAL B 31 -6.30 -12.06 -1.77
N GLY B 32 -7.07 -12.09 -0.69
CA GLY B 32 -7.13 -13.25 0.18
C GLY B 32 -6.03 -13.26 1.21
N ILE B 33 -5.86 -12.14 1.90
CA ILE B 33 -4.83 -12.01 2.91
C ILE B 33 -5.42 -12.07 4.32
N GLU B 34 -4.75 -12.77 5.22
CA GLU B 34 -5.24 -12.97 6.58
C GLU B 34 -5.22 -11.68 7.37
N ALA B 35 -6.36 -11.35 7.94
CA ALA B 35 -6.48 -10.14 8.70
C ALA B 35 -7.24 -10.36 9.99
N ASP B 36 -6.81 -9.70 11.05
CA ASP B 36 -7.55 -9.73 12.29
C ASP B 36 -8.30 -8.41 12.48
N ASP B 37 -9.57 -8.54 12.84
CA ASP B 37 -10.51 -7.44 12.83
C ASP B 37 -10.20 -6.44 13.94
N ASP B 38 -9.29 -6.80 14.81
CA ASP B 38 -8.86 -5.87 15.82
C ASP B 38 -7.53 -5.24 15.44
N ARG B 39 -6.73 -6.00 14.71
CA ARG B 39 -5.41 -5.54 14.33
C ARG B 39 -5.52 -4.34 13.42
N LEU B 40 -6.42 -4.47 12.45
CA LEU B 40 -6.64 -3.39 11.52
C LEU B 40 -7.43 -2.26 12.16
N ASN B 41 -8.38 -2.60 13.01
CA ASN B 41 -9.19 -1.59 13.68
C ASN B 41 -8.29 -0.72 14.54
N LYS B 42 -7.23 -1.34 15.04
CA LYS B 42 -6.26 -0.67 15.87
C LYS B 42 -5.34 0.20 15.01
N VAL B 43 -4.79 -0.36 13.94
CA VAL B 43 -3.90 0.42 13.08
C VAL B 43 -4.62 1.67 12.59
N ILE B 44 -5.86 1.48 12.18
CA ILE B 44 -6.76 2.55 11.82
C ILE B 44 -6.99 3.52 12.94
N SER B 45 -7.24 2.98 14.11
CA SER B 45 -7.41 3.80 15.30
C SER B 45 -6.21 4.73 15.50
N GLU B 46 -5.01 4.26 15.12
CA GLU B 46 -3.81 5.07 15.22
C GLU B 46 -3.66 5.98 13.99
N LEU B 47 -3.95 5.42 12.82
CA LEU B 47 -3.89 6.10 11.54
C LEU B 47 -4.87 7.27 11.46
N ASN B 48 -6.06 7.07 12.02
CA ASN B 48 -7.15 8.01 11.88
C ASN B 48 -6.73 9.41 12.32
N GLY B 49 -6.83 10.35 11.38
CA GLY B 49 -6.38 11.70 11.63
C GLY B 49 -5.00 11.95 11.06
N LYS B 50 -4.77 11.42 9.87
CA LYS B 50 -3.48 11.58 9.20
C LYS B 50 -3.70 11.94 7.73
N ASN B 51 -2.64 12.34 7.06
CA ASN B 51 -2.70 12.70 5.64
C ASN B 51 -2.02 11.60 4.86
N ILE B 52 -2.82 10.61 4.45
CA ILE B 52 -2.30 9.35 3.91
C ILE B 52 -1.11 9.52 2.96
N GLU B 53 -1.33 10.19 1.82
CA GLU B 53 -0.27 10.31 0.82
C GLU B 53 0.97 10.95 1.39
N ASP B 54 0.80 11.99 2.19
CA ASP B 54 1.93 12.68 2.80
C ASP B 54 2.64 11.80 3.81
N VAL B 55 1.90 10.90 4.44
CA VAL B 55 2.51 9.88 5.30
C VAL B 55 3.44 9.01 4.47
N ILE B 56 2.93 8.51 3.36
CA ILE B 56 3.69 7.64 2.49
C ILE B 56 4.16 8.39 1.24
N ALA B 57 4.49 9.64 1.41
CA ALA B 57 5.15 10.36 0.35
C ALA B 57 6.63 10.41 0.69
N GLN B 58 6.91 9.80 1.84
CA GLN B 58 8.26 9.57 2.33
C GLN B 58 8.38 8.15 2.88
N GLY B 59 7.29 7.68 3.48
CA GLY B 59 7.31 6.41 4.20
C GLY B 59 6.77 5.24 3.40
N ILE B 60 7.21 5.09 2.16
CA ILE B 60 6.83 3.95 1.31
C ILE B 60 7.24 2.60 1.95
N GLY B 61 8.16 2.68 2.91
CA GLY B 61 8.64 1.48 3.57
C GLY B 61 8.19 1.42 5.00
N LYS B 62 8.66 2.35 5.81
CA LYS B 62 8.24 2.46 7.19
C LYS B 62 6.87 3.13 7.32
N LEU B 63 5.87 2.48 6.75
CA LEU B 63 4.47 2.86 6.95
C LEU B 63 4.15 3.10 8.42
N ALA B 64 3.25 4.04 8.67
CA ALA B 64 2.83 4.41 10.02
C ALA B 64 3.99 4.68 10.96
N SER B 65 4.90 5.55 10.51
CA SER B 65 6.04 6.05 11.31
C SER B 65 7.01 4.95 11.73
N VAL B 66 8.23 5.36 12.06
CA VAL B 66 9.26 4.45 12.52
C VAL B 66 9.21 4.35 14.04
N PRO B 67 9.22 3.10 14.58
CA PRO B 67 9.17 2.75 15.99
C PRO B 67 9.42 3.90 16.97
N ALA B 68 8.43 4.13 17.82
CA ALA B 68 8.48 5.23 18.77
C ALA B 68 9.08 4.76 20.10
N GLY B 69 8.49 3.71 20.67
CA GLY B 69 8.99 3.18 21.93
C GLY B 69 9.43 1.75 21.81
N GLY B 70 9.26 1.20 20.62
CA GLY B 70 9.61 -0.17 20.35
C GLY B 70 8.69 -0.80 19.34
N MET A 1 5.81 14.86 -3.17
CA MET A 1 4.72 13.88 -3.02
C MET A 1 4.53 13.09 -4.30
N ALA A 2 4.12 11.83 -4.16
CA ALA A 2 3.92 10.95 -5.30
C ALA A 2 2.53 11.11 -5.88
N SER A 3 2.33 10.57 -7.07
CA SER A 3 1.02 10.49 -7.67
C SER A 3 0.26 9.35 -7.03
N VAL A 4 -0.96 9.64 -6.63
CA VAL A 4 -1.81 8.71 -5.92
C VAL A 4 -1.95 7.38 -6.66
N SER A 5 -1.82 7.40 -7.98
CA SER A 5 -1.86 6.18 -8.76
C SER A 5 -0.63 5.36 -8.43
N GLU A 6 0.51 6.02 -8.55
CA GLU A 6 1.80 5.45 -8.23
C GLU A 6 1.80 4.94 -6.79
N LEU A 7 1.42 5.82 -5.88
CA LEU A 7 1.34 5.51 -4.47
C LEU A 7 0.37 4.35 -4.19
N ALA A 8 -0.71 4.26 -4.95
CA ALA A 8 -1.68 3.17 -4.77
C ALA A 8 -1.09 1.84 -5.20
N CYS A 9 -0.24 1.88 -6.21
CA CYS A 9 0.43 0.68 -6.67
C CYS A 9 1.45 0.27 -5.63
N ILE A 10 2.07 1.28 -5.05
CA ILE A 10 2.92 1.11 -3.90
C ILE A 10 2.19 0.32 -2.82
N TYR A 11 1.02 0.83 -2.43
CA TYR A 11 0.27 0.25 -1.32
C TYR A 11 -0.25 -1.13 -1.65
N SER A 12 -0.73 -1.34 -2.86
CA SER A 12 -1.17 -2.66 -3.26
C SER A 12 -0.03 -3.65 -3.10
N ALA A 13 1.17 -3.22 -3.50
CA ALA A 13 2.39 -3.98 -3.27
C ALA A 13 2.65 -4.14 -1.78
N LEU A 14 2.27 -3.13 -1.00
CA LEU A 14 2.47 -3.14 0.43
C LEU A 14 1.63 -4.25 1.08
N ILE A 15 0.31 -4.20 0.88
CA ILE A 15 -0.58 -5.26 1.41
C ILE A 15 -0.11 -6.62 0.93
N LEU A 16 0.16 -6.71 -0.36
CA LEU A 16 0.65 -7.95 -0.97
C LEU A 16 1.87 -8.46 -0.24
N HIS A 17 2.75 -7.54 0.13
CA HIS A 17 3.99 -7.87 0.82
C HIS A 17 3.77 -8.13 2.32
N ASP A 18 2.61 -7.77 2.85
CA ASP A 18 2.30 -8.06 4.25
C ASP A 18 2.08 -9.55 4.44
N ASP A 19 1.28 -10.14 3.58
CA ASP A 19 0.99 -11.57 3.65
C ASP A 19 1.99 -12.33 2.80
N GLU A 20 2.72 -11.55 2.00
CA GLU A 20 3.69 -12.05 1.04
C GLU A 20 3.03 -13.04 0.10
N VAL A 21 1.95 -12.55 -0.47
CA VAL A 21 1.12 -13.32 -1.33
C VAL A 21 1.45 -12.99 -2.78
N THR A 22 1.22 -13.95 -3.65
CA THR A 22 1.57 -13.89 -5.07
C THR A 22 1.45 -12.51 -5.68
N VAL A 23 2.53 -12.10 -6.31
CA VAL A 23 2.63 -10.79 -6.90
C VAL A 23 2.38 -10.85 -8.40
N THR A 24 1.22 -10.40 -8.81
CA THR A 24 0.86 -10.42 -10.22
C THR A 24 0.10 -9.15 -10.58
N GLU A 25 0.16 -8.75 -11.83
CA GLU A 25 -0.53 -7.55 -12.28
C GLU A 25 -2.00 -7.59 -11.86
N ASP A 26 -2.63 -8.72 -12.08
CA ASP A 26 -4.01 -8.94 -11.69
C ASP A 26 -4.22 -8.76 -10.20
N LYS A 27 -3.23 -9.21 -9.41
CA LYS A 27 -3.30 -9.13 -7.96
C LYS A 27 -3.32 -7.66 -7.54
N ILE A 28 -2.37 -6.92 -8.09
CA ILE A 28 -2.22 -5.51 -7.80
C ILE A 28 -3.47 -4.74 -8.24
N ASN A 29 -4.03 -5.14 -9.38
CA ASN A 29 -5.28 -4.54 -9.87
C ASN A 29 -6.44 -4.92 -8.97
N ALA A 30 -6.37 -6.09 -8.36
CA ALA A 30 -7.40 -6.53 -7.42
C ALA A 30 -7.39 -5.63 -6.18
N LEU A 31 -6.19 -5.24 -5.73
CA LEU A 31 -6.10 -4.24 -4.65
C LEU A 31 -6.63 -2.89 -5.14
N ILE A 32 -6.21 -2.51 -6.35
CA ILE A 32 -6.66 -1.28 -7.00
C ILE A 32 -8.18 -1.14 -6.97
N LYS A 33 -8.86 -2.21 -7.38
CA LYS A 33 -10.29 -2.24 -7.42
C LYS A 33 -10.89 -2.33 -6.02
N ALA A 34 -10.25 -3.07 -5.13
CA ALA A 34 -10.73 -3.22 -3.76
C ALA A 34 -10.80 -1.86 -3.06
N ALA A 35 -9.80 -1.03 -3.26
CA ALA A 35 -9.76 0.29 -2.66
C ALA A 35 -10.54 1.30 -3.49
N GLY A 36 -10.51 1.11 -4.80
CA GLY A 36 -11.20 2.02 -5.70
C GLY A 36 -10.26 3.07 -6.26
N VAL A 37 -8.97 2.79 -6.19
CA VAL A 37 -7.96 3.74 -6.64
C VAL A 37 -7.10 3.16 -7.73
N ASN A 38 -7.18 3.79 -8.88
CA ASN A 38 -6.56 3.30 -10.09
C ASN A 38 -5.14 3.80 -10.21
N VAL A 39 -4.36 3.07 -10.98
CA VAL A 39 -2.95 3.29 -11.11
C VAL A 39 -2.55 3.44 -12.57
N GLU A 40 -1.39 4.02 -12.80
CA GLU A 40 -0.80 4.04 -14.12
C GLU A 40 -0.38 2.62 -14.45
N PRO A 41 -1.11 1.96 -15.36
CA PRO A 41 -1.06 0.49 -15.54
C PRO A 41 0.36 -0.10 -15.69
N PHE A 42 1.28 0.67 -16.28
CA PHE A 42 2.64 0.21 -16.44
C PHE A 42 3.26 -0.10 -15.07
N TRP A 43 2.75 0.58 -14.05
CA TRP A 43 3.18 0.32 -12.68
C TRP A 43 2.80 -1.08 -12.25
N PRO A 44 1.49 -1.46 -12.19
CA PRO A 44 1.10 -2.84 -11.89
C PRO A 44 1.94 -3.86 -12.64
N GLY A 45 2.16 -3.61 -13.93
CA GLY A 45 3.02 -4.49 -14.71
C GLY A 45 4.44 -4.55 -14.16
N LEU A 46 5.10 -3.40 -14.14
CA LEU A 46 6.49 -3.27 -13.69
C LEU A 46 6.64 -3.64 -12.21
N PHE A 47 5.58 -3.51 -11.46
CA PHE A 47 5.58 -3.87 -10.04
C PHE A 47 5.60 -5.37 -9.88
N ALA A 48 4.78 -6.06 -10.67
CA ALA A 48 4.76 -7.52 -10.64
C ALA A 48 6.11 -8.03 -11.12
N LYS A 49 6.69 -7.26 -12.03
CA LYS A 49 8.04 -7.49 -12.53
C LYS A 49 9.09 -7.30 -11.43
N ALA A 50 9.03 -6.16 -10.75
CA ALA A 50 10.07 -5.74 -9.83
C ALA A 50 9.98 -6.42 -8.47
N LEU A 51 8.77 -6.57 -7.93
CA LEU A 51 8.58 -7.06 -6.56
C LEU A 51 9.02 -8.51 -6.38
N ALA A 52 9.51 -9.12 -7.45
CA ALA A 52 10.07 -10.45 -7.37
C ALA A 52 11.56 -10.40 -7.02
N ASN A 53 12.16 -9.23 -7.22
CA ASN A 53 13.60 -9.07 -7.01
C ASN A 53 13.92 -7.86 -6.14
N VAL A 54 13.17 -6.78 -6.32
CA VAL A 54 13.39 -5.57 -5.55
C VAL A 54 12.65 -5.64 -4.22
N ASN A 55 12.72 -4.58 -3.46
CA ASN A 55 12.00 -4.50 -2.21
C ASN A 55 11.01 -3.34 -2.26
N ILE A 56 10.11 -3.25 -1.29
CA ILE A 56 9.16 -2.16 -1.23
C ILE A 56 9.89 -0.85 -0.97
N GLY A 57 11.03 -0.92 -0.29
CA GLY A 57 11.83 0.25 -0.06
C GLY A 57 12.51 0.71 -1.34
N SER A 58 12.51 -0.18 -2.33
CA SER A 58 13.11 0.12 -3.62
C SER A 58 12.16 0.99 -4.43
N LEU A 59 10.89 0.93 -4.07
CA LEU A 59 9.86 1.70 -4.76
C LEU A 59 10.14 3.19 -4.67
N ILE A 60 10.66 3.59 -3.52
CA ILE A 60 11.02 4.97 -3.25
C ILE A 60 12.07 5.47 -4.25
N CYS A 61 12.77 4.52 -4.86
CA CYS A 61 13.85 4.82 -5.76
C CYS A 61 13.38 4.83 -7.21
N ASN A 62 12.07 4.85 -7.43
CA ASN A 62 11.53 4.76 -8.78
C ASN A 62 12.06 5.90 -9.67
N VAL A 63 12.25 7.07 -9.09
CA VAL A 63 12.82 8.20 -9.82
C VAL A 63 14.30 8.37 -9.49
N GLY A 64 14.88 7.33 -8.96
CA GLY A 64 16.28 7.34 -8.60
C GLY A 64 17.06 6.26 -9.33
N ALA A 65 16.35 5.50 -10.16
CA ALA A 65 16.97 4.45 -10.96
C ALA A 65 17.49 5.03 -12.27
N GLY A 66 17.20 6.29 -12.50
CA GLY A 66 17.72 6.99 -13.66
C GLY A 66 18.82 7.95 -13.27
N GLY A 67 20.02 7.70 -13.77
CA GLY A 67 21.16 8.50 -13.40
C GLY A 67 22.45 7.70 -13.46
N PRO A 68 22.73 6.88 -12.44
CA PRO A 68 23.92 6.03 -12.41
C PRO A 68 23.70 4.69 -13.10
N ALA A 69 22.98 4.72 -14.21
CA ALA A 69 22.68 3.50 -14.96
C ALA A 69 22.80 3.76 -16.46
N ALA B 1 7.29 0.48 10.61
CA ALA B 1 6.12 -0.25 11.13
C ALA B 1 5.08 -0.47 10.03
N MET B 2 5.36 -1.42 9.16
CA MET B 2 4.49 -1.70 8.04
C MET B 2 3.45 -2.76 8.44
N ARG B 3 2.20 -2.53 8.07
CA ARG B 3 1.09 -3.38 8.45
C ARG B 3 -0.17 -2.98 7.67
N TYR B 4 -1.33 -3.13 8.30
CA TYR B 4 -2.60 -2.77 7.66
C TYR B 4 -2.67 -1.28 7.32
N VAL B 5 -1.67 -0.53 7.79
CA VAL B 5 -1.50 0.87 7.41
C VAL B 5 -1.68 1.02 5.91
N ALA B 6 -1.04 0.11 5.17
CA ALA B 6 -1.00 0.19 3.73
C ALA B 6 -2.39 0.03 3.12
N SER B 7 -3.22 -0.72 3.82
CA SER B 7 -4.58 -0.98 3.35
C SER B 7 -5.44 0.24 3.60
N TYR B 8 -5.15 0.89 4.71
CA TYR B 8 -5.81 2.12 5.11
C TYR B 8 -5.47 3.18 4.07
N LEU B 9 -4.19 3.24 3.74
CA LEU B 9 -3.69 4.15 2.74
C LEU B 9 -4.37 3.89 1.40
N LEU B 10 -4.47 2.63 1.02
CA LEU B 10 -5.13 2.25 -0.21
C LEU B 10 -6.54 2.79 -0.27
N ALA B 11 -7.31 2.53 0.79
CA ALA B 11 -8.70 2.93 0.82
C ALA B 11 -8.85 4.45 0.74
N ALA B 12 -7.98 5.15 1.45
CA ALA B 12 -7.99 6.60 1.44
C ALA B 12 -7.66 7.13 0.06
N LEU B 13 -6.80 6.42 -0.65
CA LEU B 13 -6.49 6.74 -2.03
C LEU B 13 -7.66 6.39 -2.92
N GLY B 14 -8.32 5.28 -2.60
CA GLY B 14 -9.46 4.82 -3.35
C GLY B 14 -10.60 5.82 -3.29
N GLY B 15 -10.58 6.65 -2.26
CA GLY B 15 -11.58 7.68 -2.14
C GLY B 15 -12.18 7.75 -0.75
N ASN B 16 -11.67 6.95 0.18
CA ASN B 16 -12.19 6.96 1.52
C ASN B 16 -11.11 7.42 2.45
N SER B 17 -11.08 8.72 2.67
CA SER B 17 -9.96 9.38 3.34
C SER B 17 -10.00 9.15 4.84
N SER B 18 -10.63 8.06 5.18
CA SER B 18 -10.85 7.64 6.56
C SER B 18 -11.39 6.22 6.56
N PRO B 19 -10.51 5.30 6.15
CA PRO B 19 -10.80 3.88 6.00
C PRO B 19 -11.04 3.22 7.34
N SER B 20 -11.79 2.14 7.35
CA SER B 20 -12.04 1.42 8.58
C SER B 20 -11.57 -0.01 8.48
N ALA B 21 -11.78 -0.76 9.54
CA ALA B 21 -11.22 -2.10 9.64
C ALA B 21 -11.86 -2.99 8.59
N LYS B 22 -13.13 -2.75 8.39
CA LYS B 22 -13.90 -3.43 7.38
C LYS B 22 -13.40 -3.08 5.99
N ASP B 23 -12.91 -1.85 5.82
CA ASP B 23 -12.34 -1.45 4.53
C ASP B 23 -11.00 -2.14 4.36
N ILE B 24 -10.20 -2.16 5.41
CA ILE B 24 -8.93 -2.87 5.40
C ILE B 24 -9.17 -4.32 5.01
N LYS B 25 -10.12 -4.92 5.71
CA LYS B 25 -10.46 -6.31 5.53
C LYS B 25 -10.93 -6.53 4.11
N LYS B 26 -11.63 -5.55 3.57
CA LYS B 26 -12.20 -5.64 2.26
C LYS B 26 -11.09 -5.54 1.19
N ILE B 27 -10.17 -4.58 1.37
CA ILE B 27 -9.00 -4.47 0.49
C ILE B 27 -8.22 -5.79 0.44
N LEU B 28 -7.89 -6.34 1.61
CA LEU B 28 -7.08 -7.54 1.66
C LEU B 28 -7.90 -8.79 1.32
N ASP B 29 -9.20 -8.74 1.56
CA ASP B 29 -10.08 -9.87 1.23
C ASP B 29 -10.15 -10.04 -0.28
N SER B 30 -10.08 -8.93 -1.00
CA SER B 30 -10.06 -8.93 -2.46
C SER B 30 -8.98 -9.88 -3.00
N VAL B 31 -7.79 -9.84 -2.39
CA VAL B 31 -6.69 -10.70 -2.84
C VAL B 31 -6.51 -11.93 -1.95
N GLY B 32 -7.27 -11.97 -0.86
CA GLY B 32 -7.22 -13.12 0.04
C GLY B 32 -6.08 -13.03 1.03
N ILE B 33 -5.91 -11.88 1.65
CA ILE B 33 -4.90 -11.71 2.69
C ILE B 33 -5.50 -11.92 4.07
N GLU B 34 -4.80 -12.67 4.91
CA GLU B 34 -5.30 -12.98 6.25
C GLU B 34 -5.05 -11.82 7.19
N ALA B 35 -6.10 -11.45 7.94
CA ALA B 35 -6.05 -10.30 8.82
C ALA B 35 -6.88 -10.53 10.07
N ASP B 36 -6.51 -9.84 11.15
CA ASP B 36 -7.33 -9.85 12.35
C ASP B 36 -8.12 -8.55 12.44
N ASP B 37 -9.41 -8.70 12.78
CA ASP B 37 -10.39 -7.63 12.64
C ASP B 37 -10.17 -6.57 13.70
N ASP B 38 -9.35 -6.88 14.68
CA ASP B 38 -9.00 -5.91 15.68
C ASP B 38 -7.69 -5.24 15.35
N ARG B 39 -6.82 -5.98 14.67
CA ARG B 39 -5.49 -5.48 14.38
C ARG B 39 -5.59 -4.33 13.42
N LEU B 40 -6.39 -4.53 12.40
CA LEU B 40 -6.58 -3.47 11.42
C LEU B 40 -7.43 -2.34 12.00
N ASN B 41 -8.41 -2.66 12.82
CA ASN B 41 -9.23 -1.61 13.45
C ASN B 41 -8.35 -0.77 14.38
N LYS B 42 -7.31 -1.42 14.87
CA LYS B 42 -6.34 -0.77 15.72
C LYS B 42 -5.53 0.23 14.90
N VAL B 43 -5.00 -0.24 13.78
CA VAL B 43 -4.25 0.62 12.89
C VAL B 43 -5.16 1.73 12.35
N ILE B 44 -6.44 1.40 12.18
CA ILE B 44 -7.46 2.39 11.86
C ILE B 44 -7.39 3.54 12.84
N SER B 45 -7.70 3.26 14.08
CA SER B 45 -7.71 4.27 15.14
C SER B 45 -6.37 5.00 15.22
N GLU B 46 -5.28 4.32 14.90
CA GLU B 46 -3.95 4.95 14.93
C GLU B 46 -3.73 5.88 13.75
N LEU B 47 -4.24 5.52 12.58
CA LEU B 47 -4.04 6.35 11.40
C LEU B 47 -5.12 7.42 11.29
N ASN B 48 -6.22 7.20 11.99
CA ASN B 48 -7.37 8.09 11.93
C ASN B 48 -6.96 9.53 12.25
N GLY B 49 -7.16 10.40 11.27
CA GLY B 49 -6.78 11.79 11.44
C GLY B 49 -5.42 12.10 10.84
N LYS B 50 -5.11 11.44 9.72
CA LYS B 50 -3.84 11.64 9.04
C LYS B 50 -4.05 11.91 7.56
N ASN B 51 -3.00 12.41 6.91
CA ASN B 51 -3.04 12.68 5.48
C ASN B 51 -2.27 11.59 4.77
N ILE B 52 -2.98 10.52 4.43
CA ILE B 52 -2.39 9.27 3.93
C ILE B 52 -1.20 9.49 2.99
N GLU B 53 -1.43 10.08 1.83
CA GLU B 53 -0.38 10.22 0.81
C GLU B 53 0.81 10.96 1.36
N ASP B 54 0.57 11.93 2.22
CA ASP B 54 1.64 12.68 2.84
C ASP B 54 2.38 11.83 3.86
N VAL B 55 1.64 11.00 4.59
CA VAL B 55 2.24 10.04 5.51
C VAL B 55 3.27 9.20 4.76
N ILE B 56 2.86 8.70 3.60
CA ILE B 56 3.73 7.86 2.78
C ILE B 56 4.20 8.62 1.54
N ALA B 57 4.45 9.89 1.70
CA ALA B 57 5.13 10.63 0.65
C ALA B 57 6.58 10.78 1.06
N GLN B 58 6.88 10.19 2.21
CA GLN B 58 8.23 10.16 2.76
C GLN B 58 8.51 8.81 3.43
N GLY B 59 7.69 7.80 3.13
CA GLY B 59 7.81 6.54 3.85
C GLY B 59 7.19 5.33 3.15
N ILE B 60 7.47 5.19 1.86
CA ILE B 60 7.01 4.02 1.07
C ILE B 60 7.53 2.70 1.64
N GLY B 61 8.64 2.76 2.35
CA GLY B 61 9.22 1.54 2.90
C GLY B 61 8.75 1.24 4.31
N LYS B 62 9.14 2.10 5.24
CA LYS B 62 8.86 1.89 6.66
C LYS B 62 7.37 1.95 7.01
N LEU B 63 6.62 2.74 6.23
CA LEU B 63 5.23 3.06 6.52
C LEU B 63 4.97 3.51 7.97
N ALA B 64 3.71 3.89 8.22
CA ALA B 64 3.29 4.44 9.51
C ALA B 64 4.11 5.65 9.93
N SER B 65 5.20 5.40 10.63
CA SER B 65 6.09 6.45 11.06
C SER B 65 7.48 6.27 10.43
N VAL B 66 7.87 7.22 9.60
CA VAL B 66 9.13 7.12 8.88
C VAL B 66 9.95 8.39 9.07
N PRO B 67 11.16 8.21 9.63
CA PRO B 67 12.15 9.23 9.87
C PRO B 67 12.02 10.51 9.05
N ALA B 68 11.75 11.59 9.75
CA ALA B 68 11.61 12.89 9.12
C ALA B 68 12.82 13.75 9.41
N GLY B 69 13.49 13.42 10.52
CA GLY B 69 14.72 14.09 10.88
C GLY B 69 15.72 13.11 11.48
N GLY B 70 16.67 12.68 10.67
CA GLY B 70 17.68 11.75 11.14
C GLY B 70 18.73 11.48 10.09
N MET A 1 6.70 14.58 -4.14
CA MET A 1 5.51 13.80 -3.73
C MET A 1 5.14 12.84 -4.85
N ALA A 2 4.10 12.06 -4.66
CA ALA A 2 3.71 11.06 -5.64
C ALA A 2 2.35 11.36 -6.22
N SER A 3 2.01 10.68 -7.28
CA SER A 3 0.65 10.62 -7.74
C SER A 3 -0.03 9.45 -7.07
N VAL A 4 -1.24 9.69 -6.61
CA VAL A 4 -2.05 8.70 -5.91
C VAL A 4 -2.14 7.37 -6.68
N SER A 5 -1.97 7.43 -7.99
CA SER A 5 -1.96 6.22 -8.80
C SER A 5 -0.70 5.43 -8.48
N GLU A 6 0.43 6.12 -8.57
CA GLU A 6 1.71 5.53 -8.27
C GLU A 6 1.72 5.01 -6.84
N LEU A 7 1.35 5.89 -5.91
CA LEU A 7 1.27 5.56 -4.51
C LEU A 7 0.30 4.38 -4.25
N ALA A 8 -0.80 4.31 -4.99
CA ALA A 8 -1.75 3.21 -4.82
C ALA A 8 -1.13 1.89 -5.24
N CYS A 9 -0.31 1.93 -6.28
CA CYS A 9 0.37 0.74 -6.74
C CYS A 9 1.39 0.33 -5.70
N ILE A 10 2.07 1.34 -5.17
CA ILE A 10 2.93 1.18 -4.03
C ILE A 10 2.21 0.38 -2.95
N TYR A 11 1.03 0.84 -2.57
CA TYR A 11 0.28 0.24 -1.48
C TYR A 11 -0.18 -1.16 -1.82
N SER A 12 -0.60 -1.40 -3.05
CA SER A 12 -1.03 -2.75 -3.43
C SER A 12 0.10 -3.73 -3.18
N ALA A 13 1.30 -3.33 -3.58
CA ALA A 13 2.50 -4.10 -3.28
C ALA A 13 2.73 -4.18 -1.78
N LEU A 14 2.37 -3.11 -1.07
CA LEU A 14 2.52 -3.05 0.38
C LEU A 14 1.68 -4.13 1.05
N ILE A 15 0.36 -4.14 0.75
CA ILE A 15 -0.53 -5.17 1.31
C ILE A 15 0.00 -6.55 0.97
N LEU A 16 0.47 -6.70 -0.26
CA LEU A 16 1.08 -7.96 -0.68
C LEU A 16 2.24 -8.35 0.25
N HIS A 17 3.02 -7.37 0.69
CA HIS A 17 4.11 -7.61 1.65
C HIS A 17 3.59 -7.88 3.06
N ASP A 18 2.32 -7.58 3.33
CA ASP A 18 1.76 -7.81 4.67
C ASP A 18 1.65 -9.30 4.94
N ASP A 19 1.16 -10.04 3.96
CA ASP A 19 1.05 -11.49 4.09
C ASP A 19 2.25 -12.13 3.41
N GLU A 20 3.03 -11.28 2.74
CA GLU A 20 4.18 -11.69 1.97
C GLU A 20 3.79 -12.77 0.98
N VAL A 21 2.76 -12.46 0.21
CA VAL A 21 2.16 -13.39 -0.69
C VAL A 21 2.54 -13.01 -2.13
N THR A 22 2.34 -13.96 -3.03
CA THR A 22 2.76 -13.82 -4.43
C THR A 22 2.34 -12.51 -5.05
N VAL A 23 3.22 -11.99 -5.88
CA VAL A 23 3.05 -10.69 -6.49
C VAL A 23 2.72 -10.84 -7.97
N THR A 24 1.52 -10.45 -8.35
CA THR A 24 1.15 -10.48 -9.76
C THR A 24 0.41 -9.20 -10.14
N GLU A 25 0.39 -8.92 -11.43
CA GLU A 25 -0.34 -7.78 -11.95
C GLU A 25 -1.81 -7.88 -11.54
N ASP A 26 -2.31 -9.11 -11.47
CA ASP A 26 -3.68 -9.38 -11.05
C ASP A 26 -3.87 -9.07 -9.57
N LYS A 27 -2.81 -9.26 -8.77
CA LYS A 27 -2.86 -8.89 -7.36
C LYS A 27 -3.06 -7.39 -7.26
N ILE A 28 -2.12 -6.67 -7.86
CA ILE A 28 -2.11 -5.22 -7.85
C ILE A 28 -3.42 -4.66 -8.40
N ASN A 29 -3.91 -5.28 -9.47
CA ASN A 29 -5.18 -4.90 -10.08
C ASN A 29 -6.31 -5.03 -9.05
N ALA A 30 -6.31 -6.16 -8.34
CA ALA A 30 -7.32 -6.42 -7.32
C ALA A 30 -7.32 -5.35 -6.24
N LEU A 31 -6.13 -5.02 -5.72
CA LEU A 31 -6.03 -3.96 -4.71
C LEU A 31 -6.59 -2.64 -5.25
N ILE A 32 -6.12 -2.27 -6.45
CA ILE A 32 -6.56 -1.07 -7.17
C ILE A 32 -8.09 -0.98 -7.18
N LYS A 33 -8.71 -2.06 -7.61
CA LYS A 33 -10.15 -2.10 -7.80
C LYS A 33 -10.91 -2.15 -6.48
N ALA A 34 -10.38 -2.91 -5.52
CA ALA A 34 -11.03 -3.06 -4.21
C ALA A 34 -11.09 -1.73 -3.49
N ALA A 35 -10.00 -0.97 -3.57
CA ALA A 35 -9.94 0.32 -2.90
C ALA A 35 -10.67 1.39 -3.72
N GLY A 36 -10.63 1.22 -5.04
CA GLY A 36 -11.32 2.15 -5.92
C GLY A 36 -10.38 3.20 -6.47
N VAL A 37 -9.09 2.94 -6.37
CA VAL A 37 -8.08 3.88 -6.79
C VAL A 37 -7.21 3.28 -7.89
N ASN A 38 -7.23 3.94 -9.03
CA ASN A 38 -6.69 3.38 -10.25
C ASN A 38 -5.27 3.87 -10.49
N VAL A 39 -4.52 3.06 -11.20
CA VAL A 39 -3.10 3.25 -11.36
C VAL A 39 -2.73 3.19 -12.85
N GLU A 40 -1.58 3.75 -13.20
CA GLU A 40 -1.03 3.56 -14.53
C GLU A 40 -0.71 2.12 -14.69
N PRO A 41 -1.44 1.46 -15.56
CA PRO A 41 -1.43 0.01 -15.67
C PRO A 41 -0.03 -0.59 -15.88
N PHE A 42 0.85 0.20 -16.50
CA PHE A 42 2.24 -0.20 -16.67
C PHE A 42 2.89 -0.37 -15.31
N TRP A 43 2.41 0.37 -14.31
CA TRP A 43 2.88 0.24 -12.95
C TRP A 43 2.59 -1.15 -12.42
N PRO A 44 1.31 -1.62 -12.35
CA PRO A 44 1.02 -3.01 -12.00
C PRO A 44 1.93 -4.00 -12.72
N GLY A 45 2.12 -3.80 -14.03
CA GLY A 45 3.02 -4.67 -14.77
C GLY A 45 4.45 -4.64 -14.24
N LEU A 46 5.03 -3.45 -14.26
CA LEU A 46 6.41 -3.24 -13.84
C LEU A 46 6.61 -3.53 -12.34
N PHE A 47 5.59 -3.27 -11.55
CA PHE A 47 5.59 -3.56 -10.14
C PHE A 47 5.67 -5.06 -9.90
N ALA A 48 4.83 -5.81 -10.58
CA ALA A 48 4.84 -7.26 -10.41
C ALA A 48 6.16 -7.82 -10.91
N LYS A 49 6.72 -7.14 -11.90
CA LYS A 49 8.06 -7.43 -12.41
C LYS A 49 9.12 -7.10 -11.35
N ALA A 50 8.88 -6.05 -10.58
CA ALA A 50 9.86 -5.57 -9.61
C ALA A 50 9.77 -6.30 -8.26
N LEU A 51 8.60 -6.24 -7.61
CA LEU A 51 8.44 -6.73 -6.23
C LEU A 51 8.72 -8.22 -6.08
N ALA A 52 8.84 -8.92 -7.20
CA ALA A 52 9.19 -10.33 -7.18
C ALA A 52 10.68 -10.49 -6.86
N ASN A 53 11.46 -9.47 -7.20
CA ASN A 53 12.90 -9.51 -7.02
C ASN A 53 13.35 -8.44 -6.02
N VAL A 54 12.74 -7.27 -6.09
CA VAL A 54 13.13 -6.14 -5.24
C VAL A 54 12.20 -6.03 -4.04
N ASN A 55 12.39 -4.98 -3.26
CA ASN A 55 11.57 -4.75 -2.09
C ASN A 55 10.67 -3.54 -2.27
N ILE A 56 9.85 -3.24 -1.27
CA ILE A 56 8.93 -2.11 -1.33
C ILE A 56 9.70 -0.80 -1.17
N GLY A 57 10.84 -0.87 -0.50
CA GLY A 57 11.68 0.29 -0.37
C GLY A 57 12.31 0.67 -1.69
N SER A 58 12.23 -0.26 -2.64
CA SER A 58 12.78 -0.05 -3.96
C SER A 58 11.84 0.84 -4.76
N LEU A 59 10.59 0.87 -4.33
CA LEU A 59 9.57 1.68 -4.98
C LEU A 59 9.88 3.15 -4.84
N ILE A 60 10.61 3.46 -3.79
CA ILE A 60 11.02 4.81 -3.49
C ILE A 60 11.99 5.33 -4.56
N CYS A 61 12.46 4.42 -5.39
CA CYS A 61 13.38 4.76 -6.45
C CYS A 61 12.61 5.02 -7.74
N ASN A 62 11.31 4.79 -7.71
CA ASN A 62 10.49 4.96 -8.89
C ASN A 62 10.20 6.43 -9.14
N VAL A 63 10.59 7.27 -8.19
CA VAL A 63 10.42 8.71 -8.32
C VAL A 63 11.76 9.43 -8.20
N GLY A 64 12.81 8.74 -8.59
CA GLY A 64 14.15 9.30 -8.53
C GLY A 64 15.15 8.36 -7.89
N ALA A 65 15.75 8.81 -6.79
CA ALA A 65 16.75 8.04 -6.05
C ALA A 65 17.86 7.53 -6.97
N GLY A 66 18.41 8.44 -7.77
CA GLY A 66 19.49 8.08 -8.67
C GLY A 66 20.72 8.93 -8.44
N GLY A 67 20.51 10.23 -8.28
CA GLY A 67 21.62 11.13 -8.07
C GLY A 67 21.57 12.30 -9.04
N PRO A 68 22.72 12.76 -9.53
CA PRO A 68 22.80 13.84 -10.50
C PRO A 68 22.14 13.47 -11.83
N ALA A 69 22.43 12.27 -12.30
CA ALA A 69 21.84 11.76 -13.52
C ALA A 69 21.14 10.44 -13.25
N ALA B 1 4.83 0.02 12.79
CA ALA B 1 5.02 -1.23 12.03
C ALA B 1 4.18 -1.24 10.76
N MET B 2 4.76 -1.73 9.68
CA MET B 2 4.04 -1.83 8.42
C MET B 2 3.13 -3.05 8.43
N ARG B 3 1.86 -2.81 8.18
CA ARG B 3 0.88 -3.89 8.08
C ARG B 3 -0.38 -3.37 7.38
N TYR B 4 -1.53 -3.48 8.04
CA TYR B 4 -2.81 -3.02 7.50
C TYR B 4 -2.78 -1.51 7.23
N VAL B 5 -1.74 -0.85 7.72
CA VAL B 5 -1.46 0.54 7.40
C VAL B 5 -1.65 0.78 5.92
N ALA B 6 -1.08 -0.12 5.13
CA ALA B 6 -1.05 0.04 3.69
C ALA B 6 -2.45 -0.04 3.09
N SER B 7 -3.26 -0.94 3.64
CA SER B 7 -4.65 -1.09 3.20
C SER B 7 -5.42 0.20 3.50
N TYR B 8 -5.07 0.80 4.64
CA TYR B 8 -5.67 2.04 5.08
C TYR B 8 -5.35 3.12 4.08
N LEU B 9 -4.07 3.23 3.76
CA LEU B 9 -3.59 4.18 2.79
C LEU B 9 -4.29 3.98 1.46
N LEU B 10 -4.40 2.73 1.02
CA LEU B 10 -5.05 2.39 -0.23
C LEU B 10 -6.47 2.92 -0.26
N ALA B 11 -7.20 2.68 0.82
CA ALA B 11 -8.60 3.09 0.86
C ALA B 11 -8.71 4.60 0.84
N ALA B 12 -7.81 5.27 1.55
CA ALA B 12 -7.80 6.73 1.59
C ALA B 12 -7.40 7.30 0.24
N LEU B 13 -6.69 6.50 -0.53
CA LEU B 13 -6.36 6.84 -1.90
C LEU B 13 -7.55 6.55 -2.80
N GLY B 14 -8.24 5.45 -2.50
CA GLY B 14 -9.42 5.07 -3.24
C GLY B 14 -10.53 6.07 -3.10
N GLY B 15 -10.45 6.87 -2.04
CA GLY B 15 -11.39 7.95 -1.87
C GLY B 15 -12.02 7.98 -0.50
N ASN B 16 -11.52 7.18 0.44
CA ASN B 16 -12.05 7.18 1.77
C ASN B 16 -10.98 7.68 2.70
N SER B 17 -11.02 8.97 2.97
CA SER B 17 -9.94 9.68 3.61
C SER B 17 -9.96 9.46 5.13
N SER B 18 -10.46 8.29 5.47
CA SER B 18 -10.61 7.83 6.83
C SER B 18 -11.13 6.39 6.80
N PRO B 19 -10.25 5.52 6.33
CA PRO B 19 -10.52 4.09 6.10
C PRO B 19 -10.77 3.36 7.39
N SER B 20 -11.61 2.34 7.33
CA SER B 20 -11.88 1.56 8.52
C SER B 20 -11.41 0.12 8.36
N ALA B 21 -11.64 -0.69 9.37
CA ALA B 21 -11.14 -2.05 9.40
C ALA B 21 -11.80 -2.88 8.33
N LYS B 22 -13.05 -2.54 8.10
CA LYS B 22 -13.85 -3.17 7.09
C LYS B 22 -13.35 -2.77 5.70
N ASP B 23 -12.79 -1.56 5.61
CA ASP B 23 -12.18 -1.11 4.36
C ASP B 23 -10.90 -1.90 4.13
N ILE B 24 -10.12 -2.02 5.21
CA ILE B 24 -8.90 -2.81 5.19
C ILE B 24 -9.20 -4.22 4.71
N LYS B 25 -10.22 -4.82 5.30
CA LYS B 25 -10.57 -6.20 5.01
C LYS B 25 -10.98 -6.33 3.57
N LYS B 26 -11.74 -5.38 3.05
CA LYS B 26 -12.01 -5.35 1.63
C LYS B 26 -10.76 -5.49 0.84
N ILE B 27 -9.89 -4.51 1.04
CA ILE B 27 -8.75 -4.37 0.21
C ILE B 27 -7.88 -5.64 0.26
N LEU B 28 -7.71 -6.21 1.45
CA LEU B 28 -6.88 -7.39 1.60
C LEU B 28 -7.62 -8.67 1.17
N ASP B 29 -8.94 -8.71 1.36
CA ASP B 29 -9.71 -9.89 1.01
C ASP B 29 -9.80 -10.06 -0.49
N SER B 30 -9.65 -8.96 -1.24
CA SER B 30 -9.65 -9.03 -2.69
C SER B 30 -8.52 -9.94 -3.21
N VAL B 31 -7.34 -9.81 -2.62
CA VAL B 31 -6.20 -10.63 -3.03
C VAL B 31 -6.07 -11.89 -2.19
N GLY B 32 -6.89 -11.99 -1.16
CA GLY B 32 -6.88 -13.18 -0.32
C GLY B 32 -5.84 -13.12 0.78
N ILE B 33 -5.68 -11.94 1.37
CA ILE B 33 -4.77 -11.79 2.47
C ILE B 33 -5.50 -11.94 3.80
N GLU B 34 -5.01 -12.81 4.66
CA GLU B 34 -5.69 -13.09 5.92
C GLU B 34 -5.37 -12.03 6.96
N ALA B 35 -6.42 -11.48 7.54
CA ALA B 35 -6.30 -10.35 8.44
C ALA B 35 -7.25 -10.47 9.62
N ASP B 36 -6.83 -10.00 10.77
CA ASP B 36 -7.70 -9.97 11.94
C ASP B 36 -8.41 -8.62 12.04
N ASP B 37 -9.74 -8.69 12.23
CA ASP B 37 -10.61 -7.53 12.11
C ASP B 37 -10.53 -6.63 13.33
N ASP B 38 -9.63 -6.96 14.24
CA ASP B 38 -9.36 -6.09 15.35
C ASP B 38 -7.98 -5.44 15.19
N ARG B 39 -7.07 -6.17 14.55
CA ARG B 39 -5.72 -5.68 14.36
C ARG B 39 -5.74 -4.50 13.42
N LEU B 40 -6.44 -4.70 12.32
CA LEU B 40 -6.57 -3.64 11.34
C LEU B 40 -7.43 -2.51 11.87
N ASN B 41 -8.33 -2.80 12.79
CA ASN B 41 -9.23 -1.78 13.33
C ASN B 41 -8.50 -0.95 14.37
N LYS B 42 -7.50 -1.55 14.98
CA LYS B 42 -6.73 -0.86 15.98
C LYS B 42 -5.70 0.02 15.30
N VAL B 43 -5.17 -0.45 14.18
CA VAL B 43 -4.31 0.40 13.36
C VAL B 43 -5.14 1.54 12.79
N ILE B 44 -6.38 1.25 12.37
CA ILE B 44 -7.36 2.28 12.03
C ILE B 44 -7.36 3.37 13.08
N SER B 45 -7.66 2.95 14.30
CA SER B 45 -7.72 3.83 15.45
C SER B 45 -6.45 4.68 15.61
N GLU B 46 -5.29 4.07 15.41
CA GLU B 46 -4.02 4.80 15.53
C GLU B 46 -3.77 5.69 14.31
N LEU B 47 -4.38 5.33 13.19
CA LEU B 47 -4.21 6.03 11.92
C LEU B 47 -5.15 7.21 11.80
N ASN B 48 -6.37 7.01 12.31
CA ASN B 48 -7.47 7.98 12.17
C ASN B 48 -7.03 9.41 12.39
N GLY B 49 -7.07 10.19 11.32
CA GLY B 49 -6.64 11.58 11.37
C GLY B 49 -5.23 11.74 10.88
N LYS B 50 -4.99 11.39 9.61
CA LYS B 50 -3.65 11.47 9.03
C LYS B 50 -3.75 11.88 7.58
N ASN B 51 -2.63 12.33 7.01
CA ASN B 51 -2.58 12.72 5.61
C ASN B 51 -1.82 11.65 4.86
N ILE B 52 -2.57 10.67 4.36
CA ILE B 52 -2.03 9.43 3.81
C ILE B 52 -0.83 9.64 2.89
N GLU B 53 -1.01 10.29 1.74
CA GLU B 53 0.09 10.48 0.81
C GLU B 53 1.32 11.01 1.49
N ASP B 54 1.20 12.10 2.24
CA ASP B 54 2.39 12.70 2.84
C ASP B 54 3.01 11.76 3.87
N VAL B 55 2.20 10.90 4.48
CA VAL B 55 2.74 9.83 5.32
C VAL B 55 3.69 8.98 4.49
N ILE B 56 3.19 8.51 3.35
CA ILE B 56 3.95 7.62 2.47
C ILE B 56 4.45 8.36 1.24
N ALA B 57 4.78 9.62 1.41
CA ALA B 57 5.44 10.35 0.35
C ALA B 57 6.89 10.50 0.74
N GLN B 58 7.19 9.91 1.90
CA GLN B 58 8.55 9.83 2.44
C GLN B 58 8.75 8.49 3.11
N GLY B 59 7.73 7.63 3.06
CA GLY B 59 7.75 6.39 3.85
C GLY B 59 7.14 5.21 3.13
N ILE B 60 7.50 5.03 1.87
CA ILE B 60 7.02 3.91 1.04
C ILE B 60 7.40 2.54 1.65
N GLY B 61 8.34 2.54 2.58
CA GLY B 61 8.84 1.30 3.12
C GLY B 61 8.33 1.03 4.51
N LYS B 62 8.94 1.67 5.50
CA LYS B 62 8.55 1.50 6.87
C LYS B 62 7.29 2.28 7.24
N LEU B 63 6.18 1.95 6.57
CA LEU B 63 4.85 2.42 6.95
C LEU B 63 4.65 2.39 8.47
N ALA B 64 4.05 3.46 8.99
CA ALA B 64 3.78 3.60 10.42
C ALA B 64 5.03 3.46 11.28
N SER B 65 6.10 4.12 10.83
CA SER B 65 7.37 4.23 11.56
C SER B 65 8.00 2.87 11.93
N VAL B 66 9.24 2.95 12.39
CA VAL B 66 9.96 1.79 12.89
C VAL B 66 9.95 1.81 14.40
N PRO B 67 9.57 0.67 15.03
CA PRO B 67 9.37 0.48 16.45
C PRO B 67 9.93 1.57 17.36
N ALA B 68 9.03 2.28 18.01
CA ALA B 68 9.40 3.42 18.83
C ALA B 68 9.33 3.07 20.31
N GLY B 69 9.91 1.94 20.65
CA GLY B 69 9.85 1.44 22.02
C GLY B 69 9.36 0.02 22.07
N GLY B 70 8.34 -0.26 21.27
CA GLY B 70 7.79 -1.59 21.19
C GLY B 70 6.37 -1.57 20.65
N MET A 1 5.14 15.12 -2.66
CA MET A 1 3.96 14.21 -2.68
C MET A 1 3.88 13.48 -4.00
N ALA A 2 3.68 12.17 -3.93
CA ALA A 2 3.61 11.34 -5.12
C ALA A 2 2.22 11.34 -5.73
N SER A 3 2.13 10.84 -6.95
CA SER A 3 0.85 10.65 -7.60
C SER A 3 0.16 9.45 -6.98
N VAL A 4 -1.09 9.66 -6.60
CA VAL A 4 -1.91 8.65 -5.95
C VAL A 4 -1.95 7.34 -6.74
N SER A 5 -1.76 7.40 -8.05
CA SER A 5 -1.72 6.20 -8.85
C SER A 5 -0.46 5.41 -8.51
N GLU A 6 0.66 6.10 -8.58
CA GLU A 6 1.94 5.52 -8.23
C GLU A 6 1.91 5.02 -6.79
N LEU A 7 1.43 5.90 -5.90
CA LEU A 7 1.33 5.61 -4.48
C LEU A 7 0.38 4.44 -4.21
N ALA A 8 -0.70 4.32 -4.97
CA ALA A 8 -1.67 3.23 -4.79
C ALA A 8 -1.04 1.91 -5.21
N CYS A 9 -0.22 1.96 -6.24
CA CYS A 9 0.45 0.77 -6.71
C CYS A 9 1.43 0.34 -5.64
N ILE A 10 2.09 1.35 -5.07
CA ILE A 10 2.93 1.18 -3.90
C ILE A 10 2.19 0.38 -2.84
N TYR A 11 1.02 0.88 -2.46
CA TYR A 11 0.26 0.29 -1.37
C TYR A 11 -0.20 -1.12 -1.70
N SER A 12 -0.62 -1.34 -2.94
CA SER A 12 -1.03 -2.67 -3.37
C SER A 12 0.12 -3.64 -3.16
N ALA A 13 1.33 -3.18 -3.48
CA ALA A 13 2.54 -3.93 -3.24
C ALA A 13 2.78 -4.07 -1.74
N LEU A 14 2.34 -3.06 -0.99
CA LEU A 14 2.49 -3.05 0.44
C LEU A 14 1.63 -4.14 1.08
N ILE A 15 0.32 -4.17 0.77
CA ILE A 15 -0.57 -5.23 1.28
C ILE A 15 -0.04 -6.59 0.86
N LEU A 16 0.40 -6.67 -0.38
CA LEU A 16 0.98 -7.90 -0.90
C LEU A 16 2.22 -8.29 -0.08
N HIS A 17 3.02 -7.31 0.24
CA HIS A 17 4.25 -7.49 1.01
C HIS A 17 3.93 -7.59 2.52
N ASP A 18 2.68 -7.34 2.89
CA ASP A 18 2.26 -7.42 4.29
C ASP A 18 2.16 -8.89 4.70
N ASP A 19 1.57 -9.69 3.81
CA ASP A 19 1.44 -11.12 4.06
C ASP A 19 2.55 -11.84 3.33
N GLU A 20 3.19 -11.10 2.43
CA GLU A 20 4.21 -11.62 1.54
C GLU A 20 3.65 -12.71 0.68
N VAL A 21 2.56 -12.37 0.02
CA VAL A 21 1.86 -13.28 -0.83
C VAL A 21 2.21 -12.96 -2.28
N THR A 22 1.78 -13.81 -3.18
CA THR A 22 2.20 -13.76 -4.57
C THR A 22 1.96 -12.40 -5.22
N VAL A 23 2.94 -12.00 -6.00
CA VAL A 23 2.93 -10.71 -6.64
C VAL A 23 2.67 -10.86 -8.13
N THR A 24 1.48 -10.46 -8.54
CA THR A 24 1.10 -10.52 -9.94
C THR A 24 0.32 -9.28 -10.31
N GLU A 25 0.33 -8.92 -11.58
CA GLU A 25 -0.40 -7.75 -12.04
C GLU A 25 -1.87 -7.87 -11.63
N ASP A 26 -2.41 -9.08 -11.81
CA ASP A 26 -3.80 -9.36 -11.45
C ASP A 26 -4.01 -9.15 -9.95
N LYS A 27 -3.00 -9.44 -9.16
CA LYS A 27 -3.07 -9.32 -7.72
C LYS A 27 -3.18 -7.84 -7.35
N ILE A 28 -2.23 -7.07 -7.86
CA ILE A 28 -2.19 -5.64 -7.65
C ILE A 28 -3.47 -4.99 -8.18
N ASN A 29 -3.93 -5.48 -9.32
CA ASN A 29 -5.19 -5.02 -9.92
C ASN A 29 -6.35 -5.23 -8.94
N ALA A 30 -6.36 -6.38 -8.28
CA ALA A 30 -7.37 -6.67 -7.28
C ALA A 30 -7.34 -5.66 -6.13
N LEU A 31 -6.13 -5.37 -5.61
CA LEU A 31 -5.99 -4.34 -4.58
C LEU A 31 -6.57 -3.01 -5.07
N ILE A 32 -6.12 -2.62 -6.26
CA ILE A 32 -6.56 -1.40 -6.93
C ILE A 32 -8.07 -1.26 -6.93
N LYS A 33 -8.76 -2.32 -7.33
CA LYS A 33 -10.20 -2.27 -7.51
C LYS A 33 -10.96 -2.37 -6.19
N ALA A 34 -10.40 -3.08 -5.21
CA ALA A 34 -11.04 -3.19 -3.90
C ALA A 34 -10.99 -1.84 -3.18
N ALA A 35 -9.88 -1.14 -3.33
CA ALA A 35 -9.73 0.19 -2.76
C ALA A 35 -10.48 1.22 -3.58
N GLY A 36 -10.46 1.01 -4.89
CA GLY A 36 -11.15 1.90 -5.79
C GLY A 36 -10.24 2.94 -6.39
N VAL A 37 -8.94 2.72 -6.23
CA VAL A 37 -7.96 3.69 -6.68
C VAL A 37 -7.09 3.12 -7.77
N ASN A 38 -7.19 3.75 -8.92
CA ASN A 38 -6.57 3.26 -10.14
C ASN A 38 -5.17 3.82 -10.29
N VAL A 39 -4.36 3.05 -10.98
CA VAL A 39 -2.95 3.32 -11.12
C VAL A 39 -2.60 3.50 -12.59
N GLU A 40 -1.42 4.02 -12.84
CA GLU A 40 -0.86 4.03 -14.19
C GLU A 40 -0.44 2.61 -14.52
N PRO A 41 -1.20 1.92 -15.38
CA PRO A 41 -1.14 0.45 -15.54
C PRO A 41 0.27 -0.13 -15.75
N PHE A 42 1.16 0.64 -16.36
CA PHE A 42 2.54 0.19 -16.54
C PHE A 42 3.17 -0.09 -15.18
N TRP A 43 2.70 0.63 -14.16
CA TRP A 43 3.14 0.41 -12.79
C TRP A 43 2.76 -0.98 -12.30
N PRO A 44 1.47 -1.36 -12.24
CA PRO A 44 1.07 -2.73 -11.88
C PRO A 44 1.92 -3.78 -12.59
N GLY A 45 2.13 -3.59 -13.90
CA GLY A 45 2.97 -4.51 -14.64
C GLY A 45 4.39 -4.54 -14.12
N LEU A 46 5.02 -3.37 -14.08
CA LEU A 46 6.41 -3.23 -13.66
C LEU A 46 6.60 -3.55 -12.17
N PHE A 47 5.57 -3.34 -11.38
CA PHE A 47 5.60 -3.66 -9.97
C PHE A 47 5.61 -5.16 -9.78
N ALA A 48 4.73 -5.85 -10.50
CA ALA A 48 4.68 -7.30 -10.44
C ALA A 48 6.00 -7.89 -10.92
N LYS A 49 6.57 -7.20 -11.90
CA LYS A 49 7.86 -7.54 -12.47
C LYS A 49 9.01 -7.26 -11.49
N ALA A 50 8.95 -6.13 -10.80
CA ALA A 50 10.03 -5.69 -9.95
C ALA A 50 10.01 -6.34 -8.57
N LEU A 51 8.83 -6.41 -7.95
CA LEU A 51 8.69 -6.85 -6.56
C LEU A 51 9.12 -8.30 -6.36
N ALA A 52 9.28 -9.04 -7.46
CA ALA A 52 9.75 -10.42 -7.37
C ALA A 52 11.27 -10.46 -7.28
N ASN A 53 11.89 -9.31 -7.50
CA ASN A 53 13.35 -9.21 -7.52
C ASN A 53 13.81 -8.19 -6.47
N VAL A 54 13.18 -7.03 -6.48
CA VAL A 54 13.47 -5.98 -5.51
C VAL A 54 12.41 -6.02 -4.40
N ASN A 55 12.39 -5.01 -3.55
CA ASN A 55 11.39 -4.96 -2.51
C ASN A 55 10.70 -3.61 -2.46
N ILE A 56 9.87 -3.40 -1.45
CA ILE A 56 9.06 -2.19 -1.34
C ILE A 56 9.93 -0.96 -1.13
N GLY A 57 11.09 -1.16 -0.55
CA GLY A 57 11.99 -0.05 -0.31
C GLY A 57 12.60 0.45 -1.59
N SER A 58 12.48 -0.35 -2.64
CA SER A 58 13.00 0.01 -3.94
C SER A 58 12.05 0.97 -4.64
N LEU A 59 10.79 0.95 -4.21
CA LEU A 59 9.75 1.77 -4.79
C LEU A 59 10.06 3.26 -4.61
N ILE A 60 10.70 3.56 -3.50
CA ILE A 60 11.07 4.91 -3.15
C ILE A 60 12.10 5.46 -4.14
N CYS A 61 12.72 4.57 -4.91
CA CYS A 61 13.75 4.94 -5.86
C CYS A 61 13.15 5.11 -7.25
N ASN A 62 11.88 4.74 -7.41
CA ASN A 62 11.25 4.76 -8.72
C ASN A 62 11.18 6.17 -9.29
N VAL A 63 11.08 7.14 -8.40
CA VAL A 63 11.00 8.55 -8.81
C VAL A 63 12.34 9.24 -8.64
N GLY A 64 13.39 8.47 -8.78
CA GLY A 64 14.73 9.01 -8.65
C GLY A 64 15.78 7.96 -8.97
N ALA A 65 15.67 7.37 -10.15
CA ALA A 65 16.58 6.31 -10.56
C ALA A 65 17.42 6.75 -11.76
N GLY A 66 17.51 8.05 -11.96
CA GLY A 66 18.31 8.58 -13.06
C GLY A 66 19.73 8.87 -12.63
N GLY A 67 20.37 7.87 -12.05
CA GLY A 67 21.74 8.05 -11.56
C GLY A 67 21.90 7.51 -10.15
N PRO A 68 22.87 6.61 -9.94
CA PRO A 68 23.12 6.01 -8.62
C PRO A 68 23.72 7.02 -7.64
N ALA A 69 23.79 6.61 -6.37
CA ALA A 69 24.33 7.46 -5.32
C ALA A 69 25.39 6.70 -4.54
N ALA B 1 6.18 -0.11 12.17
CA ALA B 1 5.17 -1.17 12.38
C ALA B 1 4.15 -1.17 11.25
N MET B 2 4.45 -1.89 10.18
CA MET B 2 3.56 -1.94 9.03
C MET B 2 2.67 -3.18 9.08
N ARG B 3 1.45 -2.99 9.52
CA ARG B 3 0.43 -4.02 9.43
C ARG B 3 -0.91 -3.38 9.14
N TYR B 4 -1.44 -3.63 7.94
CA TYR B 4 -2.74 -3.11 7.49
C TYR B 4 -2.70 -1.60 7.19
N VAL B 5 -1.63 -0.96 7.67
CA VAL B 5 -1.36 0.45 7.37
C VAL B 5 -1.61 0.74 5.92
N ALA B 6 -1.03 -0.10 5.08
CA ALA B 6 -1.05 0.09 3.65
C ALA B 6 -2.47 -0.02 3.09
N SER B 7 -3.24 -0.94 3.65
CA SER B 7 -4.63 -1.12 3.24
C SER B 7 -5.42 0.14 3.54
N TYR B 8 -5.09 0.75 4.66
CA TYR B 8 -5.71 1.99 5.09
C TYR B 8 -5.37 3.07 4.09
N LEU B 9 -4.09 3.15 3.74
CA LEU B 9 -3.63 4.09 2.75
C LEU B 9 -4.34 3.88 1.42
N LEU B 10 -4.41 2.63 0.99
CA LEU B 10 -5.08 2.28 -0.26
C LEU B 10 -6.50 2.81 -0.28
N ALA B 11 -7.23 2.55 0.79
CA ALA B 11 -8.63 2.96 0.84
C ALA B 11 -8.75 4.48 0.82
N ALA B 12 -7.86 5.14 1.55
CA ALA B 12 -7.86 6.60 1.61
C ALA B 12 -7.44 7.19 0.26
N LEU B 13 -6.77 6.38 -0.53
CA LEU B 13 -6.41 6.74 -1.89
C LEU B 13 -7.57 6.44 -2.83
N GLY B 14 -8.24 5.33 -2.56
CA GLY B 14 -9.36 4.91 -3.37
C GLY B 14 -10.49 5.90 -3.35
N GLY B 15 -10.72 6.47 -2.17
CA GLY B 15 -11.74 7.48 -2.05
C GLY B 15 -12.29 7.59 -0.66
N ASN B 16 -11.72 6.85 0.29
CA ASN B 16 -12.19 6.90 1.66
C ASN B 16 -11.08 7.39 2.54
N SER B 17 -11.06 8.69 2.76
CA SER B 17 -9.90 9.37 3.32
C SER B 17 -9.87 9.22 4.84
N SER B 18 -10.46 8.13 5.27
CA SER B 18 -10.54 7.73 6.66
C SER B 18 -11.11 6.32 6.72
N PRO B 19 -10.31 5.39 6.23
CA PRO B 19 -10.66 3.98 6.06
C PRO B 19 -10.94 3.30 7.39
N SER B 20 -11.70 2.24 7.35
CA SER B 20 -11.97 1.51 8.57
C SER B 20 -11.58 0.06 8.43
N ALA B 21 -11.77 -0.70 9.48
CA ALA B 21 -11.29 -2.07 9.53
C ALA B 21 -12.01 -2.90 8.51
N LYS B 22 -13.28 -2.62 8.39
CA LYS B 22 -14.14 -3.24 7.39
C LYS B 22 -13.62 -2.92 5.99
N ASP B 23 -13.14 -1.69 5.82
CA ASP B 23 -12.65 -1.26 4.51
C ASP B 23 -11.30 -1.92 4.25
N ILE B 24 -10.52 -2.08 5.31
CA ILE B 24 -9.28 -2.83 5.24
C ILE B 24 -9.57 -4.26 4.81
N LYS B 25 -10.60 -4.85 5.40
CA LYS B 25 -10.99 -6.20 5.11
C LYS B 25 -11.29 -6.32 3.63
N LYS B 26 -12.03 -5.35 3.10
CA LYS B 26 -12.20 -5.23 1.67
C LYS B 26 -10.91 -5.40 0.92
N ILE B 27 -10.03 -4.42 1.14
CA ILE B 27 -8.85 -4.29 0.34
C ILE B 27 -8.04 -5.58 0.34
N LEU B 28 -7.89 -6.20 1.50
CA LEU B 28 -7.10 -7.43 1.57
C LEU B 28 -7.90 -8.68 1.21
N ASP B 29 -9.23 -8.62 1.34
CA ASP B 29 -10.08 -9.76 1.01
C ASP B 29 -10.09 -9.99 -0.49
N SER B 30 -9.89 -8.92 -1.25
CA SER B 30 -9.83 -9.01 -2.70
C SER B 30 -8.77 -10.03 -3.15
N VAL B 31 -7.58 -9.94 -2.55
CA VAL B 31 -6.49 -10.85 -2.88
C VAL B 31 -6.52 -12.10 -2.02
N GLY B 32 -7.25 -12.04 -0.91
CA GLY B 32 -7.40 -13.20 -0.06
C GLY B 32 -6.50 -13.15 1.16
N ILE B 33 -6.01 -11.97 1.48
CA ILE B 33 -5.16 -11.79 2.65
C ILE B 33 -6.00 -11.77 3.92
N GLU B 34 -5.81 -12.77 4.77
CA GLU B 34 -6.62 -12.92 5.96
C GLU B 34 -6.14 -11.97 7.04
N ALA B 35 -7.10 -11.37 7.73
CA ALA B 35 -6.79 -10.28 8.64
C ALA B 35 -7.61 -10.35 9.92
N ASP B 36 -6.99 -9.97 11.03
CA ASP B 36 -7.69 -9.90 12.30
C ASP B 36 -8.42 -8.57 12.40
N ASP B 37 -9.72 -8.63 12.70
CA ASP B 37 -10.60 -7.49 12.55
C ASP B 37 -10.41 -6.48 13.68
N ASP B 38 -9.51 -6.80 14.60
CA ASP B 38 -9.14 -5.85 15.61
C ASP B 38 -7.79 -5.24 15.29
N ARG B 39 -6.95 -6.03 14.65
CA ARG B 39 -5.60 -5.60 14.31
C ARG B 39 -5.68 -4.44 13.36
N LEU B 40 -6.40 -4.66 12.28
CA LEU B 40 -6.57 -3.63 11.27
C LEU B 40 -7.37 -2.46 11.83
N ASN B 41 -8.25 -2.73 12.78
CA ASN B 41 -9.11 -1.68 13.33
C ASN B 41 -8.32 -0.80 14.27
N LYS B 42 -7.27 -1.37 14.83
CA LYS B 42 -6.44 -0.64 15.75
C LYS B 42 -5.41 0.18 14.98
N VAL B 43 -4.98 -0.34 13.82
CA VAL B 43 -4.15 0.46 12.92
C VAL B 43 -5.02 1.57 12.32
N ILE B 44 -6.29 1.27 12.10
CA ILE B 44 -7.30 2.30 11.79
C ILE B 44 -7.16 3.43 12.80
N SER B 45 -7.38 3.08 14.05
CA SER B 45 -7.26 4.02 15.16
C SER B 45 -5.95 4.80 15.12
N GLU B 46 -4.84 4.11 14.85
CA GLU B 46 -3.52 4.76 14.84
C GLU B 46 -3.35 5.69 13.64
N LEU B 47 -4.00 5.38 12.51
CA LEU B 47 -3.82 6.20 11.32
C LEU B 47 -4.91 7.28 11.23
N ASN B 48 -5.99 7.08 11.98
CA ASN B 48 -7.12 7.98 11.97
C ASN B 48 -6.70 9.40 12.34
N GLY B 49 -6.83 10.31 11.38
CA GLY B 49 -6.45 11.69 11.61
C GLY B 49 -5.14 12.05 10.92
N LYS B 50 -4.71 11.21 9.99
CA LYS B 50 -3.48 11.44 9.25
C LYS B 50 -3.77 11.74 7.79
N ASN B 51 -2.83 12.40 7.12
CA ASN B 51 -2.94 12.66 5.70
C ASN B 51 -2.15 11.60 4.96
N ILE B 52 -2.86 10.57 4.53
CA ILE B 52 -2.27 9.36 4.01
C ILE B 52 -1.11 9.61 3.05
N GLU B 53 -1.37 10.30 1.95
CA GLU B 53 -0.35 10.49 0.92
C GLU B 53 0.90 11.14 1.48
N ASP B 54 0.76 12.10 2.38
CA ASP B 54 1.91 12.77 2.95
C ASP B 54 2.62 11.88 3.96
N VAL B 55 1.88 10.96 4.58
CA VAL B 55 2.49 9.91 5.40
C VAL B 55 3.45 9.11 4.52
N ILE B 56 2.95 8.67 3.38
CA ILE B 56 3.73 7.84 2.48
C ILE B 56 4.18 8.61 1.24
N ALA B 57 4.45 9.88 1.41
CA ALA B 57 5.09 10.63 0.34
C ALA B 57 6.57 10.63 0.62
N GLN B 58 6.89 10.06 1.76
CA GLN B 58 8.26 9.86 2.20
C GLN B 58 8.44 8.44 2.77
N GLY B 59 7.35 7.89 3.31
CA GLY B 59 7.43 6.64 4.04
C GLY B 59 6.89 5.43 3.30
N ILE B 60 7.27 5.27 2.02
CA ILE B 60 6.88 4.10 1.22
C ILE B 60 7.32 2.79 1.91
N GLY B 61 8.33 2.88 2.75
CA GLY B 61 8.82 1.73 3.46
C GLY B 61 8.58 1.84 4.95
N LYS B 62 8.82 3.02 5.50
CA LYS B 62 8.64 3.29 6.92
C LYS B 62 7.17 3.44 7.32
N LEU B 63 6.28 2.64 6.73
CA LEU B 63 4.86 2.66 7.09
C LEU B 63 4.65 2.61 8.61
N ALA B 64 3.83 3.54 9.09
CA ALA B 64 3.48 3.64 10.50
C ALA B 64 4.69 3.56 11.42
N SER B 65 5.65 4.45 11.17
CA SER B 65 6.82 4.68 12.02
C SER B 65 7.69 3.43 12.23
N VAL B 66 8.91 3.49 11.70
CA VAL B 66 9.92 2.50 11.98
C VAL B 66 10.35 2.62 13.44
N PRO B 67 10.41 1.49 14.19
CA PRO B 67 10.51 1.40 15.64
C PRO B 67 10.66 2.72 16.39
N ALA B 68 9.60 3.08 17.08
CA ALA B 68 9.49 4.37 17.73
C ALA B 68 10.19 4.38 19.08
N GLY B 69 11.44 4.82 19.09
CA GLY B 69 12.18 4.92 20.32
C GLY B 69 13.60 5.35 20.09
N GLY B 70 14.47 4.93 20.99
CA GLY B 70 15.86 5.35 20.95
C GLY B 70 16.03 6.78 21.42
N MET A 1 5.57 15.00 -3.55
CA MET A 1 4.55 13.96 -3.26
C MET A 1 4.23 13.16 -4.51
N ALA A 2 4.22 11.85 -4.38
CA ALA A 2 3.84 10.96 -5.46
C ALA A 2 2.37 11.12 -5.81
N SER A 3 2.04 10.93 -7.07
CA SER A 3 0.66 10.90 -7.50
C SER A 3 0.00 9.65 -6.97
N VAL A 4 -1.25 9.81 -6.61
CA VAL A 4 -2.06 8.76 -6.02
C VAL A 4 -2.04 7.47 -6.84
N SER A 5 -1.75 7.57 -8.12
CA SER A 5 -1.69 6.40 -8.97
C SER A 5 -0.46 5.57 -8.60
N GLU A 6 0.70 6.20 -8.70
CA GLU A 6 1.94 5.56 -8.30
C GLU A 6 1.83 5.07 -6.87
N LEU A 7 1.43 5.98 -5.99
CA LEU A 7 1.26 5.69 -4.58
C LEU A 7 0.28 4.52 -4.33
N ALA A 8 -0.78 4.43 -5.13
CA ALA A 8 -1.74 3.33 -4.95
C ALA A 8 -1.14 2.01 -5.38
N CYS A 9 -0.26 2.06 -6.37
CA CYS A 9 0.41 0.86 -6.82
C CYS A 9 1.40 0.44 -5.76
N ILE A 10 2.03 1.46 -5.16
CA ILE A 10 2.85 1.30 -4.00
C ILE A 10 2.10 0.48 -2.94
N TYR A 11 0.91 0.96 -2.59
CA TYR A 11 0.15 0.37 -1.49
C TYR A 11 -0.35 -1.02 -1.82
N SER A 12 -0.88 -1.22 -3.02
CA SER A 12 -1.31 -2.54 -3.43
C SER A 12 -0.17 -3.55 -3.26
N ALA A 13 1.01 -3.14 -3.72
CA ALA A 13 2.22 -3.92 -3.51
C ALA A 13 2.49 -4.08 -2.01
N LEU A 14 2.20 -3.02 -1.26
CA LEU A 14 2.41 -3.02 0.17
C LEU A 14 1.58 -4.12 0.83
N ILE A 15 0.26 -4.09 0.61
CA ILE A 15 -0.63 -5.14 1.15
C ILE A 15 -0.10 -6.50 0.77
N LEU A 16 0.29 -6.64 -0.49
CA LEU A 16 0.85 -7.88 -0.98
C LEU A 16 2.05 -8.32 -0.14
N HIS A 17 2.82 -7.35 0.33
CA HIS A 17 3.97 -7.65 1.19
C HIS A 17 3.57 -7.81 2.65
N ASP A 18 2.37 -7.38 3.01
CA ASP A 18 1.92 -7.48 4.40
C ASP A 18 1.55 -8.92 4.72
N ASP A 19 1.01 -9.61 3.72
CA ASP A 19 0.72 -11.03 3.86
C ASP A 19 1.87 -11.83 3.28
N GLU A 20 2.73 -11.09 2.58
CA GLU A 20 3.85 -11.66 1.85
C GLU A 20 3.37 -12.73 0.89
N VAL A 21 2.36 -12.36 0.11
CA VAL A 21 1.69 -13.26 -0.77
C VAL A 21 2.06 -12.93 -2.21
N THR A 22 1.60 -13.75 -3.13
CA THR A 22 2.00 -13.70 -4.53
C THR A 22 1.83 -12.34 -5.17
N VAL A 23 2.84 -11.97 -5.94
CA VAL A 23 2.88 -10.68 -6.59
C VAL A 23 2.58 -10.82 -8.08
N THR A 24 1.42 -10.36 -8.49
CA THR A 24 1.00 -10.44 -9.89
C THR A 24 0.19 -9.21 -10.28
N GLU A 25 0.18 -8.91 -11.56
CA GLU A 25 -0.57 -7.76 -12.08
C GLU A 25 -2.04 -7.86 -11.70
N ASP A 26 -2.60 -9.06 -11.81
CA ASP A 26 -4.01 -9.29 -11.47
C ASP A 26 -4.23 -9.10 -9.98
N LYS A 27 -3.18 -9.33 -9.19
CA LYS A 27 -3.26 -9.21 -7.75
C LYS A 27 -3.36 -7.73 -7.39
N ILE A 28 -2.43 -6.96 -7.95
CA ILE A 28 -2.41 -5.52 -7.77
C ILE A 28 -3.71 -4.91 -8.30
N ASN A 29 -4.21 -5.45 -9.41
CA ASN A 29 -5.51 -5.05 -9.95
C ASN A 29 -6.61 -5.27 -8.92
N ALA A 30 -6.57 -6.42 -8.26
CA ALA A 30 -7.54 -6.73 -7.21
C ALA A 30 -7.52 -5.68 -6.11
N LEU A 31 -6.32 -5.31 -5.65
CA LEU A 31 -6.19 -4.23 -4.67
C LEU A 31 -6.78 -2.92 -5.22
N ILE A 32 -6.32 -2.55 -6.41
CA ILE A 32 -6.75 -1.33 -7.09
C ILE A 32 -8.26 -1.19 -7.12
N LYS A 33 -8.94 -2.24 -7.58
CA LYS A 33 -10.38 -2.23 -7.76
C LYS A 33 -11.13 -2.38 -6.44
N ALA A 34 -10.51 -3.04 -5.46
CA ALA A 34 -11.13 -3.18 -4.15
C ALA A 34 -11.19 -1.85 -3.44
N ALA A 35 -10.10 -1.08 -3.55
CA ALA A 35 -10.05 0.25 -2.95
C ALA A 35 -10.79 1.26 -3.80
N GLY A 36 -10.65 1.12 -5.11
CA GLY A 36 -11.28 2.03 -6.04
C GLY A 36 -10.31 3.06 -6.58
N VAL A 37 -9.03 2.78 -6.42
CA VAL A 37 -7.99 3.72 -6.85
C VAL A 37 -7.08 3.07 -7.87
N ASN A 38 -7.02 3.70 -9.03
CA ASN A 38 -6.33 3.12 -10.17
C ASN A 38 -4.96 3.73 -10.35
N VAL A 39 -4.17 3.09 -11.19
CA VAL A 39 -2.77 3.40 -11.35
C VAL A 39 -2.41 3.52 -12.83
N GLU A 40 -1.24 4.10 -13.12
CA GLU A 40 -0.67 4.05 -14.44
C GLU A 40 -0.27 2.62 -14.73
N PRO A 41 -1.01 1.92 -15.60
CA PRO A 41 -0.96 0.46 -15.73
C PRO A 41 0.43 -0.16 -15.89
N PHE A 42 1.37 0.59 -16.49
CA PHE A 42 2.73 0.09 -16.63
C PHE A 42 3.33 -0.18 -15.25
N TRP A 43 2.85 0.57 -14.26
CA TRP A 43 3.28 0.38 -12.88
C TRP A 43 2.87 -1.00 -12.37
N PRO A 44 1.55 -1.36 -12.32
CA PRO A 44 1.13 -2.70 -11.94
C PRO A 44 1.93 -3.78 -12.65
N GLY A 45 2.13 -3.59 -13.96
CA GLY A 45 2.96 -4.51 -14.72
C GLY A 45 4.38 -4.62 -14.17
N LEU A 46 5.10 -3.51 -14.19
CA LEU A 46 6.49 -3.45 -13.77
C LEU A 46 6.66 -3.76 -12.28
N PHE A 47 5.67 -3.39 -11.48
CA PHE A 47 5.66 -3.70 -10.06
C PHE A 47 5.64 -5.20 -9.87
N ALA A 48 4.72 -5.87 -10.54
CA ALA A 48 4.59 -7.31 -10.40
C ALA A 48 5.83 -8.00 -10.96
N LYS A 49 6.43 -7.33 -11.93
CA LYS A 49 7.70 -7.76 -12.51
C LYS A 49 8.85 -7.70 -11.52
N ALA A 50 8.99 -6.55 -10.86
CA ALA A 50 10.17 -6.27 -10.05
C ALA A 50 10.02 -6.75 -8.60
N LEU A 51 8.83 -6.65 -8.03
CA LEU A 51 8.64 -6.92 -6.61
C LEU A 51 8.80 -8.41 -6.28
N ALA A 52 9.08 -9.21 -7.30
CA ALA A 52 9.41 -10.61 -7.10
C ALA A 52 10.89 -10.77 -6.78
N ASN A 53 11.62 -9.66 -6.78
CA ASN A 53 13.05 -9.69 -6.49
C ASN A 53 13.48 -8.45 -5.70
N VAL A 54 12.93 -7.29 -6.05
CA VAL A 54 13.23 -6.05 -5.35
C VAL A 54 12.38 -5.95 -4.08
N ASN A 55 12.43 -4.81 -3.44
CA ASN A 55 11.63 -4.58 -2.26
C ASN A 55 10.70 -3.39 -2.45
N ILE A 56 9.87 -3.15 -1.47
CA ILE A 56 8.96 -2.01 -1.50
C ILE A 56 9.74 -0.73 -1.20
N GLY A 57 10.84 -0.89 -0.46
CA GLY A 57 11.72 0.23 -0.20
C GLY A 57 12.50 0.61 -1.44
N SER A 58 12.40 -0.22 -2.47
CA SER A 58 13.04 0.04 -3.74
C SER A 58 12.19 1.01 -4.54
N LEU A 59 10.90 1.02 -4.23
CA LEU A 59 9.94 1.87 -4.92
C LEU A 59 10.29 3.33 -4.75
N ILE A 60 10.85 3.63 -3.60
CA ILE A 60 11.22 4.98 -3.22
C ILE A 60 12.30 5.54 -4.17
N CYS A 61 12.92 4.65 -4.92
CA CYS A 61 14.01 5.01 -5.80
C CYS A 61 13.49 5.44 -7.17
N ASN A 62 12.18 5.35 -7.36
CA ASN A 62 11.58 5.60 -8.67
C ASN A 62 11.91 6.99 -9.18
N VAL A 63 12.12 7.93 -8.25
CA VAL A 63 12.40 9.33 -8.61
C VAL A 63 13.89 9.56 -8.82
N GLY A 64 14.57 8.53 -9.26
CA GLY A 64 15.98 8.63 -9.54
C GLY A 64 16.84 8.05 -8.44
N ALA A 65 17.27 8.92 -7.52
CA ALA A 65 18.09 8.53 -6.37
C ALA A 65 19.43 7.91 -6.78
N GLY A 66 19.78 8.06 -8.06
CA GLY A 66 21.03 7.52 -8.56
C GLY A 66 21.15 6.03 -8.39
N GLY A 67 20.18 5.29 -8.93
CA GLY A 67 20.17 3.85 -8.78
C GLY A 67 21.41 3.19 -9.34
N PRO A 68 21.99 2.24 -8.58
CA PRO A 68 23.20 1.52 -9.00
C PRO A 68 22.96 0.70 -10.26
N ALA A 69 22.00 -0.22 -10.19
CA ALA A 69 21.66 -1.06 -11.32
C ALA A 69 20.17 -1.43 -11.29
N ALA B 1 5.65 -7.52 5.70
CA ALA B 1 4.52 -7.37 6.63
C ALA B 1 4.70 -6.16 7.53
N MET B 2 3.62 -5.44 7.75
CA MET B 2 3.64 -4.29 8.65
C MET B 2 2.47 -4.37 9.60
N ARG B 3 1.28 -3.94 9.13
CA ARG B 3 0.05 -4.02 9.93
C ARG B 3 -1.08 -3.21 9.29
N TYR B 4 -1.45 -3.56 8.06
CA TYR B 4 -2.68 -3.05 7.42
C TYR B 4 -2.63 -1.53 7.13
N VAL B 5 -1.54 -0.88 7.56
CA VAL B 5 -1.28 0.53 7.26
C VAL B 5 -1.58 0.79 5.79
N ALA B 6 -1.06 -0.12 4.96
CA ALA B 6 -1.12 0.02 3.53
C ALA B 6 -2.55 -0.08 3.00
N SER B 7 -3.33 -0.97 3.59
CA SER B 7 -4.73 -1.14 3.20
C SER B 7 -5.50 0.14 3.48
N TYR B 8 -5.15 0.76 4.61
CA TYR B 8 -5.73 2.02 5.03
C TYR B 8 -5.40 3.07 3.98
N LEU B 9 -4.13 3.13 3.65
CA LEU B 9 -3.64 4.02 2.64
C LEU B 9 -4.37 3.83 1.31
N LEU B 10 -4.49 2.57 0.89
CA LEU B 10 -5.18 2.25 -0.36
C LEU B 10 -6.59 2.79 -0.36
N ALA B 11 -7.33 2.55 0.72
CA ALA B 11 -8.71 2.97 0.79
C ALA B 11 -8.81 4.49 0.74
N ALA B 12 -7.90 5.16 1.42
CA ALA B 12 -7.88 6.61 1.45
C ALA B 12 -7.55 7.18 0.08
N LEU B 13 -6.80 6.41 -0.68
CA LEU B 13 -6.48 6.76 -2.05
C LEU B 13 -7.63 6.40 -2.98
N GLY B 14 -8.31 5.31 -2.64
CA GLY B 14 -9.45 4.85 -3.42
C GLY B 14 -10.58 5.84 -3.38
N GLY B 15 -10.62 6.63 -2.32
CA GLY B 15 -11.61 7.66 -2.22
C GLY B 15 -12.09 7.87 -0.80
N ASN B 16 -11.64 7.05 0.13
CA ASN B 16 -12.12 7.15 1.49
C ASN B 16 -10.97 7.52 2.39
N SER B 17 -10.79 8.82 2.57
CA SER B 17 -9.57 9.38 3.11
C SER B 17 -9.49 9.22 4.62
N SER B 18 -10.22 8.24 5.10
CA SER B 18 -10.29 7.91 6.50
C SER B 18 -10.91 6.52 6.65
N PRO B 19 -10.14 5.54 6.18
CA PRO B 19 -10.54 4.13 6.08
C PRO B 19 -10.78 3.50 7.43
N SER B 20 -11.54 2.43 7.45
CA SER B 20 -11.78 1.72 8.70
C SER B 20 -11.43 0.25 8.55
N ALA B 21 -11.68 -0.53 9.59
CA ALA B 21 -11.14 -1.88 9.67
C ALA B 21 -11.76 -2.76 8.62
N LYS B 22 -13.02 -2.48 8.38
CA LYS B 22 -13.81 -3.22 7.44
C LYS B 22 -13.41 -2.82 6.02
N ASP B 23 -12.89 -1.59 5.86
CA ASP B 23 -12.36 -1.16 4.58
C ASP B 23 -11.05 -1.87 4.33
N ILE B 24 -10.26 -1.97 5.39
CA ILE B 24 -9.03 -2.75 5.36
C ILE B 24 -9.33 -4.16 4.88
N LYS B 25 -10.36 -4.75 5.49
CA LYS B 25 -10.73 -6.12 5.22
C LYS B 25 -11.14 -6.27 3.77
N LYS B 26 -11.88 -5.31 3.24
CA LYS B 26 -12.14 -5.30 1.82
C LYS B 26 -10.87 -5.43 1.03
N ILE B 27 -10.02 -4.44 1.22
CA ILE B 27 -8.87 -4.30 0.39
C ILE B 27 -8.01 -5.55 0.43
N LEU B 28 -7.85 -6.14 1.61
CA LEU B 28 -7.02 -7.33 1.76
C LEU B 28 -7.76 -8.60 1.31
N ASP B 29 -9.07 -8.63 1.50
CA ASP B 29 -9.85 -9.82 1.15
C ASP B 29 -9.94 -10.00 -0.35
N SER B 30 -9.79 -8.90 -1.10
CA SER B 30 -9.78 -8.99 -2.56
C SER B 30 -8.69 -9.94 -3.06
N VAL B 31 -7.54 -9.95 -2.38
CA VAL B 31 -6.43 -10.82 -2.74
C VAL B 31 -6.31 -11.99 -1.78
N GLY B 32 -7.15 -12.01 -0.76
CA GLY B 32 -7.16 -13.11 0.19
C GLY B 32 -6.08 -12.99 1.24
N ILE B 33 -5.80 -11.77 1.66
CA ILE B 33 -4.82 -11.53 2.71
C ILE B 33 -5.42 -11.82 4.08
N GLU B 34 -4.71 -12.57 4.90
CA GLU B 34 -5.24 -12.96 6.20
C GLU B 34 -5.16 -11.81 7.18
N ALA B 35 -6.29 -11.48 7.77
CA ALA B 35 -6.40 -10.32 8.61
C ALA B 35 -7.16 -10.60 9.89
N ASP B 36 -6.72 -9.98 10.97
CA ASP B 36 -7.47 -10.01 12.22
C ASP B 36 -8.18 -8.67 12.40
N ASP B 37 -9.47 -8.76 12.74
CA ASP B 37 -10.37 -7.62 12.69
C ASP B 37 -10.09 -6.65 13.82
N ASP B 38 -9.24 -7.06 14.74
CA ASP B 38 -8.82 -6.16 15.79
C ASP B 38 -7.52 -5.50 15.43
N ARG B 39 -6.69 -6.21 14.66
CA ARG B 39 -5.37 -5.74 14.33
C ARG B 39 -5.50 -4.53 13.43
N LEU B 40 -6.27 -4.73 12.38
CA LEU B 40 -6.49 -3.67 11.42
C LEU B 40 -7.29 -2.54 12.04
N ASN B 41 -8.15 -2.86 12.98
CA ASN B 41 -9.00 -1.85 13.61
C ASN B 41 -8.19 -1.03 14.59
N LYS B 42 -7.12 -1.63 15.09
CA LYS B 42 -6.25 -0.96 16.03
C LYS B 42 -5.35 -0.01 15.25
N VAL B 43 -4.90 -0.45 14.08
CA VAL B 43 -4.13 0.41 13.19
C VAL B 43 -5.03 1.52 12.64
N ILE B 44 -6.30 1.19 12.43
CA ILE B 44 -7.32 2.19 12.16
C ILE B 44 -7.23 3.29 13.20
N SER B 45 -7.46 2.90 14.44
CA SER B 45 -7.43 3.81 15.56
C SER B 45 -6.11 4.59 15.62
N GLU B 46 -5.01 3.93 15.23
CA GLU B 46 -3.70 4.55 15.26
C GLU B 46 -3.47 5.50 14.07
N LEU B 47 -4.06 5.21 12.93
CA LEU B 47 -3.90 6.08 11.76
C LEU B 47 -4.97 7.18 11.74
N ASN B 48 -6.15 6.85 12.25
CA ASN B 48 -7.35 7.68 12.14
C ASN B 48 -7.05 9.16 12.30
N GLY B 49 -7.37 9.93 11.26
CA GLY B 49 -7.09 11.35 11.26
C GLY B 49 -5.73 11.67 10.69
N LYS B 50 -5.34 10.91 9.67
CA LYS B 50 -4.04 11.06 9.06
C LYS B 50 -4.19 11.49 7.61
N ASN B 51 -3.14 12.06 7.05
CA ASN B 51 -3.11 12.46 5.65
C ASN B 51 -2.24 11.50 4.88
N ILE B 52 -2.89 10.44 4.40
CA ILE B 52 -2.22 9.25 3.87
C ILE B 52 -1.08 9.57 2.91
N GLU B 53 -1.37 10.21 1.79
CA GLU B 53 -0.37 10.44 0.75
C GLU B 53 0.89 11.10 1.28
N ASP B 54 0.74 11.97 2.27
CA ASP B 54 1.90 12.66 2.82
C ASP B 54 2.61 11.77 3.84
N VAL B 55 1.84 10.95 4.56
CA VAL B 55 2.44 9.91 5.40
C VAL B 55 3.39 9.07 4.55
N ILE B 56 2.90 8.65 3.40
CA ILE B 56 3.66 7.82 2.50
C ILE B 56 4.09 8.60 1.26
N ALA B 57 4.45 9.85 1.44
CA ALA B 57 5.16 10.55 0.39
C ALA B 57 6.62 10.51 0.73
N GLN B 58 6.90 9.74 1.77
CA GLN B 58 8.24 9.46 2.27
C GLN B 58 8.30 8.01 2.75
N GLY B 59 7.27 7.60 3.48
CA GLY B 59 7.26 6.30 4.13
C GLY B 59 6.74 5.18 3.25
N ILE B 60 7.23 5.09 2.02
CA ILE B 60 6.87 3.99 1.10
C ILE B 60 7.36 2.65 1.66
N GLY B 61 8.23 2.72 2.65
CA GLY B 61 8.77 1.55 3.29
C GLY B 61 8.69 1.67 4.78
N LYS B 62 8.33 0.58 5.45
CA LYS B 62 8.05 0.59 6.88
C LYS B 62 6.97 1.61 7.21
N LEU B 63 5.96 1.67 6.33
CA LEU B 63 4.75 2.49 6.50
C LEU B 63 4.37 2.73 7.96
N ALA B 64 4.34 4.00 8.32
CA ALA B 64 3.95 4.48 9.65
C ALA B 64 4.58 3.69 10.79
N SER B 65 3.90 2.65 11.22
CA SER B 65 4.36 1.83 12.32
C SER B 65 5.43 0.85 11.86
N VAL B 66 6.67 1.16 12.20
CA VAL B 66 7.80 0.34 11.81
C VAL B 66 7.85 -0.92 12.69
N PRO B 67 7.99 -2.09 12.05
CA PRO B 67 8.10 -3.41 12.65
C PRO B 67 8.47 -3.42 14.13
N ALA B 68 7.57 -3.97 14.94
CA ALA B 68 7.71 -4.00 16.38
C ALA B 68 8.03 -2.62 16.96
N GLY B 69 7.17 -1.67 16.66
CA GLY B 69 7.36 -0.30 17.11
C GLY B 69 6.79 -0.09 18.49
N GLY B 70 7.36 -0.77 19.47
CA GLY B 70 6.91 -0.62 20.83
C GLY B 70 7.76 0.38 21.58
N MET A 1 6.33 14.71 -4.42
CA MET A 1 5.21 13.91 -3.90
C MET A 1 4.73 12.92 -4.96
N ALA A 2 4.61 11.66 -4.56
CA ALA A 2 4.13 10.62 -5.45
C ALA A 2 2.70 10.87 -5.91
N SER A 3 2.40 10.40 -7.11
CA SER A 3 1.06 10.44 -7.64
C SER A 3 0.27 9.30 -7.04
N VAL A 4 -0.92 9.63 -6.54
CA VAL A 4 -1.80 8.69 -5.87
C VAL A 4 -1.98 7.36 -6.63
N SER A 5 -1.86 7.38 -7.95
CA SER A 5 -1.93 6.15 -8.72
C SER A 5 -0.68 5.33 -8.46
N GLU A 6 0.45 5.99 -8.62
CA GLU A 6 1.75 5.39 -8.34
C GLU A 6 1.79 4.90 -6.90
N LEU A 7 1.42 5.79 -5.98
CA LEU A 7 1.35 5.48 -4.57
C LEU A 7 0.38 4.33 -4.28
N ALA A 8 -0.73 4.25 -5.03
CA ALA A 8 -1.70 3.18 -4.86
C ALA A 8 -1.10 1.84 -5.26
N CYS A 9 -0.28 1.87 -6.28
CA CYS A 9 0.38 0.66 -6.76
C CYS A 9 1.36 0.21 -5.69
N ILE A 10 2.07 1.22 -5.17
CA ILE A 10 2.93 1.05 -4.01
C ILE A 10 2.18 0.26 -2.93
N TYR A 11 1.04 0.78 -2.53
CA TYR A 11 0.27 0.21 -1.43
C TYR A 11 -0.20 -1.19 -1.77
N SER A 12 -0.58 -1.42 -3.02
CA SER A 12 -1.01 -2.74 -3.44
C SER A 12 0.12 -3.75 -3.14
N ALA A 13 1.34 -3.32 -3.46
CA ALA A 13 2.51 -4.13 -3.15
C ALA A 13 2.70 -4.21 -1.64
N LEU A 14 2.32 -3.15 -0.95
CA LEU A 14 2.44 -3.10 0.50
C LEU A 14 1.57 -4.17 1.15
N ILE A 15 0.27 -4.18 0.81
CA ILE A 15 -0.64 -5.18 1.36
C ILE A 15 -0.18 -6.57 0.97
N LEU A 16 0.36 -6.68 -0.24
CA LEU A 16 0.93 -7.94 -0.70
C LEU A 16 2.06 -8.39 0.21
N HIS A 17 2.83 -7.42 0.72
CA HIS A 17 3.91 -7.70 1.66
C HIS A 17 3.38 -8.05 3.05
N ASP A 18 2.14 -7.70 3.34
CA ASP A 18 1.55 -8.01 4.64
C ASP A 18 1.56 -9.52 4.90
N ASP A 19 1.30 -10.28 3.85
CA ASP A 19 1.34 -11.73 3.93
C ASP A 19 2.52 -12.26 3.13
N GLU A 20 3.19 -11.33 2.44
CA GLU A 20 4.28 -11.63 1.53
C GLU A 20 3.85 -12.68 0.52
N VAL A 21 2.68 -12.44 -0.08
CA VAL A 21 2.02 -13.41 -0.90
C VAL A 21 2.25 -13.08 -2.38
N THR A 22 1.68 -13.89 -3.24
CA THR A 22 1.91 -13.82 -4.69
C THR A 22 1.74 -12.42 -5.26
N VAL A 23 2.61 -12.11 -6.20
CA VAL A 23 2.69 -10.79 -6.81
C VAL A 23 2.40 -10.88 -8.30
N THR A 24 1.27 -10.35 -8.73
CA THR A 24 0.90 -10.32 -10.13
C THR A 24 0.17 -9.02 -10.45
N GLU A 25 0.19 -8.62 -11.71
CA GLU A 25 -0.53 -7.42 -12.13
C GLU A 25 -2.01 -7.54 -11.76
N ASP A 26 -2.55 -8.74 -11.95
CA ASP A 26 -3.91 -9.06 -11.53
C ASP A 26 -4.09 -8.83 -10.03
N LYS A 27 -3.07 -9.17 -9.25
CA LYS A 27 -3.11 -9.02 -7.81
C LYS A 27 -3.24 -7.54 -7.46
N ILE A 28 -2.34 -6.76 -8.04
CA ILE A 28 -2.32 -5.32 -7.85
C ILE A 28 -3.62 -4.70 -8.34
N ASN A 29 -4.13 -5.20 -9.47
CA ASN A 29 -5.42 -4.74 -10.00
C ASN A 29 -6.54 -5.01 -9.00
N ALA A 30 -6.43 -6.13 -8.30
CA ALA A 30 -7.40 -6.48 -7.26
C ALA A 30 -7.37 -5.45 -6.13
N LEU A 31 -6.17 -5.13 -5.65
CA LEU A 31 -6.03 -4.07 -4.64
C LEU A 31 -6.61 -2.75 -5.16
N ILE A 32 -6.18 -2.39 -6.37
CA ILE A 32 -6.63 -1.17 -7.07
C ILE A 32 -8.15 -1.05 -7.06
N LYS A 33 -8.82 -2.15 -7.41
CA LYS A 33 -10.25 -2.17 -7.57
C LYS A 33 -10.97 -2.18 -6.22
N ALA A 34 -10.42 -2.92 -5.25
CA ALA A 34 -11.05 -3.01 -3.93
C ALA A 34 -10.96 -1.67 -3.22
N ALA A 35 -9.89 -0.93 -3.46
CA ALA A 35 -9.74 0.38 -2.87
C ALA A 35 -10.49 1.43 -3.68
N GLY A 36 -10.48 1.26 -4.99
CA GLY A 36 -11.18 2.18 -5.87
C GLY A 36 -10.24 3.21 -6.45
N VAL A 37 -8.95 2.93 -6.40
CA VAL A 37 -7.93 3.87 -6.86
C VAL A 37 -7.08 3.26 -7.95
N ASN A 38 -7.10 3.93 -9.10
CA ASN A 38 -6.51 3.40 -10.31
C ASN A 38 -5.10 3.90 -10.48
N VAL A 39 -4.32 3.12 -11.22
CA VAL A 39 -2.89 3.33 -11.33
C VAL A 39 -2.47 3.41 -12.79
N GLU A 40 -1.29 3.97 -13.04
CA GLU A 40 -0.69 3.94 -14.35
C GLU A 40 -0.32 2.50 -14.66
N PRO A 41 -1.08 1.84 -15.55
CA PRO A 41 -1.07 0.37 -15.69
C PRO A 41 0.32 -0.28 -15.85
N PHE A 42 1.26 0.45 -16.46
CA PHE A 42 2.61 -0.07 -16.62
C PHE A 42 3.20 -0.36 -15.24
N TRP A 43 2.75 0.38 -14.23
CA TRP A 43 3.18 0.16 -12.87
C TRP A 43 2.76 -1.23 -12.39
N PRO A 44 1.45 -1.57 -12.33
CA PRO A 44 1.02 -2.92 -11.97
C PRO A 44 1.83 -3.99 -12.70
N GLY A 45 2.00 -3.80 -14.01
CA GLY A 45 2.81 -4.73 -14.79
C GLY A 45 4.23 -4.84 -14.28
N LEU A 46 4.95 -3.72 -14.31
CA LEU A 46 6.36 -3.66 -13.93
C LEU A 46 6.54 -3.92 -12.43
N PHE A 47 5.51 -3.70 -11.65
CA PHE A 47 5.53 -3.99 -10.23
C PHE A 47 5.54 -5.48 -10.00
N ALA A 48 4.69 -6.20 -10.71
CA ALA A 48 4.66 -7.64 -10.60
C ALA A 48 5.97 -8.22 -11.12
N LYS A 49 6.51 -7.53 -12.10
CA LYS A 49 7.81 -7.83 -12.65
C LYS A 49 8.94 -7.60 -11.63
N ALA A 50 8.93 -6.43 -11.01
CA ALA A 50 10.06 -5.99 -10.18
C ALA A 50 9.99 -6.51 -8.75
N LEU A 51 8.80 -6.65 -8.19
CA LEU A 51 8.66 -7.05 -6.79
C LEU A 51 9.11 -8.49 -6.54
N ALA A 52 9.55 -9.16 -7.60
CA ALA A 52 10.12 -10.50 -7.47
C ALA A 52 11.61 -10.41 -7.14
N ASN A 53 12.19 -9.22 -7.33
CA ASN A 53 13.61 -8.99 -7.07
C ASN A 53 13.79 -7.86 -6.07
N VAL A 54 13.13 -6.74 -6.34
CA VAL A 54 13.23 -5.58 -5.48
C VAL A 54 12.18 -5.67 -4.39
N ASN A 55 12.32 -4.84 -3.38
CA ASN A 55 11.33 -4.80 -2.33
C ASN A 55 10.60 -3.46 -2.35
N ILE A 56 9.66 -3.28 -1.44
CA ILE A 56 8.84 -2.08 -1.41
C ILE A 56 9.69 -0.84 -1.11
N GLY A 57 10.83 -1.04 -0.45
CA GLY A 57 11.72 0.06 -0.15
C GLY A 57 12.39 0.57 -1.41
N SER A 58 12.33 -0.24 -2.47
CA SER A 58 12.92 0.12 -3.73
C SER A 58 12.02 1.10 -4.48
N LEU A 59 10.75 1.12 -4.10
CA LEU A 59 9.77 1.98 -4.73
C LEU A 59 10.09 3.44 -4.45
N ILE A 60 10.75 3.65 -3.33
CA ILE A 60 11.18 4.96 -2.89
C ILE A 60 12.25 5.51 -3.84
N CYS A 61 12.79 4.64 -4.67
CA CYS A 61 13.81 5.01 -5.63
C CYS A 61 13.16 5.33 -6.97
N ASN A 62 11.91 4.93 -7.13
CA ASN A 62 11.22 5.10 -8.40
C ASN A 62 10.80 6.55 -8.59
N VAL A 63 10.14 7.10 -7.59
CA VAL A 63 9.62 8.47 -7.66
C VAL A 63 10.68 9.46 -7.17
N GLY A 64 11.93 9.12 -7.43
CA GLY A 64 13.03 9.94 -6.99
C GLY A 64 13.63 9.43 -5.70
N ALA A 65 14.85 8.92 -5.77
CA ALA A 65 15.52 8.32 -4.62
C ALA A 65 16.06 9.39 -3.66
N GLY A 66 15.20 10.32 -3.29
CA GLY A 66 15.58 11.38 -2.39
C GLY A 66 14.46 12.37 -2.21
N GLY A 67 14.44 13.04 -1.07
CA GLY A 67 13.38 14.00 -0.80
C GLY A 67 13.93 15.34 -0.38
N PRO A 68 13.75 16.38 -1.21
CA PRO A 68 14.19 17.74 -0.89
C PRO A 68 13.35 18.36 0.22
N ALA A 69 13.96 19.22 1.02
CA ALA A 69 13.27 19.89 2.10
C ALA A 69 13.17 21.39 1.82
N ALA B 1 6.24 -0.19 11.59
CA ALA B 1 4.92 -0.78 11.91
C ALA B 1 4.08 -0.91 10.64
N MET B 2 4.69 -1.45 9.59
CA MET B 2 3.99 -1.62 8.34
C MET B 2 3.17 -2.90 8.37
N ARG B 3 1.87 -2.77 8.11
CA ARG B 3 0.96 -3.90 7.97
C ARG B 3 -0.34 -3.44 7.30
N TYR B 4 -1.37 -3.21 8.10
CA TYR B 4 -2.66 -2.79 7.57
C TYR B 4 -2.68 -1.30 7.28
N VAL B 5 -1.62 -0.61 7.71
CA VAL B 5 -1.38 0.79 7.36
C VAL B 5 -1.63 0.99 5.89
N ALA B 6 -1.03 0.11 5.10
CA ALA B 6 -1.06 0.21 3.65
C ALA B 6 -2.46 0.09 3.09
N SER B 7 -3.25 -0.83 3.66
CA SER B 7 -4.62 -1.03 3.23
C SER B 7 -5.43 0.24 3.48
N TYR B 8 -5.14 0.86 4.61
CA TYR B 8 -5.78 2.10 5.02
C TYR B 8 -5.46 3.17 3.99
N LEU B 9 -4.19 3.23 3.65
CA LEU B 9 -3.70 4.15 2.65
C LEU B 9 -4.40 3.94 1.32
N LEU B 10 -4.49 2.68 0.91
CA LEU B 10 -5.13 2.32 -0.34
C LEU B 10 -6.54 2.85 -0.39
N ALA B 11 -7.29 2.59 0.68
CA ALA B 11 -8.67 3.00 0.73
C ALA B 11 -8.80 4.51 0.67
N ALA B 12 -7.92 5.20 1.39
CA ALA B 12 -7.92 6.66 1.41
C ALA B 12 -7.55 7.22 0.05
N LEU B 13 -6.79 6.45 -0.69
CA LEU B 13 -6.42 6.80 -2.06
C LEU B 13 -7.57 6.49 -2.99
N GLY B 14 -8.25 5.39 -2.71
CA GLY B 14 -9.36 4.96 -3.53
C GLY B 14 -10.50 5.95 -3.50
N GLY B 15 -10.74 6.51 -2.34
CA GLY B 15 -11.77 7.51 -2.21
C GLY B 15 -12.25 7.69 -0.80
N ASN B 16 -11.74 6.89 0.14
CA ASN B 16 -12.20 6.95 1.49
C ASN B 16 -11.04 7.38 2.36
N SER B 17 -10.87 8.67 2.45
CA SER B 17 -9.68 9.26 3.05
C SER B 17 -9.75 9.21 4.57
N SER B 18 -10.46 8.21 5.03
CA SER B 18 -10.66 7.92 6.43
C SER B 18 -11.24 6.52 6.55
N PRO B 19 -10.40 5.55 6.17
CA PRO B 19 -10.75 4.13 6.05
C PRO B 19 -11.05 3.49 7.39
N SER B 20 -11.65 2.32 7.37
CA SER B 20 -11.91 1.60 8.60
C SER B 20 -11.44 0.16 8.48
N ALA B 21 -11.65 -0.60 9.54
CA ALA B 21 -11.11 -1.96 9.61
C ALA B 21 -11.80 -2.82 8.59
N LYS B 22 -13.08 -2.56 8.45
CA LYS B 22 -13.92 -3.21 7.47
C LYS B 22 -13.41 -2.90 6.07
N ASP B 23 -12.92 -1.68 5.89
CA ASP B 23 -12.40 -1.26 4.60
C ASP B 23 -11.07 -1.96 4.34
N ILE B 24 -10.27 -2.09 5.40
CA ILE B 24 -9.03 -2.83 5.34
C ILE B 24 -9.30 -4.28 4.94
N LYS B 25 -10.31 -4.88 5.58
CA LYS B 25 -10.66 -6.25 5.33
C LYS B 25 -11.01 -6.42 3.88
N LYS B 26 -11.75 -5.46 3.33
CA LYS B 26 -12.01 -5.44 1.90
C LYS B 26 -10.75 -5.55 1.12
N ILE B 27 -9.93 -4.53 1.28
CA ILE B 27 -8.79 -4.35 0.43
C ILE B 27 -7.89 -5.59 0.42
N LEU B 28 -7.67 -6.18 1.60
CA LEU B 28 -6.79 -7.35 1.69
C LEU B 28 -7.51 -8.65 1.32
N ASP B 29 -8.84 -8.68 1.50
CA ASP B 29 -9.61 -9.88 1.18
C ASP B 29 -9.69 -10.08 -0.32
N SER B 30 -9.68 -8.98 -1.07
CA SER B 30 -9.73 -9.04 -2.52
C SER B 30 -8.67 -9.97 -3.10
N VAL B 31 -7.45 -9.86 -2.57
CA VAL B 31 -6.34 -10.71 -3.01
C VAL B 31 -6.29 -12.01 -2.21
N GLY B 32 -6.83 -11.99 -1.01
CA GLY B 32 -6.91 -13.20 -0.21
C GLY B 32 -5.98 -13.19 0.98
N ILE B 33 -5.63 -12.01 1.46
CA ILE B 33 -4.80 -11.90 2.65
C ILE B 33 -5.67 -11.95 3.90
N GLU B 34 -5.27 -12.77 4.87
CA GLU B 34 -6.06 -12.94 6.07
C GLU B 34 -5.63 -11.94 7.14
N ALA B 35 -6.61 -11.35 7.80
CA ALA B 35 -6.36 -10.27 8.73
C ALA B 35 -7.26 -10.34 9.94
N ASP B 36 -6.73 -9.97 11.10
CA ASP B 36 -7.56 -9.86 12.29
C ASP B 36 -8.29 -8.53 12.26
N ASP B 37 -9.62 -8.61 12.39
CA ASP B 37 -10.48 -7.45 12.24
C ASP B 37 -10.34 -6.53 13.43
N ASP B 38 -9.46 -6.90 14.34
CA ASP B 38 -9.14 -6.06 15.45
C ASP B 38 -7.80 -5.36 15.23
N ARG B 39 -6.86 -6.08 14.60
CA ARG B 39 -5.51 -5.57 14.44
C ARG B 39 -5.55 -4.38 13.51
N LEU B 40 -6.32 -4.56 12.45
CA LEU B 40 -6.45 -3.49 11.49
C LEU B 40 -7.31 -2.36 12.04
N ASN B 41 -8.28 -2.68 12.87
CA ASN B 41 -9.11 -1.65 13.49
C ASN B 41 -8.25 -0.82 14.43
N LYS B 42 -7.19 -1.46 14.90
CA LYS B 42 -6.21 -0.82 15.74
C LYS B 42 -5.40 0.17 14.93
N VAL B 43 -4.86 -0.29 13.80
CA VAL B 43 -4.10 0.58 12.92
C VAL B 43 -5.02 1.69 12.39
N ILE B 44 -6.29 1.36 12.21
CA ILE B 44 -7.32 2.36 11.93
C ILE B 44 -7.24 3.49 12.94
N SER B 45 -7.45 3.11 14.20
CA SER B 45 -7.42 4.04 15.32
C SER B 45 -6.11 4.82 15.38
N GLU B 46 -5.02 4.18 14.95
CA GLU B 46 -3.71 4.84 14.98
C GLU B 46 -3.51 5.79 13.80
N LEU B 47 -4.07 5.45 12.64
CA LEU B 47 -3.90 6.28 11.46
C LEU B 47 -4.97 7.35 11.38
N ASN B 48 -6.07 7.13 12.11
CA ASN B 48 -7.21 8.04 12.11
C ASN B 48 -6.79 9.47 12.45
N GLY B 49 -6.82 10.33 11.44
CA GLY B 49 -6.43 11.70 11.61
C GLY B 49 -5.11 12.02 10.93
N LYS B 50 -4.71 11.18 9.99
CA LYS B 50 -3.45 11.38 9.28
C LYS B 50 -3.71 11.81 7.84
N ASN B 51 -2.64 12.18 7.15
CA ASN B 51 -2.71 12.59 5.76
C ASN B 51 -2.04 11.51 4.94
N ILE B 52 -2.82 10.52 4.52
CA ILE B 52 -2.31 9.26 3.97
C ILE B 52 -1.12 9.45 3.01
N GLU B 53 -1.34 10.12 1.88
CA GLU B 53 -0.29 10.23 0.87
C GLU B 53 0.93 10.91 1.44
N ASP B 54 0.72 11.88 2.30
CA ASP B 54 1.83 12.62 2.89
C ASP B 54 2.56 11.76 3.93
N VAL B 55 1.83 10.83 4.54
CA VAL B 55 2.44 9.83 5.41
C VAL B 55 3.43 9.02 4.58
N ILE B 56 2.97 8.57 3.43
CA ILE B 56 3.79 7.74 2.56
C ILE B 56 4.25 8.53 1.33
N ALA B 57 4.49 9.80 1.51
CA ALA B 57 5.14 10.58 0.48
C ALA B 57 6.61 10.69 0.85
N GLN B 58 6.90 10.10 2.00
CA GLN B 58 8.26 9.98 2.51
C GLN B 58 8.46 8.60 3.13
N GLY B 59 7.39 7.80 3.14
CA GLY B 59 7.40 6.56 3.92
C GLY B 59 6.85 5.36 3.17
N ILE B 60 7.28 5.17 1.92
CA ILE B 60 6.89 4.01 1.12
C ILE B 60 7.30 2.70 1.81
N GLY B 61 8.34 2.77 2.64
CA GLY B 61 8.80 1.60 3.35
C GLY B 61 8.40 1.61 4.81
N LYS B 62 8.57 2.74 5.48
CA LYS B 62 8.31 2.83 6.89
C LYS B 62 6.83 3.04 7.22
N LEU B 63 6.05 3.42 6.21
CA LEU B 63 4.65 3.77 6.37
C LEU B 63 4.40 4.64 7.61
N ALA B 64 3.27 4.46 8.28
CA ALA B 64 2.94 5.25 9.43
C ALA B 64 3.77 4.88 10.66
N SER B 65 5.08 5.02 10.56
CA SER B 65 5.98 4.78 11.68
C SER B 65 7.39 5.23 11.34
N VAL B 66 8.17 5.54 12.38
CA VAL B 66 9.53 6.02 12.26
C VAL B 66 9.64 7.36 11.51
N PRO B 67 10.21 8.35 12.22
CA PRO B 67 10.47 9.71 11.80
C PRO B 67 10.50 9.96 10.30
N ALA B 68 9.59 10.83 9.86
CA ALA B 68 9.53 11.20 8.46
C ALA B 68 10.40 12.42 8.19
N GLY B 69 11.71 12.22 8.26
CA GLY B 69 12.64 13.29 8.02
C GLY B 69 13.80 13.27 9.00
N GLY B 70 14.93 13.76 8.56
CA GLY B 70 16.10 13.84 9.42
C GLY B 70 17.26 13.06 8.85
N MET A 1 5.87 15.05 -5.65
CA MET A 1 4.98 14.19 -4.84
C MET A 1 4.42 13.07 -5.71
N ALA A 2 4.39 11.86 -5.18
CA ALA A 2 3.87 10.72 -5.93
C ALA A 2 2.40 10.92 -6.24
N SER A 3 2.00 10.57 -7.44
CA SER A 3 0.60 10.56 -7.79
C SER A 3 -0.06 9.40 -7.09
N VAL A 4 -1.26 9.65 -6.64
CA VAL A 4 -2.08 8.69 -5.94
C VAL A 4 -2.16 7.34 -6.67
N SER A 5 -1.93 7.34 -7.97
CA SER A 5 -1.90 6.10 -8.74
C SER A 5 -0.62 5.34 -8.42
N GLU A 6 0.51 6.03 -8.55
CA GLU A 6 1.81 5.45 -8.23
C GLU A 6 1.82 4.97 -6.78
N LEU A 7 1.42 5.86 -5.89
CA LEU A 7 1.32 5.57 -4.48
C LEU A 7 0.36 4.39 -4.21
N ALA A 8 -0.74 4.30 -4.97
CA ALA A 8 -1.69 3.19 -4.78
C ALA A 8 -1.08 1.86 -5.20
N CYS A 9 -0.22 1.91 -6.20
CA CYS A 9 0.45 0.70 -6.67
C CYS A 9 1.47 0.29 -5.62
N ILE A 10 2.09 1.31 -5.03
CA ILE A 10 2.94 1.13 -3.88
C ILE A 10 2.19 0.32 -2.82
N TYR A 11 1.01 0.81 -2.44
CA TYR A 11 0.26 0.22 -1.34
C TYR A 11 -0.23 -1.17 -1.67
N SER A 12 -0.76 -1.37 -2.87
CA SER A 12 -1.19 -2.69 -3.29
C SER A 12 -0.03 -3.68 -3.14
N ALA A 13 1.15 -3.23 -3.54
CA ALA A 13 2.38 -3.99 -3.32
C ALA A 13 2.64 -4.18 -1.83
N LEU A 14 2.29 -3.17 -1.04
CA LEU A 14 2.48 -3.21 0.41
C LEU A 14 1.64 -4.33 1.03
N ILE A 15 0.32 -4.33 0.76
CA ILE A 15 -0.57 -5.39 1.27
C ILE A 15 -0.07 -6.75 0.79
N LEU A 16 0.25 -6.83 -0.50
CA LEU A 16 0.79 -8.04 -1.09
C LEU A 16 2.02 -8.51 -0.34
N HIS A 17 2.85 -7.55 0.03
CA HIS A 17 4.09 -7.80 0.75
C HIS A 17 3.85 -8.13 2.22
N ASP A 18 2.64 -7.93 2.70
CA ASP A 18 2.33 -8.27 4.09
C ASP A 18 2.20 -9.77 4.27
N ASP A 19 1.49 -10.40 3.34
CA ASP A 19 1.33 -11.85 3.36
C ASP A 19 2.47 -12.48 2.58
N GLU A 20 3.17 -11.61 1.86
CA GLU A 20 4.26 -11.99 0.97
C GLU A 20 3.73 -13.00 -0.05
N VAL A 21 2.61 -12.64 -0.65
CA VAL A 21 1.86 -13.52 -1.49
C VAL A 21 2.13 -13.19 -2.96
N THR A 22 1.70 -14.07 -3.83
CA THR A 22 1.95 -13.98 -5.26
C THR A 22 1.75 -12.57 -5.81
N VAL A 23 2.75 -12.13 -6.53
CA VAL A 23 2.79 -10.79 -7.06
C VAL A 23 2.48 -10.82 -8.55
N THR A 24 1.31 -10.33 -8.91
CA THR A 24 0.89 -10.30 -10.29
C THR A 24 0.15 -9.01 -10.57
N GLU A 25 0.21 -8.55 -11.82
CA GLU A 25 -0.51 -7.35 -12.22
C GLU A 25 -1.98 -7.43 -11.81
N ASP A 26 -2.57 -8.58 -12.06
CA ASP A 26 -3.97 -8.84 -11.72
C ASP A 26 -4.20 -8.79 -10.21
N LYS A 27 -3.19 -9.16 -9.43
CA LYS A 27 -3.26 -9.11 -7.99
C LYS A 27 -3.35 -7.65 -7.56
N ILE A 28 -2.43 -6.87 -8.11
CA ILE A 28 -2.38 -5.43 -7.85
C ILE A 28 -3.67 -4.76 -8.32
N ASN A 29 -4.17 -5.20 -9.48
CA ASN A 29 -5.44 -4.72 -9.99
C ASN A 29 -6.58 -5.03 -9.03
N ALA A 30 -6.49 -6.18 -8.38
CA ALA A 30 -7.46 -6.57 -7.37
C ALA A 30 -7.44 -5.59 -6.20
N LEU A 31 -6.24 -5.24 -5.73
CA LEU A 31 -6.12 -4.22 -4.68
C LEU A 31 -6.65 -2.87 -5.17
N ILE A 32 -6.24 -2.51 -6.39
CA ILE A 32 -6.68 -1.28 -7.04
C ILE A 32 -8.20 -1.15 -7.03
N LYS A 33 -8.88 -2.23 -7.40
CA LYS A 33 -10.32 -2.27 -7.46
C LYS A 33 -10.93 -2.30 -6.06
N ALA A 34 -10.31 -3.05 -5.16
CA ALA A 34 -10.80 -3.16 -3.79
C ALA A 34 -10.89 -1.79 -3.14
N ALA A 35 -9.83 -1.02 -3.26
CA ALA A 35 -9.78 0.31 -2.68
C ALA A 35 -10.58 1.30 -3.52
N GLY A 36 -10.50 1.12 -4.84
CA GLY A 36 -11.20 2.02 -5.75
C GLY A 36 -10.26 3.07 -6.32
N VAL A 37 -8.96 2.79 -6.27
CA VAL A 37 -7.95 3.73 -6.72
C VAL A 37 -7.10 3.12 -7.81
N ASN A 38 -7.08 3.78 -8.94
CA ASN A 38 -6.50 3.24 -10.15
C ASN A 38 -5.08 3.75 -10.33
N VAL A 39 -4.31 2.99 -11.08
CA VAL A 39 -2.90 3.23 -11.25
C VAL A 39 -2.54 3.30 -12.72
N GLU A 40 -1.40 3.91 -13.01
CA GLU A 40 -0.83 3.86 -14.33
C GLU A 40 -0.40 2.42 -14.60
N PRO A 41 -1.13 1.70 -15.45
CA PRO A 41 -1.05 0.23 -15.57
C PRO A 41 0.37 -0.33 -15.74
N PHE A 42 1.27 0.45 -16.34
CA PHE A 42 2.65 0.01 -16.49
C PHE A 42 3.26 -0.26 -15.12
N TRP A 43 2.75 0.43 -14.10
CA TRP A 43 3.18 0.20 -12.74
C TRP A 43 2.81 -1.20 -12.28
N PRO A 44 1.51 -1.58 -12.24
CA PRO A 44 1.13 -2.97 -11.94
C PRO A 44 2.01 -3.99 -12.66
N GLY A 45 2.24 -3.74 -13.95
CA GLY A 45 3.13 -4.61 -14.71
C GLY A 45 4.55 -4.64 -14.18
N LEU A 46 5.17 -3.47 -14.09
CA LEU A 46 6.55 -3.32 -13.67
C LEU A 46 6.72 -3.63 -12.16
N PHE A 47 5.64 -3.51 -11.42
CA PHE A 47 5.64 -3.86 -10.01
C PHE A 47 5.66 -5.36 -9.85
N ALA A 48 4.85 -6.04 -10.66
CA ALA A 48 4.83 -7.50 -10.63
C ALA A 48 6.19 -8.01 -11.07
N LYS A 49 6.80 -7.25 -11.98
CA LYS A 49 8.18 -7.45 -12.39
C LYS A 49 9.15 -7.27 -11.23
N ALA A 50 9.18 -6.06 -10.69
CA ALA A 50 10.20 -5.65 -9.73
C ALA A 50 10.07 -6.35 -8.38
N LEU A 51 8.85 -6.50 -7.88
CA LEU A 51 8.63 -7.04 -6.55
C LEU A 51 9.05 -8.50 -6.44
N ALA A 52 9.34 -9.11 -7.59
CA ALA A 52 9.83 -10.48 -7.61
C ALA A 52 11.34 -10.54 -7.41
N ASN A 53 11.97 -9.38 -7.23
CA ASN A 53 13.41 -9.30 -7.04
C ASN A 53 13.78 -8.24 -6.01
N VAL A 54 13.18 -7.06 -6.13
CA VAL A 54 13.50 -5.96 -5.24
C VAL A 54 12.55 -5.96 -4.04
N ASN A 55 12.67 -4.95 -3.20
CA ASN A 55 11.80 -4.83 -2.04
C ASN A 55 10.94 -3.58 -2.15
N ILE A 56 9.96 -3.47 -1.27
CA ILE A 56 9.06 -2.32 -1.23
C ILE A 56 9.85 -1.03 -0.95
N GLY A 57 11.00 -1.18 -0.30
CA GLY A 57 11.83 -0.04 0.01
C GLY A 57 12.48 0.53 -1.24
N SER A 58 12.39 -0.24 -2.32
CA SER A 58 12.95 0.17 -3.59
C SER A 58 11.98 1.14 -4.29
N LEU A 59 10.71 1.02 -3.93
CA LEU A 59 9.66 1.84 -4.52
C LEU A 59 9.90 3.31 -4.22
N ILE A 60 10.50 3.56 -3.08
CA ILE A 60 10.81 4.90 -2.62
C ILE A 60 11.77 5.60 -3.58
N CYS A 61 12.44 4.81 -4.39
CA CYS A 61 13.44 5.31 -5.30
C CYS A 61 12.84 5.54 -6.69
N ASN A 62 11.61 5.07 -6.89
CA ASN A 62 10.96 5.17 -8.19
C ASN A 62 10.60 6.62 -8.50
N VAL A 63 10.40 7.40 -7.45
CA VAL A 63 10.06 8.81 -7.60
C VAL A 63 11.32 9.68 -7.54
N GLY A 64 12.39 9.17 -8.11
CA GLY A 64 13.63 9.91 -8.19
C GLY A 64 14.83 9.03 -7.95
N ALA A 65 15.45 8.58 -9.04
CA ALA A 65 16.59 7.68 -8.95
C ALA A 65 17.63 7.98 -10.02
N GLY A 66 17.24 7.77 -11.26
CA GLY A 66 18.17 7.91 -12.37
C GLY A 66 18.40 6.57 -13.05
N GLY A 67 19.65 6.26 -13.35
CA GLY A 67 19.95 4.98 -13.97
C GLY A 67 21.36 4.92 -14.52
N PRO A 68 22.03 3.77 -14.37
CA PRO A 68 23.39 3.56 -14.89
C PRO A 68 23.41 3.53 -16.42
N ALA A 69 23.79 4.65 -17.01
CA ALA A 69 23.89 4.74 -18.46
C ALA A 69 25.35 4.62 -18.88
N ALA B 1 4.72 0.69 12.41
CA ALA B 1 4.90 -0.66 11.84
C ALA B 1 4.01 -0.84 10.61
N MET B 2 4.55 -1.50 9.59
CA MET B 2 3.82 -1.68 8.35
C MET B 2 3.02 -2.98 8.35
N ARG B 3 1.73 -2.87 8.07
CA ARG B 3 0.89 -4.02 7.79
C ARG B 3 -0.42 -3.58 7.15
N TYR B 4 -1.46 -3.40 7.96
CA TYR B 4 -2.77 -3.03 7.44
C TYR B 4 -2.78 -1.54 7.11
N VAL B 5 -1.73 -0.86 7.55
CA VAL B 5 -1.49 0.54 7.23
C VAL B 5 -1.70 0.76 5.74
N ALA B 6 -1.12 -0.13 4.97
CA ALA B 6 -1.12 0.00 3.53
C ALA B 6 -2.52 -0.12 2.95
N SER B 7 -3.31 -1.03 3.51
CA SER B 7 -4.69 -1.21 3.10
C SER B 7 -5.46 0.08 3.41
N TYR B 8 -5.07 0.69 4.53
CA TYR B 8 -5.67 1.93 4.98
C TYR B 8 -5.35 3.02 3.97
N LEU B 9 -4.08 3.13 3.65
CA LEU B 9 -3.61 4.07 2.66
C LEU B 9 -4.32 3.85 1.33
N LEU B 10 -4.38 2.60 0.91
CA LEU B 10 -5.06 2.23 -0.32
C LEU B 10 -6.47 2.77 -0.34
N ALA B 11 -7.21 2.54 0.73
CA ALA B 11 -8.59 2.95 0.80
C ALA B 11 -8.71 4.47 0.77
N ALA B 12 -7.78 5.14 1.43
CA ALA B 12 -7.77 6.60 1.48
C ALA B 12 -7.41 7.18 0.12
N LEU B 13 -6.78 6.36 -0.69
CA LEU B 13 -6.53 6.70 -2.09
C LEU B 13 -7.73 6.31 -2.95
N GLY B 14 -8.34 5.19 -2.59
CA GLY B 14 -9.43 4.64 -3.35
C GLY B 14 -10.67 5.51 -3.30
N GLY B 15 -10.94 6.08 -2.14
CA GLY B 15 -12.09 6.94 -2.05
C GLY B 15 -12.53 7.23 -0.62
N ASN B 16 -11.75 6.79 0.37
CA ASN B 16 -12.09 7.07 1.75
C ASN B 16 -10.88 7.61 2.44
N SER B 17 -10.79 8.91 2.57
CA SER B 17 -9.62 9.53 3.20
C SER B 17 -9.71 9.35 4.73
N SER B 18 -10.37 8.27 5.09
CA SER B 18 -10.60 7.86 6.46
C SER B 18 -11.18 6.45 6.44
N PRO B 19 -10.30 5.51 6.09
CA PRO B 19 -10.60 4.08 5.94
C PRO B 19 -10.84 3.41 7.27
N SER B 20 -11.63 2.36 7.28
CA SER B 20 -11.87 1.64 8.52
C SER B 20 -11.49 0.17 8.39
N ALA B 21 -11.75 -0.59 9.44
CA ALA B 21 -11.26 -1.96 9.53
C ALA B 21 -11.91 -2.80 8.48
N LYS B 22 -13.20 -2.53 8.30
CA LYS B 22 -13.98 -3.15 7.27
C LYS B 22 -13.41 -2.85 5.89
N ASP B 23 -12.90 -1.63 5.71
CA ASP B 23 -12.32 -1.25 4.43
C ASP B 23 -11.02 -2.02 4.24
N ILE B 24 -10.25 -2.15 5.31
CA ILE B 24 -9.03 -2.94 5.29
C ILE B 24 -9.34 -4.38 4.89
N LYS B 25 -10.32 -4.97 5.59
CA LYS B 25 -10.71 -6.34 5.34
C LYS B 25 -11.17 -6.49 3.91
N LYS B 26 -11.76 -5.44 3.38
CA LYS B 26 -12.25 -5.44 2.04
C LYS B 26 -11.09 -5.43 1.02
N ILE B 27 -10.12 -4.53 1.23
CA ILE B 27 -8.92 -4.46 0.39
C ILE B 27 -8.21 -5.82 0.36
N LEU B 28 -7.95 -6.39 1.53
CA LEU B 28 -7.19 -7.62 1.59
C LEU B 28 -8.05 -8.83 1.21
N ASP B 29 -9.36 -8.70 1.37
CA ASP B 29 -10.28 -9.76 0.95
C ASP B 29 -10.23 -9.91 -0.56
N SER B 30 -10.00 -8.80 -1.25
CA SER B 30 -9.86 -8.81 -2.70
C SER B 30 -8.73 -9.76 -3.16
N VAL B 31 -7.68 -9.90 -2.36
CA VAL B 31 -6.57 -10.80 -2.71
C VAL B 31 -6.55 -12.04 -1.82
N GLY B 32 -7.37 -12.04 -0.78
CA GLY B 32 -7.49 -13.21 0.08
C GLY B 32 -6.48 -13.22 1.21
N ILE B 33 -6.03 -12.04 1.63
CA ILE B 33 -5.04 -11.93 2.69
C ILE B 33 -5.71 -11.96 4.06
N GLU B 34 -5.24 -12.83 4.94
CA GLU B 34 -5.85 -13.00 6.26
C GLU B 34 -5.48 -11.87 7.20
N ALA B 35 -6.48 -11.33 7.88
CA ALA B 35 -6.29 -10.17 8.73
C ALA B 35 -7.07 -10.28 10.03
N ASP B 36 -6.49 -9.78 11.11
CA ASP B 36 -7.19 -9.75 12.39
C ASP B 36 -7.99 -8.46 12.52
N ASP B 37 -9.28 -8.62 12.84
CA ASP B 37 -10.25 -7.56 12.73
C ASP B 37 -10.15 -6.58 13.88
N ASP B 38 -9.19 -6.82 14.76
CA ASP B 38 -8.87 -5.85 15.78
C ASP B 38 -7.57 -5.16 15.45
N ARG B 39 -6.67 -5.88 14.81
CA ARG B 39 -5.34 -5.37 14.49
C ARG B 39 -5.47 -4.19 13.57
N LEU B 40 -6.27 -4.38 12.54
CA LEU B 40 -6.45 -3.34 11.56
C LEU B 40 -7.29 -2.19 12.12
N ASN B 41 -8.31 -2.53 12.88
CA ASN B 41 -9.17 -1.52 13.48
C ASN B 41 -8.34 -0.65 14.42
N LYS B 42 -7.32 -1.26 14.98
CA LYS B 42 -6.39 -0.59 15.88
C LYS B 42 -5.50 0.37 15.11
N VAL B 43 -4.87 -0.15 14.06
CA VAL B 43 -3.97 0.66 13.26
C VAL B 43 -4.71 1.87 12.72
N ILE B 44 -5.93 1.63 12.27
CA ILE B 44 -6.83 2.68 11.82
C ILE B 44 -7.13 3.70 12.89
N SER B 45 -7.50 3.20 14.05
CA SER B 45 -7.78 4.07 15.18
C SER B 45 -6.62 5.02 15.46
N GLU B 46 -5.39 4.56 15.22
CA GLU B 46 -4.21 5.40 15.39
C GLU B 46 -3.90 6.20 14.11
N LEU B 47 -4.18 5.59 12.97
CA LEU B 47 -3.92 6.20 11.65
C LEU B 47 -4.87 7.34 11.37
N ASN B 48 -6.09 7.23 11.90
CA ASN B 48 -7.14 8.20 11.70
C ASN B 48 -6.69 9.59 12.11
N GLY B 49 -6.79 10.54 11.19
CA GLY B 49 -6.40 11.90 11.47
C GLY B 49 -5.04 12.24 10.88
N LYS B 50 -4.68 11.58 9.78
CA LYS B 50 -3.43 11.85 9.09
C LYS B 50 -3.70 12.10 7.61
N ASN B 51 -2.66 12.47 6.88
CA ASN B 51 -2.75 12.73 5.45
C ASN B 51 -1.99 11.65 4.71
N ILE B 52 -2.72 10.62 4.33
CA ILE B 52 -2.15 9.37 3.81
C ILE B 52 -0.97 9.60 2.85
N GLU B 53 -1.22 10.21 1.69
CA GLU B 53 -0.19 10.34 0.68
C GLU B 53 1.05 11.02 1.23
N ASP B 54 0.85 12.06 2.01
CA ASP B 54 1.96 12.79 2.60
C ASP B 54 2.67 11.96 3.67
N VAL B 55 1.95 11.05 4.32
CA VAL B 55 2.58 10.08 5.21
C VAL B 55 3.55 9.22 4.41
N ILE B 56 3.06 8.68 3.31
CA ILE B 56 3.84 7.78 2.47
C ILE B 56 4.36 8.53 1.23
N ALA B 57 4.65 9.79 1.39
CA ALA B 57 5.37 10.51 0.35
C ALA B 57 6.83 10.55 0.77
N GLN B 58 7.05 10.04 1.98
CA GLN B 58 8.39 9.87 2.53
C GLN B 58 8.45 8.58 3.34
N GLY B 59 7.45 7.70 3.16
CA GLY B 59 7.32 6.53 4.02
C GLY B 59 6.76 5.31 3.31
N ILE B 60 7.28 5.02 2.13
CA ILE B 60 6.86 3.84 1.33
C ILE B 60 7.26 2.53 2.04
N GLY B 61 8.14 2.64 3.03
CA GLY B 61 8.65 1.46 3.70
C GLY B 61 8.23 1.41 5.16
N LYS B 62 8.68 2.39 5.93
CA LYS B 62 8.33 2.50 7.33
C LYS B 62 6.92 3.07 7.51
N LEU B 63 5.93 2.42 6.91
CA LEU B 63 4.53 2.77 7.11
C LEU B 63 4.18 2.91 8.59
N ALA B 64 3.32 3.90 8.88
CA ALA B 64 2.86 4.16 10.24
C ALA B 64 4.00 4.30 11.24
N SER B 65 4.91 5.23 10.93
CA SER B 65 6.00 5.64 11.84
C SER B 65 7.04 4.54 12.09
N VAL B 66 8.24 4.98 12.42
CA VAL B 66 9.35 4.08 12.70
C VAL B 66 9.32 3.66 14.17
N PRO B 67 9.55 2.35 14.44
CA PRO B 67 9.57 1.71 15.74
C PRO B 67 9.66 2.65 16.94
N ALA B 68 8.65 2.58 17.79
CA ALA B 68 8.52 3.48 18.92
C ALA B 68 9.54 3.15 20.02
N GLY B 69 10.66 3.86 20.00
CA GLY B 69 11.69 3.69 21.01
C GLY B 69 12.65 2.57 20.64
N GLY B 70 12.30 1.82 19.63
CA GLY B 70 13.10 0.69 19.21
C GLY B 70 12.31 -0.60 19.21
#